data_1Y2Q
# 
_entry.id   1Y2Q 
# 
_audit_conform.dict_name       mmcif_pdbx.dic 
_audit_conform.dict_version    5.388 
_audit_conform.dict_location   http://mmcif.pdb.org/dictionaries/ascii/mmcif_pdbx.dic 
# 
loop_
_database_2.database_id 
_database_2.database_code 
_database_2.pdbx_database_accession 
_database_2.pdbx_DOI 
PDB   1Y2Q         pdb_00001y2q 10.2210/pdb1y2q/pdb 
RCSB  RCSB031041   ?            ?                   
WWPDB D_1000031041 ?            ?                   
# 
loop_
_pdbx_audit_revision_history.ordinal 
_pdbx_audit_revision_history.data_content_type 
_pdbx_audit_revision_history.major_revision 
_pdbx_audit_revision_history.minor_revision 
_pdbx_audit_revision_history.revision_date 
1 'Structure model' 1 0 2005-06-14 
2 'Structure model' 1 1 2008-04-30 
3 'Structure model' 1 2 2011-07-13 
4 'Structure model' 1 3 2024-03-13 
# 
_pdbx_audit_revision_details.ordinal             1 
_pdbx_audit_revision_details.revision_ordinal    1 
_pdbx_audit_revision_details.data_content_type   'Structure model' 
_pdbx_audit_revision_details.provider            repository 
_pdbx_audit_revision_details.type                'Initial release' 
_pdbx_audit_revision_details.description         ? 
_pdbx_audit_revision_details.details             ? 
# 
loop_
_pdbx_audit_revision_group.ordinal 
_pdbx_audit_revision_group.revision_ordinal 
_pdbx_audit_revision_group.data_content_type 
_pdbx_audit_revision_group.group 
1 2 'Structure model' 'Version format compliance' 
2 3 'Structure model' 'Version format compliance' 
3 4 'Structure model' 'Data collection'           
4 4 'Structure model' 'Database references'       
# 
loop_
_pdbx_audit_revision_category.ordinal 
_pdbx_audit_revision_category.revision_ordinal 
_pdbx_audit_revision_category.data_content_type 
_pdbx_audit_revision_category.category 
1 4 'Structure model' chem_comp_atom 
2 4 'Structure model' chem_comp_bond 
3 4 'Structure model' database_2     
# 
loop_
_pdbx_audit_revision_item.ordinal 
_pdbx_audit_revision_item.revision_ordinal 
_pdbx_audit_revision_item.data_content_type 
_pdbx_audit_revision_item.item 
1 4 'Structure model' '_database_2.pdbx_DOI'                
2 4 'Structure model' '_database_2.pdbx_database_accession' 
# 
_pdbx_database_status.status_code                     REL 
_pdbx_database_status.entry_id                        1Y2Q 
_pdbx_database_status.recvd_initial_deposition_date   2004-11-23 
_pdbx_database_status.deposit_site                    RCSB 
_pdbx_database_status.process_site                    PDBJ 
_pdbx_database_status.status_code_sf                  REL 
_pdbx_database_status.status_code_mr                  ? 
_pdbx_database_status.SG_entry                        ? 
_pdbx_database_status.pdb_format_compatible           Y 
_pdbx_database_status.status_code_cs                  ? 
_pdbx_database_status.status_code_nmr_data            ? 
_pdbx_database_status.methods_development_category    ? 
# 
_pdbx_database_related.db_name        PDB 
_pdbx_database_related.db_id          1Y2R 
_pdbx_database_related.details        'the same protein with L-serine' 
_pdbx_database_related.content_type   unspecified 
# 
loop_
_audit_author.name 
_audit_author.pdbx_ordinal 
'Dwivedi, S.'          1 
'Kruparani, S.P.'      2 
'Sankaranarayanan, R.' 3 
# 
loop_
_citation.id 
_citation.title 
_citation.journal_abbrev 
_citation.journal_volume 
_citation.page_first 
_citation.page_last 
_citation.year 
_citation.journal_id_ASTM 
_citation.country 
_citation.journal_id_ISSN 
_citation.journal_id_CSD 
_citation.book_publisher 
_citation.pdbx_database_id_PubMed 
_citation.pdbx_database_id_DOI 
primary 'A D-amino acid editing module coupled to the translational apparatus in archaea' Nat.Struct.Mol.Biol.       12 556  557  
2005 ?      US 1545-9993 ?    ? 15908961 10.1038/nsmb943           
1       
;Cloning, expression, purification, crystallization and preliminary X-ray crystallographic investigations of a unique editing domain from archaebacteria
;
'Acta Crystallogr.,Sect.D' 60 1662 1664 2004 ABCRE6 DK 0907-4449 0766 ? 15333948 10.1107/S0907444904017329 
# 
loop_
_citation_author.citation_id 
_citation_author.name 
_citation_author.ordinal 
_citation_author.identifier_ORCID 
primary 'Dwivedi, S.'          1 ? 
primary 'Kruparani, S.P.'      2 ? 
primary 'Sankaranarayanan, R.' 3 ? 
1       'Dwivedi, S.'          4 ? 
1       'Kruparani, S.P.'      5 ? 
1       'Sankaranarayanan, R.' 6 ? 
# 
loop_
_entity.id 
_entity.type 
_entity.src_method 
_entity.pdbx_description 
_entity.formula_weight 
_entity.pdbx_number_of_molecules 
_entity.pdbx_ec 
_entity.pdbx_mutation 
_entity.pdbx_fragment 
_entity.details 
1 polymer man 'Threonyl-tRNA synthetase' 16281.795 1   6.1.1.3 ? 'EDITING DOMAIN' ? 
2 water   nat water                      18.015    176 ?       ? ?                ? 
# 
_entity_name_com.entity_id   1 
_entity_name_com.name        'Threonine--tRNA ligase, ThrRS' 
# 
_entity_poly.entity_id                      1 
_entity_poly.type                           'polypeptide(L)' 
_entity_poly.nstd_linkage                   no 
_entity_poly.nstd_monomer                   no 
_entity_poly.pdbx_seq_one_letter_code       
;MRVLLIHSDYIEYEVKDKALKNPEPISEDMKRGRMEEVLVAFISVEKVDEKNPEEVSLKAIEEISKVAEQVKAENVFVYP
FAHLSSELAKPSVAMDILNRVYQGLKERGFNVGKAPFGYYKAFKISCKGHPLAELSRTIVPEE
;
_entity_poly.pdbx_seq_one_letter_code_can   
;MRVLLIHSDYIEYEVKDKALKNPEPISEDMKRGRMEEVLVAFISVEKVDEKNPEEVSLKAIEEISKVAEQVKAENVFVYP
FAHLSSELAKPSVAMDILNRVYQGLKERGFNVGKAPFGYYKAFKISCKGHPLAELSRTIVPEE
;
_entity_poly.pdbx_strand_id                 A 
_entity_poly.pdbx_target_identifier         ? 
# 
_pdbx_entity_nonpoly.entity_id   2 
_pdbx_entity_nonpoly.name        water 
_pdbx_entity_nonpoly.comp_id     HOH 
# 
loop_
_entity_poly_seq.entity_id 
_entity_poly_seq.num 
_entity_poly_seq.mon_id 
_entity_poly_seq.hetero 
1 1   MET n 
1 2   ARG n 
1 3   VAL n 
1 4   LEU n 
1 5   LEU n 
1 6   ILE n 
1 7   HIS n 
1 8   SER n 
1 9   ASP n 
1 10  TYR n 
1 11  ILE n 
1 12  GLU n 
1 13  TYR n 
1 14  GLU n 
1 15  VAL n 
1 16  LYS n 
1 17  ASP n 
1 18  LYS n 
1 19  ALA n 
1 20  LEU n 
1 21  LYS n 
1 22  ASN n 
1 23  PRO n 
1 24  GLU n 
1 25  PRO n 
1 26  ILE n 
1 27  SER n 
1 28  GLU n 
1 29  ASP n 
1 30  MET n 
1 31  LYS n 
1 32  ARG n 
1 33  GLY n 
1 34  ARG n 
1 35  MET n 
1 36  GLU n 
1 37  GLU n 
1 38  VAL n 
1 39  LEU n 
1 40  VAL n 
1 41  ALA n 
1 42  PHE n 
1 43  ILE n 
1 44  SER n 
1 45  VAL n 
1 46  GLU n 
1 47  LYS n 
1 48  VAL n 
1 49  ASP n 
1 50  GLU n 
1 51  LYS n 
1 52  ASN n 
1 53  PRO n 
1 54  GLU n 
1 55  GLU n 
1 56  VAL n 
1 57  SER n 
1 58  LEU n 
1 59  LYS n 
1 60  ALA n 
1 61  ILE n 
1 62  GLU n 
1 63  GLU n 
1 64  ILE n 
1 65  SER n 
1 66  LYS n 
1 67  VAL n 
1 68  ALA n 
1 69  GLU n 
1 70  GLN n 
1 71  VAL n 
1 72  LYS n 
1 73  ALA n 
1 74  GLU n 
1 75  ASN n 
1 76  VAL n 
1 77  PHE n 
1 78  VAL n 
1 79  TYR n 
1 80  PRO n 
1 81  PHE n 
1 82  ALA n 
1 83  HIS n 
1 84  LEU n 
1 85  SER n 
1 86  SER n 
1 87  GLU n 
1 88  LEU n 
1 89  ALA n 
1 90  LYS n 
1 91  PRO n 
1 92  SER n 
1 93  VAL n 
1 94  ALA n 
1 95  MET n 
1 96  ASP n 
1 97  ILE n 
1 98  LEU n 
1 99  ASN n 
1 100 ARG n 
1 101 VAL n 
1 102 TYR n 
1 103 GLN n 
1 104 GLY n 
1 105 LEU n 
1 106 LYS n 
1 107 GLU n 
1 108 ARG n 
1 109 GLY n 
1 110 PHE n 
1 111 ASN n 
1 112 VAL n 
1 113 GLY n 
1 114 LYS n 
1 115 ALA n 
1 116 PRO n 
1 117 PHE n 
1 118 GLY n 
1 119 TYR n 
1 120 TYR n 
1 121 LYS n 
1 122 ALA n 
1 123 PHE n 
1 124 LYS n 
1 125 ILE n 
1 126 SER n 
1 127 CYS n 
1 128 LYS n 
1 129 GLY n 
1 130 HIS n 
1 131 PRO n 
1 132 LEU n 
1 133 ALA n 
1 134 GLU n 
1 135 LEU n 
1 136 SER n 
1 137 ARG n 
1 138 THR n 
1 139 ILE n 
1 140 VAL n 
1 141 PRO n 
1 142 GLU n 
1 143 GLU n 
# 
_entity_src_gen.entity_id                          1 
_entity_src_gen.pdbx_src_id                        1 
_entity_src_gen.pdbx_alt_source_flag               sample 
_entity_src_gen.pdbx_seq_type                      ? 
_entity_src_gen.pdbx_beg_seq_num                   ? 
_entity_src_gen.pdbx_end_seq_num                   ? 
_entity_src_gen.gene_src_common_name               ? 
_entity_src_gen.gene_src_genus                     Pyrococcus 
_entity_src_gen.pdbx_gene_src_gene                 thrS 
_entity_src_gen.gene_src_species                   ? 
_entity_src_gen.gene_src_strain                    ? 
_entity_src_gen.gene_src_tissue                    ? 
_entity_src_gen.gene_src_tissue_fraction           ? 
_entity_src_gen.gene_src_details                   ? 
_entity_src_gen.pdbx_gene_src_fragment             ? 
_entity_src_gen.pdbx_gene_src_scientific_name      'Pyrococcus abyssi' 
_entity_src_gen.pdbx_gene_src_ncbi_taxonomy_id     29292 
_entity_src_gen.pdbx_gene_src_variant              ? 
_entity_src_gen.pdbx_gene_src_cell_line            ? 
_entity_src_gen.pdbx_gene_src_atcc                 ? 
_entity_src_gen.pdbx_gene_src_organ                ? 
_entity_src_gen.pdbx_gene_src_organelle            ? 
_entity_src_gen.pdbx_gene_src_cell                 ? 
_entity_src_gen.pdbx_gene_src_cellular_location    ? 
_entity_src_gen.host_org_common_name               ? 
_entity_src_gen.pdbx_host_org_scientific_name      'Escherichia coli BL21(DE3)' 
_entity_src_gen.pdbx_host_org_ncbi_taxonomy_id     469008 
_entity_src_gen.host_org_genus                     Escherichia 
_entity_src_gen.pdbx_host_org_gene                 ? 
_entity_src_gen.pdbx_host_org_organ                ? 
_entity_src_gen.host_org_species                   'Escherichia coli' 
_entity_src_gen.pdbx_host_org_tissue               ? 
_entity_src_gen.pdbx_host_org_tissue_fraction      ? 
_entity_src_gen.pdbx_host_org_strain               'BL21(DE3)' 
_entity_src_gen.pdbx_host_org_variant              ? 
_entity_src_gen.pdbx_host_org_cell_line            ? 
_entity_src_gen.pdbx_host_org_atcc                 ? 
_entity_src_gen.pdbx_host_org_culture_collection   ? 
_entity_src_gen.pdbx_host_org_cell                 ? 
_entity_src_gen.pdbx_host_org_organelle            ? 
_entity_src_gen.pdbx_host_org_cellular_location    ? 
_entity_src_gen.pdbx_host_org_vector_type          PLASMID 
_entity_src_gen.pdbx_host_org_vector               ? 
_entity_src_gen.host_org_details                   ? 
_entity_src_gen.expression_system_id               ? 
_entity_src_gen.plasmid_name                       pET21B 
_entity_src_gen.plasmid_details                    ? 
_entity_src_gen.pdbx_description                   ? 
# 
loop_
_chem_comp.id 
_chem_comp.type 
_chem_comp.mon_nstd_flag 
_chem_comp.name 
_chem_comp.pdbx_synonyms 
_chem_comp.formula 
_chem_comp.formula_weight 
ALA 'L-peptide linking' y ALANINE         ? 'C3 H7 N O2'     89.093  
ARG 'L-peptide linking' y ARGININE        ? 'C6 H15 N4 O2 1' 175.209 
ASN 'L-peptide linking' y ASPARAGINE      ? 'C4 H8 N2 O3'    132.118 
ASP 'L-peptide linking' y 'ASPARTIC ACID' ? 'C4 H7 N O4'     133.103 
CYS 'L-peptide linking' y CYSTEINE        ? 'C3 H7 N O2 S'   121.158 
GLN 'L-peptide linking' y GLUTAMINE       ? 'C5 H10 N2 O3'   146.144 
GLU 'L-peptide linking' y 'GLUTAMIC ACID' ? 'C5 H9 N O4'     147.129 
GLY 'peptide linking'   y GLYCINE         ? 'C2 H5 N O2'     75.067  
HIS 'L-peptide linking' y HISTIDINE       ? 'C6 H10 N3 O2 1' 156.162 
HOH non-polymer         . WATER           ? 'H2 O'           18.015  
ILE 'L-peptide linking' y ISOLEUCINE      ? 'C6 H13 N O2'    131.173 
LEU 'L-peptide linking' y LEUCINE         ? 'C6 H13 N O2'    131.173 
LYS 'L-peptide linking' y LYSINE          ? 'C6 H15 N2 O2 1' 147.195 
MET 'L-peptide linking' y METHIONINE      ? 'C5 H11 N O2 S'  149.211 
PHE 'L-peptide linking' y PHENYLALANINE   ? 'C9 H11 N O2'    165.189 
PRO 'L-peptide linking' y PROLINE         ? 'C5 H9 N O2'     115.130 
SER 'L-peptide linking' y SERINE          ? 'C3 H7 N O3'     105.093 
THR 'L-peptide linking' y THREONINE       ? 'C4 H9 N O3'     119.119 
TYR 'L-peptide linking' y TYROSINE        ? 'C9 H11 N O3'    181.189 
VAL 'L-peptide linking' y VALINE          ? 'C5 H11 N O2'    117.146 
# 
loop_
_pdbx_poly_seq_scheme.asym_id 
_pdbx_poly_seq_scheme.entity_id 
_pdbx_poly_seq_scheme.seq_id 
_pdbx_poly_seq_scheme.mon_id 
_pdbx_poly_seq_scheme.ndb_seq_num 
_pdbx_poly_seq_scheme.pdb_seq_num 
_pdbx_poly_seq_scheme.auth_seq_num 
_pdbx_poly_seq_scheme.pdb_mon_id 
_pdbx_poly_seq_scheme.auth_mon_id 
_pdbx_poly_seq_scheme.pdb_strand_id 
_pdbx_poly_seq_scheme.pdb_ins_code 
_pdbx_poly_seq_scheme.hetero 
A 1 1   MET 1   1   1   MET MET A . n 
A 1 2   ARG 2   2   2   ARG ARG A . n 
A 1 3   VAL 3   3   3   VAL VAL A . n 
A 1 4   LEU 4   4   4   LEU LEU A . n 
A 1 5   LEU 5   5   5   LEU LEU A . n 
A 1 6   ILE 6   6   6   ILE ILE A . n 
A 1 7   HIS 7   7   7   HIS HIS A . n 
A 1 8   SER 8   8   8   SER SER A . n 
A 1 9   ASP 9   9   9   ASP ASP A . n 
A 1 10  TYR 10  10  10  TYR TYR A . n 
A 1 11  ILE 11  11  11  ILE ILE A . n 
A 1 12  GLU 12  12  12  GLU GLU A . n 
A 1 13  TYR 13  13  13  TYR TYR A . n 
A 1 14  GLU 14  14  14  GLU GLU A . n 
A 1 15  VAL 15  15  15  VAL VAL A . n 
A 1 16  LYS 16  16  16  LYS LYS A . n 
A 1 17  ASP 17  17  17  ASP ASP A . n 
A 1 18  LYS 18  18  18  LYS ALA A . n 
A 1 19  ALA 19  19  19  ALA ALA A . n 
A 1 20  LEU 20  20  20  LEU LEU A . n 
A 1 21  LYS 21  21  21  LYS LYS A . n 
A 1 22  ASN 22  22  22  ASN ASN A . n 
A 1 23  PRO 23  23  23  PRO PRO A . n 
A 1 24  GLU 24  24  24  GLU GLU A . n 
A 1 25  PRO 25  25  25  PRO PRO A . n 
A 1 26  ILE 26  26  26  ILE ILE A . n 
A 1 27  SER 27  27  27  SER SER A . n 
A 1 28  GLU 28  28  28  GLU GLU A . n 
A 1 29  ASP 29  29  29  ASP ASP A . n 
A 1 30  MET 30  30  30  MET MET A . n 
A 1 31  LYS 31  31  31  LYS LYS A . n 
A 1 32  ARG 32  32  32  ARG ARG A . n 
A 1 33  GLY 33  33  33  GLY GLY A . n 
A 1 34  ARG 34  34  34  ARG ARG A . n 
A 1 35  MET 35  35  35  MET MET A . n 
A 1 36  GLU 36  36  36  GLU GLU A . n 
A 1 37  GLU 37  37  37  GLU GLU A . n 
A 1 38  VAL 38  38  38  VAL VAL A . n 
A 1 39  LEU 39  39  39  LEU LEU A . n 
A 1 40  VAL 40  40  40  VAL VAL A . n 
A 1 41  ALA 41  41  41  ALA ALA A . n 
A 1 42  PHE 42  42  42  PHE PHE A . n 
A 1 43  ILE 43  43  43  ILE ILE A . n 
A 1 44  SER 44  44  44  SER SER A . n 
A 1 45  VAL 45  45  45  VAL VAL A . n 
A 1 46  GLU 46  46  46  GLU GLU A . n 
A 1 47  LYS 47  47  47  LYS LYS A . n 
A 1 48  VAL 48  48  48  VAL VAL A . n 
A 1 49  ASP 49  49  49  ASP ASP A . n 
A 1 50  GLU 50  50  50  GLU GLU A . n 
A 1 51  LYS 51  51  51  LYS LYS A . n 
A 1 52  ASN 52  52  52  ASN ASN A . n 
A 1 53  PRO 53  53  53  PRO PRO A . n 
A 1 54  GLU 54  54  54  GLU GLU A . n 
A 1 55  GLU 55  55  55  GLU GLU A . n 
A 1 56  VAL 56  56  56  VAL VAL A . n 
A 1 57  SER 57  57  57  SER SER A . n 
A 1 58  LEU 58  58  58  LEU LEU A . n 
A 1 59  LYS 59  59  59  LYS LYS A . n 
A 1 60  ALA 60  60  60  ALA ALA A . n 
A 1 61  ILE 61  61  61  ILE ILE A . n 
A 1 62  GLU 62  62  62  GLU GLU A . n 
A 1 63  GLU 63  63  63  GLU GLU A . n 
A 1 64  ILE 64  64  64  ILE ILE A . n 
A 1 65  SER 65  65  65  SER SER A . n 
A 1 66  LYS 66  66  66  LYS LYS A . n 
A 1 67  VAL 67  67  67  VAL VAL A . n 
A 1 68  ALA 68  68  68  ALA ALA A . n 
A 1 69  GLU 69  69  69  GLU GLU A . n 
A 1 70  GLN 70  70  70  GLN GLN A . n 
A 1 71  VAL 71  71  71  VAL VAL A . n 
A 1 72  LYS 72  72  72  LYS LYS A . n 
A 1 73  ALA 73  73  73  ALA ALA A . n 
A 1 74  GLU 74  74  74  GLU GLU A . n 
A 1 75  ASN 75  75  75  ASN ASN A . n 
A 1 76  VAL 76  76  76  VAL VAL A . n 
A 1 77  PHE 77  77  77  PHE PHE A . n 
A 1 78  VAL 78  78  78  VAL VAL A . n 
A 1 79  TYR 79  79  79  TYR TYR A . n 
A 1 80  PRO 80  80  80  PRO PRO A . n 
A 1 81  PHE 81  81  81  PHE PHE A . n 
A 1 82  ALA 82  82  82  ALA ALA A . n 
A 1 83  HIS 83  83  83  HIS HIS A . n 
A 1 84  LEU 84  84  84  LEU LEU A . n 
A 1 85  SER 85  85  85  SER SER A . n 
A 1 86  SER 86  86  86  SER SER A . n 
A 1 87  GLU 87  87  87  GLU GLU A . n 
A 1 88  LEU 88  88  88  LEU LEU A . n 
A 1 89  ALA 89  89  89  ALA ALA A . n 
A 1 90  LYS 90  90  90  LYS LYS A . n 
A 1 91  PRO 91  91  91  PRO PRO A . n 
A 1 92  SER 92  92  92  SER SER A . n 
A 1 93  VAL 93  93  93  VAL VAL A . n 
A 1 94  ALA 94  94  94  ALA ALA A . n 
A 1 95  MET 95  95  95  MET MET A . n 
A 1 96  ASP 96  96  96  ASP ASP A . n 
A 1 97  ILE 97  97  97  ILE ILE A . n 
A 1 98  LEU 98  98  98  LEU LEU A . n 
A 1 99  ASN 99  99  99  ASN ASN A . n 
A 1 100 ARG 100 100 100 ARG ARG A . n 
A 1 101 VAL 101 101 101 VAL VAL A . n 
A 1 102 TYR 102 102 102 TYR TYR A . n 
A 1 103 GLN 103 103 103 GLN GLN A . n 
A 1 104 GLY 104 104 104 GLY GLY A . n 
A 1 105 LEU 105 105 105 LEU LEU A . n 
A 1 106 LYS 106 106 106 LYS LYS A . n 
A 1 107 GLU 107 107 107 GLU GLU A . n 
A 1 108 ARG 108 108 108 ARG ARG A . n 
A 1 109 GLY 109 109 109 GLY GLY A . n 
A 1 110 PHE 110 110 110 PHE PHE A . n 
A 1 111 ASN 111 111 111 ASN ASN A . n 
A 1 112 VAL 112 112 112 VAL VAL A . n 
A 1 113 GLY 113 113 113 GLY GLY A . n 
A 1 114 LYS 114 114 114 LYS LYS A . n 
A 1 115 ALA 115 115 115 ALA ALA A . n 
A 1 116 PRO 116 116 116 PRO PRO A . n 
A 1 117 PHE 117 117 117 PHE PHE A . n 
A 1 118 GLY 118 118 118 GLY GLY A . n 
A 1 119 TYR 119 119 119 TYR TYR A . n 
A 1 120 TYR 120 120 120 TYR TYR A . n 
A 1 121 LYS 121 121 121 LYS LYS A . n 
A 1 122 ALA 122 122 122 ALA ALA A . n 
A 1 123 PHE 123 123 123 PHE PHE A . n 
A 1 124 LYS 124 124 124 LYS LYS A . n 
A 1 125 ILE 125 125 125 ILE ILE A . n 
A 1 126 SER 126 126 126 SER SER A . n 
A 1 127 CYS 127 127 127 CYS CYS A . n 
A 1 128 LYS 128 128 128 LYS LYS A . n 
A 1 129 GLY 129 129 129 GLY GLY A . n 
A 1 130 HIS 130 130 130 HIS HIS A . n 
A 1 131 PRO 131 131 131 PRO PRO A . n 
A 1 132 LEU 132 132 132 LEU LEU A . n 
A 1 133 ALA 133 133 133 ALA ALA A . n 
A 1 134 GLU 134 134 134 GLU GLU A . n 
A 1 135 LEU 135 135 135 LEU LEU A . n 
A 1 136 SER 136 136 136 SER SER A . n 
A 1 137 ARG 137 137 137 ARG ARG A . n 
A 1 138 THR 138 138 138 THR THR A . n 
A 1 139 ILE 139 139 139 ILE ILE A . n 
A 1 140 VAL 140 140 140 VAL VAL A . n 
A 1 141 PRO 141 141 141 PRO PRO A . n 
A 1 142 GLU 142 142 142 GLU GLU A . n 
A 1 143 GLU 143 143 143 GLU GLU A . n 
# 
loop_
_pdbx_nonpoly_scheme.asym_id 
_pdbx_nonpoly_scheme.entity_id 
_pdbx_nonpoly_scheme.mon_id 
_pdbx_nonpoly_scheme.ndb_seq_num 
_pdbx_nonpoly_scheme.pdb_seq_num 
_pdbx_nonpoly_scheme.auth_seq_num 
_pdbx_nonpoly_scheme.pdb_mon_id 
_pdbx_nonpoly_scheme.auth_mon_id 
_pdbx_nonpoly_scheme.pdb_strand_id 
_pdbx_nonpoly_scheme.pdb_ins_code 
B 2 HOH 1   144 1   HOH HOH A . 
B 2 HOH 2   145 2   HOH HOH A . 
B 2 HOH 3   146 3   HOH HOH A . 
B 2 HOH 4   147 4   HOH HOH A . 
B 2 HOH 5   148 5   HOH HOH A . 
B 2 HOH 6   149 6   HOH HOH A . 
B 2 HOH 7   150 7   HOH HOH A . 
B 2 HOH 8   151 8   HOH HOH A . 
B 2 HOH 9   152 9   HOH HOH A . 
B 2 HOH 10  153 10  HOH HOH A . 
B 2 HOH 11  154 11  HOH HOH A . 
B 2 HOH 12  155 12  HOH HOH A . 
B 2 HOH 13  156 13  HOH HOH A . 
B 2 HOH 14  157 14  HOH HOH A . 
B 2 HOH 15  158 15  HOH HOH A . 
B 2 HOH 16  159 16  HOH HOH A . 
B 2 HOH 17  160 17  HOH HOH A . 
B 2 HOH 18  161 18  HOH HOH A . 
B 2 HOH 19  162 19  HOH HOH A . 
B 2 HOH 20  163 20  HOH HOH A . 
B 2 HOH 21  164 21  HOH HOH A . 
B 2 HOH 22  165 22  HOH HOH A . 
B 2 HOH 23  166 23  HOH HOH A . 
B 2 HOH 24  167 24  HOH HOH A . 
B 2 HOH 25  168 25  HOH HOH A . 
B 2 HOH 26  169 26  HOH HOH A . 
B 2 HOH 27  170 27  HOH HOH A . 
B 2 HOH 28  171 28  HOH HOH A . 
B 2 HOH 29  172 29  HOH HOH A . 
B 2 HOH 30  173 30  HOH HOH A . 
B 2 HOH 31  174 31  HOH HOH A . 
B 2 HOH 32  175 32  HOH HOH A . 
B 2 HOH 33  176 33  HOH HOH A . 
B 2 HOH 34  177 34  HOH HOH A . 
B 2 HOH 35  178 35  HOH HOH A . 
B 2 HOH 36  179 36  HOH HOH A . 
B 2 HOH 37  180 37  HOH HOH A . 
B 2 HOH 38  181 38  HOH HOH A . 
B 2 HOH 39  182 39  HOH HOH A . 
B 2 HOH 40  183 40  HOH HOH A . 
B 2 HOH 41  184 41  HOH HOH A . 
B 2 HOH 42  185 42  HOH HOH A . 
B 2 HOH 43  186 43  HOH HOH A . 
B 2 HOH 44  187 44  HOH HOH A . 
B 2 HOH 45  188 45  HOH HOH A . 
B 2 HOH 46  189 46  HOH HOH A . 
B 2 HOH 47  190 47  HOH HOH A . 
B 2 HOH 48  191 48  HOH HOH A . 
B 2 HOH 49  192 49  HOH HOH A . 
B 2 HOH 50  193 50  HOH HOH A . 
B 2 HOH 51  194 51  HOH HOH A . 
B 2 HOH 52  195 52  HOH HOH A . 
B 2 HOH 53  196 53  HOH HOH A . 
B 2 HOH 54  197 54  HOH HOH A . 
B 2 HOH 55  198 55  HOH HOH A . 
B 2 HOH 56  199 56  HOH HOH A . 
B 2 HOH 57  200 57  HOH HOH A . 
B 2 HOH 58  201 58  HOH HOH A . 
B 2 HOH 59  202 59  HOH HOH A . 
B 2 HOH 60  203 60  HOH HOH A . 
B 2 HOH 61  204 61  HOH HOH A . 
B 2 HOH 62  205 62  HOH HOH A . 
B 2 HOH 63  206 63  HOH HOH A . 
B 2 HOH 64  207 64  HOH HOH A . 
B 2 HOH 65  208 65  HOH HOH A . 
B 2 HOH 66  209 66  HOH HOH A . 
B 2 HOH 67  210 67  HOH HOH A . 
B 2 HOH 68  211 68  HOH HOH A . 
B 2 HOH 69  212 69  HOH HOH A . 
B 2 HOH 70  213 70  HOH HOH A . 
B 2 HOH 71  214 71  HOH HOH A . 
B 2 HOH 72  215 72  HOH HOH A . 
B 2 HOH 73  216 73  HOH HOH A . 
B 2 HOH 74  217 74  HOH HOH A . 
B 2 HOH 75  218 75  HOH HOH A . 
B 2 HOH 76  219 76  HOH HOH A . 
B 2 HOH 77  220 77  HOH HOH A . 
B 2 HOH 78  221 78  HOH HOH A . 
B 2 HOH 79  222 79  HOH HOH A . 
B 2 HOH 80  223 80  HOH HOH A . 
B 2 HOH 81  224 81  HOH HOH A . 
B 2 HOH 82  225 82  HOH HOH A . 
B 2 HOH 83  226 83  HOH HOH A . 
B 2 HOH 84  227 84  HOH HOH A . 
B 2 HOH 85  228 85  HOH HOH A . 
B 2 HOH 86  229 86  HOH HOH A . 
B 2 HOH 87  230 87  HOH HOH A . 
B 2 HOH 88  231 88  HOH HOH A . 
B 2 HOH 89  232 89  HOH HOH A . 
B 2 HOH 90  233 90  HOH HOH A . 
B 2 HOH 91  234 91  HOH HOH A . 
B 2 HOH 92  235 92  HOH HOH A . 
B 2 HOH 93  236 93  HOH HOH A . 
B 2 HOH 94  237 94  HOH HOH A . 
B 2 HOH 95  238 95  HOH HOH A . 
B 2 HOH 96  239 96  HOH HOH A . 
B 2 HOH 97  240 97  HOH HOH A . 
B 2 HOH 98  241 98  HOH HOH A . 
B 2 HOH 99  242 99  HOH HOH A . 
B 2 HOH 100 243 100 HOH HOH A . 
B 2 HOH 101 244 101 HOH HOH A . 
B 2 HOH 102 245 102 HOH HOH A . 
B 2 HOH 103 246 103 HOH HOH A . 
B 2 HOH 104 247 104 HOH HOH A . 
B 2 HOH 105 248 105 HOH HOH A . 
B 2 HOH 106 249 106 HOH HOH A . 
B 2 HOH 107 250 107 HOH HOH A . 
B 2 HOH 108 251 108 HOH HOH A . 
B 2 HOH 109 252 109 HOH HOH A . 
B 2 HOH 110 253 110 HOH HOH A . 
B 2 HOH 111 254 111 HOH HOH A . 
B 2 HOH 112 255 112 HOH HOH A . 
B 2 HOH 113 256 113 HOH HOH A . 
B 2 HOH 114 257 114 HOH HOH A . 
B 2 HOH 115 258 115 HOH HOH A . 
B 2 HOH 116 259 116 HOH HOH A . 
B 2 HOH 117 260 117 HOH HOH A . 
B 2 HOH 118 261 118 HOH HOH A . 
B 2 HOH 119 262 119 HOH HOH A . 
B 2 HOH 120 263 120 HOH HOH A . 
B 2 HOH 121 264 121 HOH HOH A . 
B 2 HOH 122 265 122 HOH HOH A . 
B 2 HOH 123 266 123 HOH HOH A . 
B 2 HOH 124 267 124 HOH HOH A . 
B 2 HOH 125 268 125 HOH HOH A . 
B 2 HOH 126 269 126 HOH HOH A . 
B 2 HOH 127 270 127 HOH HOH A . 
B 2 HOH 128 271 128 HOH HOH A . 
B 2 HOH 129 272 129 HOH HOH A . 
B 2 HOH 130 273 130 HOH HOH A . 
B 2 HOH 131 274 131 HOH HOH A . 
B 2 HOH 132 275 132 HOH HOH A . 
B 2 HOH 133 276 133 HOH HOH A . 
B 2 HOH 134 277 134 HOH HOH A . 
B 2 HOH 135 278 135 HOH HOH A . 
B 2 HOH 136 279 136 HOH HOH A . 
B 2 HOH 137 280 137 HOH HOH A . 
B 2 HOH 138 281 138 HOH HOH A . 
B 2 HOH 139 282 139 HOH HOH A . 
B 2 HOH 140 283 140 HOH HOH A . 
B 2 HOH 141 284 141 HOH HOH A . 
B 2 HOH 142 285 142 HOH HOH A . 
B 2 HOH 143 286 143 HOH HOH A . 
B 2 HOH 144 287 144 HOH HOH A . 
B 2 HOH 145 288 145 HOH HOH A . 
B 2 HOH 146 289 146 HOH HOH A . 
B 2 HOH 147 290 147 HOH HOH A . 
B 2 HOH 148 291 148 HOH HOH A . 
B 2 HOH 149 292 149 HOH HOH A . 
B 2 HOH 150 293 150 HOH HOH A . 
B 2 HOH 151 294 151 HOH HOH A . 
B 2 HOH 152 295 152 HOH HOH A . 
B 2 HOH 153 296 153 HOH HOH A . 
B 2 HOH 154 297 154 HOH HOH A . 
B 2 HOH 155 298 155 HOH HOH A . 
B 2 HOH 156 299 156 HOH HOH A . 
B 2 HOH 157 300 157 HOH HOH A . 
B 2 HOH 158 301 158 HOH HOH A . 
B 2 HOH 159 302 159 HOH HOH A . 
B 2 HOH 160 303 160 HOH HOH A . 
B 2 HOH 161 304 161 HOH HOH A . 
B 2 HOH 162 305 162 HOH HOH A . 
B 2 HOH 163 306 163 HOH HOH A . 
B 2 HOH 164 307 164 HOH HOH A . 
B 2 HOH 165 308 165 HOH HOH A . 
B 2 HOH 166 309 166 HOH HOH A . 
B 2 HOH 167 310 167 HOH HOH A . 
B 2 HOH 168 311 168 HOH HOH A . 
B 2 HOH 169 312 169 HOH HOH A . 
B 2 HOH 170 313 170 HOH HOH A . 
B 2 HOH 171 314 171 HOH HOH A . 
B 2 HOH 172 315 172 HOH HOH A . 
B 2 HOH 173 316 173 HOH HOH A . 
B 2 HOH 174 317 174 HOH HOH A . 
B 2 HOH 175 318 175 HOH HOH A . 
B 2 HOH 176 319 176 HOH HOH A . 
# 
loop_
_pdbx_unobs_or_zero_occ_atoms.id 
_pdbx_unobs_or_zero_occ_atoms.PDB_model_num 
_pdbx_unobs_or_zero_occ_atoms.polymer_flag 
_pdbx_unobs_or_zero_occ_atoms.occupancy_flag 
_pdbx_unobs_or_zero_occ_atoms.auth_asym_id 
_pdbx_unobs_or_zero_occ_atoms.auth_comp_id 
_pdbx_unobs_or_zero_occ_atoms.auth_seq_id 
_pdbx_unobs_or_zero_occ_atoms.PDB_ins_code 
_pdbx_unobs_or_zero_occ_atoms.auth_atom_id 
_pdbx_unobs_or_zero_occ_atoms.label_alt_id 
_pdbx_unobs_or_zero_occ_atoms.label_asym_id 
_pdbx_unobs_or_zero_occ_atoms.label_comp_id 
_pdbx_unobs_or_zero_occ_atoms.label_seq_id 
_pdbx_unobs_or_zero_occ_atoms.label_atom_id 
1 1 Y 1 A LYS 18 ? CG ? A LYS 18 CG 
2 1 Y 1 A LYS 18 ? CD ? A LYS 18 CD 
3 1 Y 1 A LYS 18 ? CE ? A LYS 18 CE 
4 1 Y 1 A LYS 18 ? NZ ? A LYS 18 NZ 
# 
loop_
_software.name 
_software.classification 
_software.version 
_software.citation_id 
_software.pdbx_ordinal 
REFMAC    refinement       5.2.0005 ? 1 
DENZO     'data reduction' .        ? 2 
SCALEPACK 'data scaling'   .        ? 3 
SOLVE     phasing          .        ? 4 
# 
_cell.entry_id           1Y2Q 
_cell.length_a           61.752 
_cell.length_b           61.752 
_cell.length_c           64.894 
_cell.angle_alpha        90.00 
_cell.angle_beta         90.00 
_cell.angle_gamma        120.00 
_cell.Z_PDB              6 
_cell.pdbx_unique_axis   ? 
# 
_symmetry.entry_id                         1Y2Q 
_symmetry.space_group_name_H-M             'P 32 2 1' 
_symmetry.pdbx_full_space_group_name_H-M   ? 
_symmetry.cell_setting                     ? 
_symmetry.Int_Tables_number                154 
_symmetry.space_group_name_Hall            ? 
# 
_exptl.entry_id          1Y2Q 
_exptl.method            'X-RAY DIFFRACTION' 
_exptl.crystals_number   1 
# 
_exptl_crystal.id                    1 
_exptl_crystal.density_meas          ? 
_exptl_crystal.density_Matthews      1.70 
_exptl_crystal.density_percent_sol   27.7 
_exptl_crystal.description           ? 
_exptl_crystal.F_000                 ? 
_exptl_crystal.preparation           ? 
# 
_exptl_crystal_grow.crystal_id      1 
_exptl_crystal_grow.method          'VAPOR DIFFUSION, HANGING DROP' 
_exptl_crystal_grow.temp            277.0 
_exptl_crystal_grow.temp_details    ? 
_exptl_crystal_grow.pH              7.0 
_exptl_crystal_grow.pdbx_details    'PEG 8000, Hepes, pH 7.0, VAPOR DIFFUSION, HANGING DROP, temperature 277.0K' 
_exptl_crystal_grow.pdbx_pH_range   . 
# 
_diffrn.id                     1 
_diffrn.ambient_temp           100.0 
_diffrn.ambient_temp_details   ? 
_diffrn.crystal_id             1 
# 
_diffrn_detector.diffrn_id              1 
_diffrn_detector.detector               'IMAGE PLATE' 
_diffrn_detector.type                   MARRESEARCH 
_diffrn_detector.pdbx_collection_date   2004-06-06 
_diffrn_detector.details                'Osmic mirrors' 
# 
_diffrn_radiation.diffrn_id                        1 
_diffrn_radiation.wavelength_id                    1 
_diffrn_radiation.pdbx_monochromatic_or_laue_m_l   M 
_diffrn_radiation.monochromator                    ? 
_diffrn_radiation.pdbx_diffrn_protocol             'SINGLE WAVELENGTH' 
_diffrn_radiation.pdbx_scattering_type             x-ray 
# 
_diffrn_radiation_wavelength.id           1 
_diffrn_radiation_wavelength.wavelength   1.5418 
_diffrn_radiation_wavelength.wt           1.0 
# 
_diffrn_source.diffrn_id                   1 
_diffrn_source.source                      'ROTATING ANODE' 
_diffrn_source.type                        'RIGAKU RU300' 
_diffrn_source.pdbx_synchrotron_site       ? 
_diffrn_source.pdbx_synchrotron_beamline   ? 
_diffrn_source.pdbx_wavelength             ? 
_diffrn_source.pdbx_wavelength_list        1.5418 
# 
_reflns.entry_id                     1Y2Q 
_reflns.observed_criterion_sigma_F   0.0 
_reflns.observed_criterion_sigma_I   0.0 
_reflns.d_resolution_high            1.95 
_reflns.d_resolution_low             25.0 
_reflns.number_all                   10459 
_reflns.number_obs                   10459 
_reflns.percent_possible_obs         96.7 
_reflns.pdbx_Rmerge_I_obs            0.041 
_reflns.pdbx_Rsym_value              ? 
_reflns.pdbx_netI_over_sigmaI        25.3 
_reflns.B_iso_Wilson_estimate        ? 
_reflns.pdbx_redundancy              3.3 
_reflns.R_free_details               ? 
_reflns.limit_h_max                  ? 
_reflns.limit_h_min                  ? 
_reflns.limit_k_max                  ? 
_reflns.limit_k_min                  ? 
_reflns.limit_l_max                  ? 
_reflns.limit_l_min                  ? 
_reflns.observed_criterion_F_max     ? 
_reflns.observed_criterion_F_min     ? 
_reflns.pdbx_chi_squared             ? 
_reflns.pdbx_scaling_rejects         ? 
_reflns.pdbx_diffrn_id               1 
_reflns.pdbx_ordinal                 1 
# 
_reflns_shell.d_res_high             1.95 
_reflns_shell.d_res_low              2.02 
_reflns_shell.percent_possible_all   87.2 
_reflns_shell.Rmerge_I_obs           0.314 
_reflns_shell.pdbx_Rsym_value        ? 
_reflns_shell.meanI_over_sigI_obs    2.25 
_reflns_shell.pdbx_redundancy        2.7 
_reflns_shell.percent_possible_obs   ? 
_reflns_shell.number_unique_all      928 
_reflns_shell.number_measured_all    ? 
_reflns_shell.number_measured_obs    ? 
_reflns_shell.number_unique_obs      ? 
_reflns_shell.pdbx_chi_squared       ? 
_reflns_shell.pdbx_diffrn_id         ? 
_reflns_shell.pdbx_ordinal           1 
# 
_refine.entry_id                                 1Y2Q 
_refine.ls_number_reflns_obs                     9957 
_refine.ls_number_reflns_all                     9957 
_refine.pdbx_ls_sigma_I                          0.00 
_refine.pdbx_ls_sigma_F                          0.00 
_refine.pdbx_data_cutoff_high_absF               ? 
_refine.pdbx_data_cutoff_low_absF                ? 
_refine.pdbx_data_cutoff_high_rms_absF           ? 
_refine.ls_d_res_low                             25.00 
_refine.ls_d_res_high                            1.95 
_refine.ls_percent_reflns_obs                    96.91 
_refine.ls_R_factor_obs                          0.20865 
_refine.ls_R_factor_all                          ? 
_refine.ls_R_factor_R_work                       0.20546 
_refine.ls_R_factor_R_free                       0.27224 
_refine.ls_R_factor_R_free_error                 ? 
_refine.ls_R_factor_R_free_error_details         ? 
_refine.ls_percent_reflns_R_free                 4.8 
_refine.ls_number_reflns_R_free                  500 
_refine.ls_number_parameters                     ? 
_refine.ls_number_restraints                     ? 
_refine.occupancy_min                            ? 
_refine.occupancy_max                            ? 
_refine.correlation_coeff_Fo_to_Fc               0.955 
_refine.correlation_coeff_Fo_to_Fc_free          0.934 
_refine.B_iso_mean                               33.317 
_refine.aniso_B[1][1]                            -0.91 
_refine.aniso_B[2][2]                            -0.91 
_refine.aniso_B[3][3]                            1.36 
_refine.aniso_B[1][2]                            -0.45 
_refine.aniso_B[1][3]                            0.00 
_refine.aniso_B[2][3]                            0.00 
_refine.solvent_model_details                    MASK 
_refine.solvent_model_param_ksol                 ? 
_refine.solvent_model_param_bsol                 ? 
_refine.pdbx_solvent_vdw_probe_radii             1.20 
_refine.pdbx_solvent_ion_probe_radii             0.80 
_refine.pdbx_solvent_shrinkage_radii             0.80 
_refine.pdbx_ls_cross_valid_method               THROUGHOUT 
_refine.details                                  ? 
_refine.pdbx_starting_model                      ? 
_refine.pdbx_method_to_determine_struct          MIR 
_refine.pdbx_isotropic_thermal_model             ? 
_refine.pdbx_stereochemistry_target_values       'Engh & Huber' 
_refine.pdbx_stereochem_target_val_spec_case     ? 
_refine.pdbx_R_Free_selection_details            RANDOM 
_refine.pdbx_overall_ESU_R                       0.218 
_refine.pdbx_overall_ESU_R_Free                  0.198 
_refine.overall_SU_ML                            0.162 
_refine.overall_SU_B                             5.785 
_refine.ls_redundancy_reflns_obs                 ? 
_refine.B_iso_min                                ? 
_refine.B_iso_max                                ? 
_refine.overall_SU_R_Cruickshank_DPI             ? 
_refine.overall_SU_R_free                        ? 
_refine.ls_wR_factor_R_free                      ? 
_refine.ls_wR_factor_R_work                      ? 
_refine.overall_FOM_free_R_set                   ? 
_refine.overall_FOM_work_R_set                   ? 
_refine.pdbx_refine_id                           'X-RAY DIFFRACTION' 
_refine.pdbx_diffrn_id                           1 
_refine.pdbx_TLS_residual_ADP_flag               ? 
_refine.pdbx_overall_phase_error                 ? 
_refine.pdbx_overall_SU_R_free_Cruickshank_DPI   ? 
_refine.pdbx_overall_SU_R_Blow_DPI               ? 
_refine.pdbx_overall_SU_R_free_Blow_DPI          ? 
# 
_refine_hist.pdbx_refine_id                   'X-RAY DIFFRACTION' 
_refine_hist.cycle_id                         LAST 
_refine_hist.pdbx_number_atoms_protein        1140 
_refine_hist.pdbx_number_atoms_nucleic_acid   0 
_refine_hist.pdbx_number_atoms_ligand         0 
_refine_hist.number_atoms_solvent             176 
_refine_hist.number_atoms_total               1316 
_refine_hist.d_res_high                       1.95 
_refine_hist.d_res_low                        25.00 
# 
loop_
_refine_ls_restr.type 
_refine_ls_restr.dev_ideal 
_refine_ls_restr.dev_ideal_target 
_refine_ls_restr.weight 
_refine_ls_restr.number 
_refine_ls_restr.pdbx_refine_id 
_refine_ls_restr.pdbx_restraint_function 
r_bond_refined_d         0.011  0.022  ? 1162 'X-RAY DIFFRACTION' ? 
r_angle_refined_deg      1.324  1.990  ? 1566 'X-RAY DIFFRACTION' ? 
r_dihedral_angle_1_deg   7.088  5.000  ? 142  'X-RAY DIFFRACTION' ? 
r_dihedral_angle_2_deg   40.178 24.808 ? 52   'X-RAY DIFFRACTION' ? 
r_dihedral_angle_3_deg   16.676 15.000 ? 220  'X-RAY DIFFRACTION' ? 
r_dihedral_angle_4_deg   23.935 15.000 ? 6    'X-RAY DIFFRACTION' ? 
r_chiral_restr           0.089  0.200  ? 173  'X-RAY DIFFRACTION' ? 
r_gen_planes_refined     0.004  0.020  ? 866  'X-RAY DIFFRACTION' ? 
r_nbd_refined            0.206  0.200  ? 547  'X-RAY DIFFRACTION' ? 
r_nbtor_refined          0.300  0.200  ? 790  'X-RAY DIFFRACTION' ? 
r_xyhbond_nbd_refined    0.175  0.200  ? 124  'X-RAY DIFFRACTION' ? 
r_symmetry_vdw_refined   0.195  0.200  ? 31   'X-RAY DIFFRACTION' ? 
r_symmetry_hbond_refined 0.099  0.200  ? 16   'X-RAY DIFFRACTION' ? 
r_mcbond_it              0.730  1.500  ? 741  'X-RAY DIFFRACTION' ? 
r_mcangle_it             1.201  2.000  ? 1162 'X-RAY DIFFRACTION' ? 
r_scbond_it              1.911  3.000  ? 470  'X-RAY DIFFRACTION' ? 
r_scangle_it             3.162  4.500  ? 404  'X-RAY DIFFRACTION' ? 
# 
_refine_ls_shell.pdbx_total_number_of_bins_used   20 
_refine_ls_shell.d_res_high                       1.950 
_refine_ls_shell.d_res_low                        2.000 
_refine_ls_shell.number_reflns_R_work             628 
_refine_ls_shell.R_factor_R_work                  0.307 
_refine_ls_shell.percent_reflns_obs               85.15 
_refine_ls_shell.R_factor_R_free                  0.353 
_refine_ls_shell.R_factor_R_free_error            ? 
_refine_ls_shell.percent_reflns_R_free            ? 
_refine_ls_shell.number_reflns_R_free             37 
_refine_ls_shell.number_reflns_obs                ? 
_refine_ls_shell.redundancy_reflns_obs            ? 
_refine_ls_shell.number_reflns_all                ? 
_refine_ls_shell.pdbx_refine_id                   'X-RAY DIFFRACTION' 
_refine_ls_shell.R_factor_all                     ? 
# 
_struct.entry_id                  1Y2Q 
_struct.title                     'Crystal structure of the editing domain of threonyl-tRNA synthetase from Pyrococcus abyssi' 
_struct.pdbx_model_details        ? 
_struct.pdbx_CASP_flag            ? 
_struct.pdbx_model_type_details   ? 
# 
_struct_keywords.entry_id        1Y2Q 
_struct_keywords.pdbx_keywords   LIGASE 
_struct_keywords.text            'beta-alpha-beta fold, editing domain, tRNA-synthetase, Ligase' 
# 
loop_
_struct_asym.id 
_struct_asym.pdbx_blank_PDB_chainid_flag 
_struct_asym.pdbx_modified 
_struct_asym.entity_id 
_struct_asym.details 
A N N 1 ? 
B N N 2 ? 
# 
_struct_ref.id                         1 
_struct_ref.db_name                    UNP 
_struct_ref.db_code                    SYT_PYRAB 
_struct_ref.pdbx_db_accession          Q9UZ14 
_struct_ref.entity_id                  1 
_struct_ref.pdbx_seq_one_letter_code   
;MRVLLIHSDYIEYEVKDKALKNPEPISEDMKRGRMEEVLVAFISVEKVDEKNPEEVSLKAIEEISKVAEQVKAENVFVYP
FAHLSSELAKPSVAMDILNRVYQGLKERGFNVGKAPFGYYKAFKISCKGHPLAELSRTIVPEE
;
_struct_ref.pdbx_align_begin           1 
_struct_ref.pdbx_db_isoform            ? 
# 
_struct_ref_seq.align_id                      1 
_struct_ref_seq.ref_id                        1 
_struct_ref_seq.pdbx_PDB_id_code              1Y2Q 
_struct_ref_seq.pdbx_strand_id                A 
_struct_ref_seq.seq_align_beg                 1 
_struct_ref_seq.pdbx_seq_align_beg_ins_code   ? 
_struct_ref_seq.seq_align_end                 143 
_struct_ref_seq.pdbx_seq_align_end_ins_code   ? 
_struct_ref_seq.pdbx_db_accession             Q9UZ14 
_struct_ref_seq.db_align_beg                  1 
_struct_ref_seq.pdbx_db_align_beg_ins_code    ? 
_struct_ref_seq.db_align_end                  143 
_struct_ref_seq.pdbx_db_align_end_ins_code    ? 
_struct_ref_seq.pdbx_auth_seq_align_beg       1 
_struct_ref_seq.pdbx_auth_seq_align_end       143 
# 
_pdbx_struct_assembly.id                   1 
_pdbx_struct_assembly.details              author_defined_assembly 
_pdbx_struct_assembly.method_details       ? 
_pdbx_struct_assembly.oligomeric_details   dimeric 
_pdbx_struct_assembly.oligomeric_count     2 
# 
_pdbx_struct_assembly_gen.assembly_id       1 
_pdbx_struct_assembly_gen.oper_expression   1,2 
_pdbx_struct_assembly_gen.asym_id_list      A,B 
# 
loop_
_pdbx_struct_oper_list.id 
_pdbx_struct_oper_list.type 
_pdbx_struct_oper_list.name 
_pdbx_struct_oper_list.symmetry_operation 
_pdbx_struct_oper_list.matrix[1][1] 
_pdbx_struct_oper_list.matrix[1][2] 
_pdbx_struct_oper_list.matrix[1][3] 
_pdbx_struct_oper_list.vector[1] 
_pdbx_struct_oper_list.matrix[2][1] 
_pdbx_struct_oper_list.matrix[2][2] 
_pdbx_struct_oper_list.matrix[2][3] 
_pdbx_struct_oper_list.vector[2] 
_pdbx_struct_oper_list.matrix[3][1] 
_pdbx_struct_oper_list.matrix[3][2] 
_pdbx_struct_oper_list.matrix[3][3] 
_pdbx_struct_oper_list.vector[3] 
1 'identity operation'         1_555 x,y,z          1.0000000000 0.0000000000  0.0000000000  0.0000000000  0.0000000000  1.0000000000  0.0000000000 0.0000000000   0.0000000000  0.0000000000 1.0000000000  0.0000000000 
2 'crystal symmetry operation' 6_555 -x,-x+y,-z+2/3 0.4019703489 -0.2955511248 -0.8666425857 -0.2489231071 -0.2955511248 -0.9376944973 0.1826980087 -22.4217369422 -0.8666425857 0.1826980087 -0.4642758516 7.2438013809 
# 
loop_
_struct_conf.conf_type_id 
_struct_conf.id 
_struct_conf.pdbx_PDB_helix_id 
_struct_conf.beg_label_comp_id 
_struct_conf.beg_label_asym_id 
_struct_conf.beg_label_seq_id 
_struct_conf.pdbx_beg_PDB_ins_code 
_struct_conf.end_label_comp_id 
_struct_conf.end_label_asym_id 
_struct_conf.end_label_seq_id 
_struct_conf.pdbx_end_PDB_ins_code 
_struct_conf.beg_auth_comp_id 
_struct_conf.beg_auth_asym_id 
_struct_conf.beg_auth_seq_id 
_struct_conf.end_auth_comp_id 
_struct_conf.end_auth_asym_id 
_struct_conf.end_auth_seq_id 
_struct_conf.pdbx_PDB_helix_class 
_struct_conf.details 
_struct_conf.pdbx_PDB_helix_length 
HELX_P HELX_P1 1 SER A 27 ? MET A 30  ? SER A 27 MET A 30  5 ? 4  
HELX_P HELX_P2 2 GLU A 46 ? LYS A 51  ? GLU A 46 LYS A 51  5 ? 6  
HELX_P HELX_P3 3 ASN A 52 ? VAL A 71  ? ASN A 52 VAL A 71  1 ? 20 
HELX_P HELX_P4 4 ALA A 82 ? SER A 85  ? ALA A 82 SER A 85  5 ? 4  
HELX_P HELX_P5 5 LYS A 90 ? ARG A 108 ? LYS A 90 ARG A 108 1 ? 19 
# 
_struct_conf_type.id          HELX_P 
_struct_conf_type.criteria    ? 
_struct_conf_type.reference   ? 
# 
loop_
_struct_sheet.id 
_struct_sheet.type 
_struct_sheet.number_strands 
_struct_sheet.details 
A ? 5 ? 
B ? 5 ? 
# 
loop_
_struct_sheet_order.sheet_id 
_struct_sheet_order.range_id_1 
_struct_sheet_order.range_id_2 
_struct_sheet_order.offset 
_struct_sheet_order.sense 
A 1 2 ? parallel      
A 2 3 ? parallel      
A 3 4 ? anti-parallel 
A 4 5 ? anti-parallel 
B 1 2 ? parallel      
B 2 3 ? parallel      
B 3 4 ? anti-parallel 
B 4 5 ? anti-parallel 
# 
loop_
_struct_sheet_range.sheet_id 
_struct_sheet_range.id 
_struct_sheet_range.beg_label_comp_id 
_struct_sheet_range.beg_label_asym_id 
_struct_sheet_range.beg_label_seq_id 
_struct_sheet_range.pdbx_beg_PDB_ins_code 
_struct_sheet_range.end_label_comp_id 
_struct_sheet_range.end_label_asym_id 
_struct_sheet_range.end_label_seq_id 
_struct_sheet_range.pdbx_end_PDB_ins_code 
_struct_sheet_range.beg_auth_comp_id 
_struct_sheet_range.beg_auth_asym_id 
_struct_sheet_range.beg_auth_seq_id 
_struct_sheet_range.end_auth_comp_id 
_struct_sheet_range.end_auth_asym_id 
_struct_sheet_range.end_auth_seq_id 
A 1 ASN A 111 ? LYS A 114 ? ASN A 111 LYS A 114 
A 2 ASN A 75  ? PRO A 80  ? ASN A 75  PRO A 80  
A 3 ARG A 32  ? SER A 44  ? ARG A 32  SER A 44  
A 4 ARG A 2   ? LYS A 18  ? ARG A 2   LYS A 18  
A 5 TYR A 119 ? CYS A 127 ? TYR A 119 CYS A 127 
B 1 ASN A 111 ? LYS A 114 ? ASN A 111 LYS A 114 
B 2 ASN A 75  ? PRO A 80  ? ASN A 75  PRO A 80  
B 3 ARG A 32  ? SER A 44  ? ARG A 32  SER A 44  
B 4 ARG A 2   ? LYS A 18  ? ARG A 2   LYS A 18  
B 5 GLU A 134 ? THR A 138 ? GLU A 134 THR A 138 
# 
loop_
_pdbx_struct_sheet_hbond.sheet_id 
_pdbx_struct_sheet_hbond.range_id_1 
_pdbx_struct_sheet_hbond.range_id_2 
_pdbx_struct_sheet_hbond.range_1_label_atom_id 
_pdbx_struct_sheet_hbond.range_1_label_comp_id 
_pdbx_struct_sheet_hbond.range_1_label_asym_id 
_pdbx_struct_sheet_hbond.range_1_label_seq_id 
_pdbx_struct_sheet_hbond.range_1_PDB_ins_code 
_pdbx_struct_sheet_hbond.range_1_auth_atom_id 
_pdbx_struct_sheet_hbond.range_1_auth_comp_id 
_pdbx_struct_sheet_hbond.range_1_auth_asym_id 
_pdbx_struct_sheet_hbond.range_1_auth_seq_id 
_pdbx_struct_sheet_hbond.range_2_label_atom_id 
_pdbx_struct_sheet_hbond.range_2_label_comp_id 
_pdbx_struct_sheet_hbond.range_2_label_asym_id 
_pdbx_struct_sheet_hbond.range_2_label_seq_id 
_pdbx_struct_sheet_hbond.range_2_PDB_ins_code 
_pdbx_struct_sheet_hbond.range_2_auth_atom_id 
_pdbx_struct_sheet_hbond.range_2_auth_comp_id 
_pdbx_struct_sheet_hbond.range_2_auth_asym_id 
_pdbx_struct_sheet_hbond.range_2_auth_seq_id 
A 1 2 O GLY A 113 ? O GLY A 113 N VAL A 78  ? N VAL A 78  
A 2 3 O PHE A 77  ? O PHE A 77  N ALA A 41  ? N ALA A 41  
A 3 4 O PHE A 42  ? O PHE A 42  N LEU A 4   ? N LEU A 4   
A 4 5 N LYS A 16  ? N LYS A 16  O TYR A 120 ? O TYR A 120 
B 1 2 O GLY A 113 ? O GLY A 113 N VAL A 78  ? N VAL A 78  
B 2 3 O PHE A 77  ? O PHE A 77  N ALA A 41  ? N ALA A 41  
B 3 4 O PHE A 42  ? O PHE A 42  N LEU A 4   ? N LEU A 4   
B 4 5 N LEU A 5   ? N LEU A 5   O LEU A 135 ? O LEU A 135 
# 
loop_
_pdbx_validate_torsion.id 
_pdbx_validate_torsion.PDB_model_num 
_pdbx_validate_torsion.auth_comp_id 
_pdbx_validate_torsion.auth_asym_id 
_pdbx_validate_torsion.auth_seq_id 
_pdbx_validate_torsion.PDB_ins_code 
_pdbx_validate_torsion.label_alt_id 
_pdbx_validate_torsion.phi 
_pdbx_validate_torsion.psi 
1 1 LYS A 16 ? ? -115.98 -131.90 
2 1 ASN A 22 ? ? -115.74 70.01   
3 1 ASN A 52 ? ? -154.29 78.21   
# 
loop_
_chem_comp_atom.comp_id 
_chem_comp_atom.atom_id 
_chem_comp_atom.type_symbol 
_chem_comp_atom.pdbx_aromatic_flag 
_chem_comp_atom.pdbx_stereo_config 
_chem_comp_atom.pdbx_ordinal 
ALA N    N N N 1   
ALA CA   C N S 2   
ALA C    C N N 3   
ALA O    O N N 4   
ALA CB   C N N 5   
ALA OXT  O N N 6   
ALA H    H N N 7   
ALA H2   H N N 8   
ALA HA   H N N 9   
ALA HB1  H N N 10  
ALA HB2  H N N 11  
ALA HB3  H N N 12  
ALA HXT  H N N 13  
ARG N    N N N 14  
ARG CA   C N S 15  
ARG C    C N N 16  
ARG O    O N N 17  
ARG CB   C N N 18  
ARG CG   C N N 19  
ARG CD   C N N 20  
ARG NE   N N N 21  
ARG CZ   C N N 22  
ARG NH1  N N N 23  
ARG NH2  N N N 24  
ARG OXT  O N N 25  
ARG H    H N N 26  
ARG H2   H N N 27  
ARG HA   H N N 28  
ARG HB2  H N N 29  
ARG HB3  H N N 30  
ARG HG2  H N N 31  
ARG HG3  H N N 32  
ARG HD2  H N N 33  
ARG HD3  H N N 34  
ARG HE   H N N 35  
ARG HH11 H N N 36  
ARG HH12 H N N 37  
ARG HH21 H N N 38  
ARG HH22 H N N 39  
ARG HXT  H N N 40  
ASN N    N N N 41  
ASN CA   C N S 42  
ASN C    C N N 43  
ASN O    O N N 44  
ASN CB   C N N 45  
ASN CG   C N N 46  
ASN OD1  O N N 47  
ASN ND2  N N N 48  
ASN OXT  O N N 49  
ASN H    H N N 50  
ASN H2   H N N 51  
ASN HA   H N N 52  
ASN HB2  H N N 53  
ASN HB3  H N N 54  
ASN HD21 H N N 55  
ASN HD22 H N N 56  
ASN HXT  H N N 57  
ASP N    N N N 58  
ASP CA   C N S 59  
ASP C    C N N 60  
ASP O    O N N 61  
ASP CB   C N N 62  
ASP CG   C N N 63  
ASP OD1  O N N 64  
ASP OD2  O N N 65  
ASP OXT  O N N 66  
ASP H    H N N 67  
ASP H2   H N N 68  
ASP HA   H N N 69  
ASP HB2  H N N 70  
ASP HB3  H N N 71  
ASP HD2  H N N 72  
ASP HXT  H N N 73  
CYS N    N N N 74  
CYS CA   C N R 75  
CYS C    C N N 76  
CYS O    O N N 77  
CYS CB   C N N 78  
CYS SG   S N N 79  
CYS OXT  O N N 80  
CYS H    H N N 81  
CYS H2   H N N 82  
CYS HA   H N N 83  
CYS HB2  H N N 84  
CYS HB3  H N N 85  
CYS HG   H N N 86  
CYS HXT  H N N 87  
GLN N    N N N 88  
GLN CA   C N S 89  
GLN C    C N N 90  
GLN O    O N N 91  
GLN CB   C N N 92  
GLN CG   C N N 93  
GLN CD   C N N 94  
GLN OE1  O N N 95  
GLN NE2  N N N 96  
GLN OXT  O N N 97  
GLN H    H N N 98  
GLN H2   H N N 99  
GLN HA   H N N 100 
GLN HB2  H N N 101 
GLN HB3  H N N 102 
GLN HG2  H N N 103 
GLN HG3  H N N 104 
GLN HE21 H N N 105 
GLN HE22 H N N 106 
GLN HXT  H N N 107 
GLU N    N N N 108 
GLU CA   C N S 109 
GLU C    C N N 110 
GLU O    O N N 111 
GLU CB   C N N 112 
GLU CG   C N N 113 
GLU CD   C N N 114 
GLU OE1  O N N 115 
GLU OE2  O N N 116 
GLU OXT  O N N 117 
GLU H    H N N 118 
GLU H2   H N N 119 
GLU HA   H N N 120 
GLU HB2  H N N 121 
GLU HB3  H N N 122 
GLU HG2  H N N 123 
GLU HG3  H N N 124 
GLU HE2  H N N 125 
GLU HXT  H N N 126 
GLY N    N N N 127 
GLY CA   C N N 128 
GLY C    C N N 129 
GLY O    O N N 130 
GLY OXT  O N N 131 
GLY H    H N N 132 
GLY H2   H N N 133 
GLY HA2  H N N 134 
GLY HA3  H N N 135 
GLY HXT  H N N 136 
HIS N    N N N 137 
HIS CA   C N S 138 
HIS C    C N N 139 
HIS O    O N N 140 
HIS CB   C N N 141 
HIS CG   C Y N 142 
HIS ND1  N Y N 143 
HIS CD2  C Y N 144 
HIS CE1  C Y N 145 
HIS NE2  N Y N 146 
HIS OXT  O N N 147 
HIS H    H N N 148 
HIS H2   H N N 149 
HIS HA   H N N 150 
HIS HB2  H N N 151 
HIS HB3  H N N 152 
HIS HD1  H N N 153 
HIS HD2  H N N 154 
HIS HE1  H N N 155 
HIS HE2  H N N 156 
HIS HXT  H N N 157 
HOH O    O N N 158 
HOH H1   H N N 159 
HOH H2   H N N 160 
ILE N    N N N 161 
ILE CA   C N S 162 
ILE C    C N N 163 
ILE O    O N N 164 
ILE CB   C N S 165 
ILE CG1  C N N 166 
ILE CG2  C N N 167 
ILE CD1  C N N 168 
ILE OXT  O N N 169 
ILE H    H N N 170 
ILE H2   H N N 171 
ILE HA   H N N 172 
ILE HB   H N N 173 
ILE HG12 H N N 174 
ILE HG13 H N N 175 
ILE HG21 H N N 176 
ILE HG22 H N N 177 
ILE HG23 H N N 178 
ILE HD11 H N N 179 
ILE HD12 H N N 180 
ILE HD13 H N N 181 
ILE HXT  H N N 182 
LEU N    N N N 183 
LEU CA   C N S 184 
LEU C    C N N 185 
LEU O    O N N 186 
LEU CB   C N N 187 
LEU CG   C N N 188 
LEU CD1  C N N 189 
LEU CD2  C N N 190 
LEU OXT  O N N 191 
LEU H    H N N 192 
LEU H2   H N N 193 
LEU HA   H N N 194 
LEU HB2  H N N 195 
LEU HB3  H N N 196 
LEU HG   H N N 197 
LEU HD11 H N N 198 
LEU HD12 H N N 199 
LEU HD13 H N N 200 
LEU HD21 H N N 201 
LEU HD22 H N N 202 
LEU HD23 H N N 203 
LEU HXT  H N N 204 
LYS N    N N N 205 
LYS CA   C N S 206 
LYS C    C N N 207 
LYS O    O N N 208 
LYS CB   C N N 209 
LYS CG   C N N 210 
LYS CD   C N N 211 
LYS CE   C N N 212 
LYS NZ   N N N 213 
LYS OXT  O N N 214 
LYS H    H N N 215 
LYS H2   H N N 216 
LYS HA   H N N 217 
LYS HB2  H N N 218 
LYS HB3  H N N 219 
LYS HG2  H N N 220 
LYS HG3  H N N 221 
LYS HD2  H N N 222 
LYS HD3  H N N 223 
LYS HE2  H N N 224 
LYS HE3  H N N 225 
LYS HZ1  H N N 226 
LYS HZ2  H N N 227 
LYS HZ3  H N N 228 
LYS HXT  H N N 229 
MET N    N N N 230 
MET CA   C N S 231 
MET C    C N N 232 
MET O    O N N 233 
MET CB   C N N 234 
MET CG   C N N 235 
MET SD   S N N 236 
MET CE   C N N 237 
MET OXT  O N N 238 
MET H    H N N 239 
MET H2   H N N 240 
MET HA   H N N 241 
MET HB2  H N N 242 
MET HB3  H N N 243 
MET HG2  H N N 244 
MET HG3  H N N 245 
MET HE1  H N N 246 
MET HE2  H N N 247 
MET HE3  H N N 248 
MET HXT  H N N 249 
PHE N    N N N 250 
PHE CA   C N S 251 
PHE C    C N N 252 
PHE O    O N N 253 
PHE CB   C N N 254 
PHE CG   C Y N 255 
PHE CD1  C Y N 256 
PHE CD2  C Y N 257 
PHE CE1  C Y N 258 
PHE CE2  C Y N 259 
PHE CZ   C Y N 260 
PHE OXT  O N N 261 
PHE H    H N N 262 
PHE H2   H N N 263 
PHE HA   H N N 264 
PHE HB2  H N N 265 
PHE HB3  H N N 266 
PHE HD1  H N N 267 
PHE HD2  H N N 268 
PHE HE1  H N N 269 
PHE HE2  H N N 270 
PHE HZ   H N N 271 
PHE HXT  H N N 272 
PRO N    N N N 273 
PRO CA   C N S 274 
PRO C    C N N 275 
PRO O    O N N 276 
PRO CB   C N N 277 
PRO CG   C N N 278 
PRO CD   C N N 279 
PRO OXT  O N N 280 
PRO H    H N N 281 
PRO HA   H N N 282 
PRO HB2  H N N 283 
PRO HB3  H N N 284 
PRO HG2  H N N 285 
PRO HG3  H N N 286 
PRO HD2  H N N 287 
PRO HD3  H N N 288 
PRO HXT  H N N 289 
SER N    N N N 290 
SER CA   C N S 291 
SER C    C N N 292 
SER O    O N N 293 
SER CB   C N N 294 
SER OG   O N N 295 
SER OXT  O N N 296 
SER H    H N N 297 
SER H2   H N N 298 
SER HA   H N N 299 
SER HB2  H N N 300 
SER HB3  H N N 301 
SER HG   H N N 302 
SER HXT  H N N 303 
THR N    N N N 304 
THR CA   C N S 305 
THR C    C N N 306 
THR O    O N N 307 
THR CB   C N R 308 
THR OG1  O N N 309 
THR CG2  C N N 310 
THR OXT  O N N 311 
THR H    H N N 312 
THR H2   H N N 313 
THR HA   H N N 314 
THR HB   H N N 315 
THR HG1  H N N 316 
THR HG21 H N N 317 
THR HG22 H N N 318 
THR HG23 H N N 319 
THR HXT  H N N 320 
TYR N    N N N 321 
TYR CA   C N S 322 
TYR C    C N N 323 
TYR O    O N N 324 
TYR CB   C N N 325 
TYR CG   C Y N 326 
TYR CD1  C Y N 327 
TYR CD2  C Y N 328 
TYR CE1  C Y N 329 
TYR CE2  C Y N 330 
TYR CZ   C Y N 331 
TYR OH   O N N 332 
TYR OXT  O N N 333 
TYR H    H N N 334 
TYR H2   H N N 335 
TYR HA   H N N 336 
TYR HB2  H N N 337 
TYR HB3  H N N 338 
TYR HD1  H N N 339 
TYR HD2  H N N 340 
TYR HE1  H N N 341 
TYR HE2  H N N 342 
TYR HH   H N N 343 
TYR HXT  H N N 344 
VAL N    N N N 345 
VAL CA   C N S 346 
VAL C    C N N 347 
VAL O    O N N 348 
VAL CB   C N N 349 
VAL CG1  C N N 350 
VAL CG2  C N N 351 
VAL OXT  O N N 352 
VAL H    H N N 353 
VAL H2   H N N 354 
VAL HA   H N N 355 
VAL HB   H N N 356 
VAL HG11 H N N 357 
VAL HG12 H N N 358 
VAL HG13 H N N 359 
VAL HG21 H N N 360 
VAL HG22 H N N 361 
VAL HG23 H N N 362 
VAL HXT  H N N 363 
# 
loop_
_chem_comp_bond.comp_id 
_chem_comp_bond.atom_id_1 
_chem_comp_bond.atom_id_2 
_chem_comp_bond.value_order 
_chem_comp_bond.pdbx_aromatic_flag 
_chem_comp_bond.pdbx_stereo_config 
_chem_comp_bond.pdbx_ordinal 
ALA N   CA   sing N N 1   
ALA N   H    sing N N 2   
ALA N   H2   sing N N 3   
ALA CA  C    sing N N 4   
ALA CA  CB   sing N N 5   
ALA CA  HA   sing N N 6   
ALA C   O    doub N N 7   
ALA C   OXT  sing N N 8   
ALA CB  HB1  sing N N 9   
ALA CB  HB2  sing N N 10  
ALA CB  HB3  sing N N 11  
ALA OXT HXT  sing N N 12  
ARG N   CA   sing N N 13  
ARG N   H    sing N N 14  
ARG N   H2   sing N N 15  
ARG CA  C    sing N N 16  
ARG CA  CB   sing N N 17  
ARG CA  HA   sing N N 18  
ARG C   O    doub N N 19  
ARG C   OXT  sing N N 20  
ARG CB  CG   sing N N 21  
ARG CB  HB2  sing N N 22  
ARG CB  HB3  sing N N 23  
ARG CG  CD   sing N N 24  
ARG CG  HG2  sing N N 25  
ARG CG  HG3  sing N N 26  
ARG CD  NE   sing N N 27  
ARG CD  HD2  sing N N 28  
ARG CD  HD3  sing N N 29  
ARG NE  CZ   sing N N 30  
ARG NE  HE   sing N N 31  
ARG CZ  NH1  sing N N 32  
ARG CZ  NH2  doub N N 33  
ARG NH1 HH11 sing N N 34  
ARG NH1 HH12 sing N N 35  
ARG NH2 HH21 sing N N 36  
ARG NH2 HH22 sing N N 37  
ARG OXT HXT  sing N N 38  
ASN N   CA   sing N N 39  
ASN N   H    sing N N 40  
ASN N   H2   sing N N 41  
ASN CA  C    sing N N 42  
ASN CA  CB   sing N N 43  
ASN CA  HA   sing N N 44  
ASN C   O    doub N N 45  
ASN C   OXT  sing N N 46  
ASN CB  CG   sing N N 47  
ASN CB  HB2  sing N N 48  
ASN CB  HB3  sing N N 49  
ASN CG  OD1  doub N N 50  
ASN CG  ND2  sing N N 51  
ASN ND2 HD21 sing N N 52  
ASN ND2 HD22 sing N N 53  
ASN OXT HXT  sing N N 54  
ASP N   CA   sing N N 55  
ASP N   H    sing N N 56  
ASP N   H2   sing N N 57  
ASP CA  C    sing N N 58  
ASP CA  CB   sing N N 59  
ASP CA  HA   sing N N 60  
ASP C   O    doub N N 61  
ASP C   OXT  sing N N 62  
ASP CB  CG   sing N N 63  
ASP CB  HB2  sing N N 64  
ASP CB  HB3  sing N N 65  
ASP CG  OD1  doub N N 66  
ASP CG  OD2  sing N N 67  
ASP OD2 HD2  sing N N 68  
ASP OXT HXT  sing N N 69  
CYS N   CA   sing N N 70  
CYS N   H    sing N N 71  
CYS N   H2   sing N N 72  
CYS CA  C    sing N N 73  
CYS CA  CB   sing N N 74  
CYS CA  HA   sing N N 75  
CYS C   O    doub N N 76  
CYS C   OXT  sing N N 77  
CYS CB  SG   sing N N 78  
CYS CB  HB2  sing N N 79  
CYS CB  HB3  sing N N 80  
CYS SG  HG   sing N N 81  
CYS OXT HXT  sing N N 82  
GLN N   CA   sing N N 83  
GLN N   H    sing N N 84  
GLN N   H2   sing N N 85  
GLN CA  C    sing N N 86  
GLN CA  CB   sing N N 87  
GLN CA  HA   sing N N 88  
GLN C   O    doub N N 89  
GLN C   OXT  sing N N 90  
GLN CB  CG   sing N N 91  
GLN CB  HB2  sing N N 92  
GLN CB  HB3  sing N N 93  
GLN CG  CD   sing N N 94  
GLN CG  HG2  sing N N 95  
GLN CG  HG3  sing N N 96  
GLN CD  OE1  doub N N 97  
GLN CD  NE2  sing N N 98  
GLN NE2 HE21 sing N N 99  
GLN NE2 HE22 sing N N 100 
GLN OXT HXT  sing N N 101 
GLU N   CA   sing N N 102 
GLU N   H    sing N N 103 
GLU N   H2   sing N N 104 
GLU CA  C    sing N N 105 
GLU CA  CB   sing N N 106 
GLU CA  HA   sing N N 107 
GLU C   O    doub N N 108 
GLU C   OXT  sing N N 109 
GLU CB  CG   sing N N 110 
GLU CB  HB2  sing N N 111 
GLU CB  HB3  sing N N 112 
GLU CG  CD   sing N N 113 
GLU CG  HG2  sing N N 114 
GLU CG  HG3  sing N N 115 
GLU CD  OE1  doub N N 116 
GLU CD  OE2  sing N N 117 
GLU OE2 HE2  sing N N 118 
GLU OXT HXT  sing N N 119 
GLY N   CA   sing N N 120 
GLY N   H    sing N N 121 
GLY N   H2   sing N N 122 
GLY CA  C    sing N N 123 
GLY CA  HA2  sing N N 124 
GLY CA  HA3  sing N N 125 
GLY C   O    doub N N 126 
GLY C   OXT  sing N N 127 
GLY OXT HXT  sing N N 128 
HIS N   CA   sing N N 129 
HIS N   H    sing N N 130 
HIS N   H2   sing N N 131 
HIS CA  C    sing N N 132 
HIS CA  CB   sing N N 133 
HIS CA  HA   sing N N 134 
HIS C   O    doub N N 135 
HIS C   OXT  sing N N 136 
HIS CB  CG   sing N N 137 
HIS CB  HB2  sing N N 138 
HIS CB  HB3  sing N N 139 
HIS CG  ND1  sing Y N 140 
HIS CG  CD2  doub Y N 141 
HIS ND1 CE1  doub Y N 142 
HIS ND1 HD1  sing N N 143 
HIS CD2 NE2  sing Y N 144 
HIS CD2 HD2  sing N N 145 
HIS CE1 NE2  sing Y N 146 
HIS CE1 HE1  sing N N 147 
HIS NE2 HE2  sing N N 148 
HIS OXT HXT  sing N N 149 
HOH O   H1   sing N N 150 
HOH O   H2   sing N N 151 
ILE N   CA   sing N N 152 
ILE N   H    sing N N 153 
ILE N   H2   sing N N 154 
ILE CA  C    sing N N 155 
ILE CA  CB   sing N N 156 
ILE CA  HA   sing N N 157 
ILE C   O    doub N N 158 
ILE C   OXT  sing N N 159 
ILE CB  CG1  sing N N 160 
ILE CB  CG2  sing N N 161 
ILE CB  HB   sing N N 162 
ILE CG1 CD1  sing N N 163 
ILE CG1 HG12 sing N N 164 
ILE CG1 HG13 sing N N 165 
ILE CG2 HG21 sing N N 166 
ILE CG2 HG22 sing N N 167 
ILE CG2 HG23 sing N N 168 
ILE CD1 HD11 sing N N 169 
ILE CD1 HD12 sing N N 170 
ILE CD1 HD13 sing N N 171 
ILE OXT HXT  sing N N 172 
LEU N   CA   sing N N 173 
LEU N   H    sing N N 174 
LEU N   H2   sing N N 175 
LEU CA  C    sing N N 176 
LEU CA  CB   sing N N 177 
LEU CA  HA   sing N N 178 
LEU C   O    doub N N 179 
LEU C   OXT  sing N N 180 
LEU CB  CG   sing N N 181 
LEU CB  HB2  sing N N 182 
LEU CB  HB3  sing N N 183 
LEU CG  CD1  sing N N 184 
LEU CG  CD2  sing N N 185 
LEU CG  HG   sing N N 186 
LEU CD1 HD11 sing N N 187 
LEU CD1 HD12 sing N N 188 
LEU CD1 HD13 sing N N 189 
LEU CD2 HD21 sing N N 190 
LEU CD2 HD22 sing N N 191 
LEU CD2 HD23 sing N N 192 
LEU OXT HXT  sing N N 193 
LYS N   CA   sing N N 194 
LYS N   H    sing N N 195 
LYS N   H2   sing N N 196 
LYS CA  C    sing N N 197 
LYS CA  CB   sing N N 198 
LYS CA  HA   sing N N 199 
LYS C   O    doub N N 200 
LYS C   OXT  sing N N 201 
LYS CB  CG   sing N N 202 
LYS CB  HB2  sing N N 203 
LYS CB  HB3  sing N N 204 
LYS CG  CD   sing N N 205 
LYS CG  HG2  sing N N 206 
LYS CG  HG3  sing N N 207 
LYS CD  CE   sing N N 208 
LYS CD  HD2  sing N N 209 
LYS CD  HD3  sing N N 210 
LYS CE  NZ   sing N N 211 
LYS CE  HE2  sing N N 212 
LYS CE  HE3  sing N N 213 
LYS NZ  HZ1  sing N N 214 
LYS NZ  HZ2  sing N N 215 
LYS NZ  HZ3  sing N N 216 
LYS OXT HXT  sing N N 217 
MET N   CA   sing N N 218 
MET N   H    sing N N 219 
MET N   H2   sing N N 220 
MET CA  C    sing N N 221 
MET CA  CB   sing N N 222 
MET CA  HA   sing N N 223 
MET C   O    doub N N 224 
MET C   OXT  sing N N 225 
MET CB  CG   sing N N 226 
MET CB  HB2  sing N N 227 
MET CB  HB3  sing N N 228 
MET CG  SD   sing N N 229 
MET CG  HG2  sing N N 230 
MET CG  HG3  sing N N 231 
MET SD  CE   sing N N 232 
MET CE  HE1  sing N N 233 
MET CE  HE2  sing N N 234 
MET CE  HE3  sing N N 235 
MET OXT HXT  sing N N 236 
PHE N   CA   sing N N 237 
PHE N   H    sing N N 238 
PHE N   H2   sing N N 239 
PHE CA  C    sing N N 240 
PHE CA  CB   sing N N 241 
PHE CA  HA   sing N N 242 
PHE C   O    doub N N 243 
PHE C   OXT  sing N N 244 
PHE CB  CG   sing N N 245 
PHE CB  HB2  sing N N 246 
PHE CB  HB3  sing N N 247 
PHE CG  CD1  doub Y N 248 
PHE CG  CD2  sing Y N 249 
PHE CD1 CE1  sing Y N 250 
PHE CD1 HD1  sing N N 251 
PHE CD2 CE2  doub Y N 252 
PHE CD2 HD2  sing N N 253 
PHE CE1 CZ   doub Y N 254 
PHE CE1 HE1  sing N N 255 
PHE CE2 CZ   sing Y N 256 
PHE CE2 HE2  sing N N 257 
PHE CZ  HZ   sing N N 258 
PHE OXT HXT  sing N N 259 
PRO N   CA   sing N N 260 
PRO N   CD   sing N N 261 
PRO N   H    sing N N 262 
PRO CA  C    sing N N 263 
PRO CA  CB   sing N N 264 
PRO CA  HA   sing N N 265 
PRO C   O    doub N N 266 
PRO C   OXT  sing N N 267 
PRO CB  CG   sing N N 268 
PRO CB  HB2  sing N N 269 
PRO CB  HB3  sing N N 270 
PRO CG  CD   sing N N 271 
PRO CG  HG2  sing N N 272 
PRO CG  HG3  sing N N 273 
PRO CD  HD2  sing N N 274 
PRO CD  HD3  sing N N 275 
PRO OXT HXT  sing N N 276 
SER N   CA   sing N N 277 
SER N   H    sing N N 278 
SER N   H2   sing N N 279 
SER CA  C    sing N N 280 
SER CA  CB   sing N N 281 
SER CA  HA   sing N N 282 
SER C   O    doub N N 283 
SER C   OXT  sing N N 284 
SER CB  OG   sing N N 285 
SER CB  HB2  sing N N 286 
SER CB  HB3  sing N N 287 
SER OG  HG   sing N N 288 
SER OXT HXT  sing N N 289 
THR N   CA   sing N N 290 
THR N   H    sing N N 291 
THR N   H2   sing N N 292 
THR CA  C    sing N N 293 
THR CA  CB   sing N N 294 
THR CA  HA   sing N N 295 
THR C   O    doub N N 296 
THR C   OXT  sing N N 297 
THR CB  OG1  sing N N 298 
THR CB  CG2  sing N N 299 
THR CB  HB   sing N N 300 
THR OG1 HG1  sing N N 301 
THR CG2 HG21 sing N N 302 
THR CG2 HG22 sing N N 303 
THR CG2 HG23 sing N N 304 
THR OXT HXT  sing N N 305 
TYR N   CA   sing N N 306 
TYR N   H    sing N N 307 
TYR N   H2   sing N N 308 
TYR CA  C    sing N N 309 
TYR CA  CB   sing N N 310 
TYR CA  HA   sing N N 311 
TYR C   O    doub N N 312 
TYR C   OXT  sing N N 313 
TYR CB  CG   sing N N 314 
TYR CB  HB2  sing N N 315 
TYR CB  HB3  sing N N 316 
TYR CG  CD1  doub Y N 317 
TYR CG  CD2  sing Y N 318 
TYR CD1 CE1  sing Y N 319 
TYR CD1 HD1  sing N N 320 
TYR CD2 CE2  doub Y N 321 
TYR CD2 HD2  sing N N 322 
TYR CE1 CZ   doub Y N 323 
TYR CE1 HE1  sing N N 324 
TYR CE2 CZ   sing Y N 325 
TYR CE2 HE2  sing N N 326 
TYR CZ  OH   sing N N 327 
TYR OH  HH   sing N N 328 
TYR OXT HXT  sing N N 329 
VAL N   CA   sing N N 330 
VAL N   H    sing N N 331 
VAL N   H2   sing N N 332 
VAL CA  C    sing N N 333 
VAL CA  CB   sing N N 334 
VAL CA  HA   sing N N 335 
VAL C   O    doub N N 336 
VAL C   OXT  sing N N 337 
VAL CB  CG1  sing N N 338 
VAL CB  CG2  sing N N 339 
VAL CB  HB   sing N N 340 
VAL CG1 HG11 sing N N 341 
VAL CG1 HG12 sing N N 342 
VAL CG1 HG13 sing N N 343 
VAL CG2 HG21 sing N N 344 
VAL CG2 HG22 sing N N 345 
VAL CG2 HG23 sing N N 346 
VAL OXT HXT  sing N N 347 
# 
_atom_sites.entry_id                    1Y2Q 
_atom_sites.fract_transf_matrix[1][1]   0.00642846 
_atom_sites.fract_transf_matrix[1][2]   0.01694026 
_atom_sites.fract_transf_matrix[1][3]   0.00462285 
_atom_sites.fract_transf_matrix[2][1]   -0.01034395 
_atom_sites.fract_transf_matrix[2][2]   0.01132814 
_atom_sites.fract_transf_matrix[2][3]   0.01069246 
_atom_sites.fract_transf_matrix[3][1]   0.00655280 
_atom_sites.fract_transf_matrix[3][2]   -0.00593143 
_atom_sites.fract_transf_matrix[3][3]   0.01262328 
_atom_sites.fract_transf_vector[1]      0.173978 
_atom_sites.fract_transf_vector[2]      0.412337 
_atom_sites.fract_transf_vector[3]      0.221938 
# 
loop_
_atom_type.symbol 
C 
N 
O 
S 
# 
loop_
_atom_site.group_PDB 
_atom_site.id 
_atom_site.type_symbol 
_atom_site.label_atom_id 
_atom_site.label_alt_id 
_atom_site.label_comp_id 
_atom_site.label_asym_id 
_atom_site.label_entity_id 
_atom_site.label_seq_id 
_atom_site.pdbx_PDB_ins_code 
_atom_site.Cartn_x 
_atom_site.Cartn_y 
_atom_site.Cartn_z 
_atom_site.occupancy 
_atom_site.B_iso_or_equiv 
_atom_site.pdbx_formal_charge 
_atom_site.auth_seq_id 
_atom_site.auth_comp_id 
_atom_site.auth_asym_id 
_atom_site.auth_atom_id 
_atom_site.pdbx_PDB_model_num 
ATOM   1    N N   . MET A 1 1   ? -9.378  0.566   7.591   1.00 21.52 ? 1   MET A N   1 
ATOM   2    C CA  . MET A 1 1   ? -8.168  0.124   6.830   1.00 21.76 ? 1   MET A CA  1 
ATOM   3    C C   . MET A 1 1   ? -7.312  -0.845  7.657   1.00 21.54 ? 1   MET A C   1 
ATOM   4    O O   . MET A 1 1   ? -7.087  -0.635  8.863   1.00 22.43 ? 1   MET A O   1 
ATOM   5    C CB  . MET A 1 1   ? -7.306  1.341   6.438   1.00 21.55 ? 1   MET A CB  1 
ATOM   6    C CG  . MET A 1 1   ? -6.119  1.001   5.522   1.00 22.54 ? 1   MET A CG  1 
ATOM   7    S SD  . MET A 1 1   ? -4.896  2.338   5.372   1.00 23.66 ? 1   MET A SD  1 
ATOM   8    C CE  . MET A 1 1   ? -5.756  3.391   4.221   1.00 22.89 ? 1   MET A CE  1 
ATOM   9    N N   . ARG A 1 2   ? -6.810  -1.871  6.985   1.00 21.03 ? 2   ARG A N   1 
ATOM   10   C CA  . ARG A 1 2   ? -5.837  -2.778  7.544   1.00 20.86 ? 2   ARG A CA  1 
ATOM   11   C C   . ARG A 1 2   ? -4.585  -2.719  6.673   1.00 20.18 ? 2   ARG A C   1 
ATOM   12   O O   . ARG A 1 2   ? -4.666  -2.765  5.449   1.00 19.10 ? 2   ARG A O   1 
ATOM   13   C CB  . ARG A 1 2   ? -6.397  -4.211  7.573   1.00 21.90 ? 2   ARG A CB  1 
ATOM   14   C CG  . ARG A 1 2   ? -7.446  -4.482  8.650   1.00 24.24 ? 2   ARG A CG  1 
ATOM   15   C CD  . ARG A 1 2   ? -6.812  -4.620  10.039  1.00 30.31 ? 2   ARG A CD  1 
ATOM   16   N NE  . ARG A 1 2   ? -6.016  -5.847  10.225  1.00 33.80 ? 2   ARG A NE  1 
ATOM   17   C CZ  . ARG A 1 2   ? -5.003  -5.967  11.090  1.00 35.21 ? 2   ARG A CZ  1 
ATOM   18   N NH1 . ARG A 1 2   ? -4.634  -4.935  11.859  1.00 35.76 ? 2   ARG A NH1 1 
ATOM   19   N NH2 . ARG A 1 2   ? -4.343  -7.118  11.184  1.00 34.67 ? 2   ARG A NH2 1 
ATOM   20   N N   . VAL A 1 3   ? -3.435  -2.615  7.319   1.00 19.82 ? 3   VAL A N   1 
ATOM   21   C CA  . VAL A 1 3   ? -2.152  -2.479  6.620   1.00 20.61 ? 3   VAL A CA  1 
ATOM   22   C C   . VAL A 1 3   ? -1.188  -3.550  7.125   1.00 20.67 ? 3   VAL A C   1 
ATOM   23   O O   . VAL A 1 3   ? -1.058  -3.731  8.319   1.00 20.82 ? 3   VAL A O   1 
ATOM   24   C CB  . VAL A 1 3   ? -1.524  -1.087  6.896   1.00 19.86 ? 3   VAL A CB  1 
ATOM   25   C CG1 . VAL A 1 3   ? -0.154  -0.986  6.278   1.00 20.97 ? 3   VAL A CG1 1 
ATOM   26   C CG2 . VAL A 1 3   ? -2.429  0.034   6.343   1.00 21.16 ? 3   VAL A CG2 1 
ATOM   27   N N   . LEU A 1 4   ? -0.542  -4.265  6.211   1.00 21.41 ? 4   LEU A N   1 
ATOM   28   C CA  . LEU A 1 4   ? 0.553   -5.159  6.560   1.00 22.48 ? 4   LEU A CA  1 
ATOM   29   C C   . LEU A 1 4   ? 1.861   -4.534  6.056   1.00 22.08 ? 4   LEU A C   1 
ATOM   30   O O   . LEU A 1 4   ? 2.015   -4.299  4.854   1.00 22.06 ? 4   LEU A O   1 
ATOM   31   C CB  . LEU A 1 4   ? 0.323   -6.564  5.965   1.00 22.54 ? 4   LEU A CB  1 
ATOM   32   C CG  . LEU A 1 4   ? 1.455   -7.600  5.996   1.00 23.76 ? 4   LEU A CG  1 
ATOM   33   C CD1 . LEU A 1 4   ? 1.901   -7.926  7.425   1.00 24.14 ? 4   LEU A CD1 1 
ATOM   34   C CD2 . LEU A 1 4   ? 1.004   -8.869  5.265   1.00 24.26 ? 4   LEU A CD2 1 
ATOM   35   N N   . LEU A 1 5   ? 2.778   -4.270  6.983   1.00 22.41 ? 5   LEU A N   1 
ATOM   36   C CA  . LEU A 1 5   ? 4.057   -3.607  6.695   1.00 23.39 ? 5   LEU A CA  1 
ATOM   37   C C   . LEU A 1 5   ? 5.223   -4.572  6.748   1.00 23.82 ? 5   LEU A C   1 
ATOM   38   O O   . LEU A 1 5   ? 5.489   -5.180  7.793   1.00 24.71 ? 5   LEU A O   1 
ATOM   39   C CB  . LEU A 1 5   ? 4.294   -2.483  7.691   1.00 22.74 ? 5   LEU A CB  1 
ATOM   40   C CG  . LEU A 1 5   ? 3.235   -1.381  7.643   1.00 22.50 ? 5   LEU A CG  1 
ATOM   41   C CD1 . LEU A 1 5   ? 3.349   -0.521  8.862   1.00 22.39 ? 5   LEU A CD1 1 
ATOM   42   C CD2 . LEU A 1 5   ? 3.383   -0.560  6.342   1.00 20.25 ? 5   LEU A CD2 1 
ATOM   43   N N   . ILE A 1 6   ? 5.906   -4.734  5.624   1.00 23.34 ? 6   ILE A N   1 
ATOM   44   C CA  . ILE A 1 6   ? 6.959   -5.745  5.551   1.00 24.66 ? 6   ILE A CA  1 
ATOM   45   C C   . ILE A 1 6   ? 8.253   -5.100  5.067   1.00 24.66 ? 6   ILE A C   1 
ATOM   46   O O   . ILE A 1 6   ? 8.337   -4.675  3.928   1.00 24.81 ? 6   ILE A O   1 
ATOM   47   C CB  . ILE A 1 6   ? 6.525   -6.943  4.675   1.00 23.79 ? 6   ILE A CB  1 
ATOM   48   C CG1 . ILE A 1 6   ? 5.349   -7.693  5.346   1.00 24.15 ? 6   ILE A CG1 1 
ATOM   49   C CG2 . ILE A 1 6   ? 7.714   -7.859  4.404   1.00 24.29 ? 6   ILE A CG2 1 
ATOM   50   C CD1 . ILE A 1 6   ? 4.771   -8.895  4.584   1.00 25.46 ? 6   ILE A CD1 1 
ATOM   51   N N   . HIS A 1 7   ? 9.242   -4.986  5.952   1.00 26.14 ? 7   HIS A N   1 
ATOM   52   C CA  . HIS A 1 7   ? 10.555  -4.418  5.577   1.00 26.93 ? 7   HIS A CA  1 
ATOM   53   C C   . HIS A 1 7   ? 11.327  -5.451  4.766   1.00 28.09 ? 7   HIS A C   1 
ATOM   54   O O   . HIS A 1 7   ? 11.629  -6.546  5.251   1.00 29.17 ? 7   HIS A O   1 
ATOM   55   C CB  . HIS A 1 7   ? 11.327  -3.945  6.820   1.00 26.94 ? 7   HIS A CB  1 
ATOM   56   C CG  . HIS A 1 7   ? 12.536  -3.103  6.518   1.00 27.25 ? 7   HIS A CG  1 
ATOM   57   N ND1 . HIS A 1 7   ? 13.499  -2.824  7.464   1.00 27.41 ? 7   HIS A ND1 1 
ATOM   58   C CD2 . HIS A 1 7   ? 12.941  -2.485  5.381   1.00 27.71 ? 7   HIS A CD2 1 
ATOM   59   C CE1 . HIS A 1 7   ? 14.447  -2.080  6.921   1.00 27.97 ? 7   HIS A CE1 1 
ATOM   60   N NE2 . HIS A 1 7   ? 14.132  -1.862  5.658   1.00 26.85 ? 7   HIS A NE2 1 
ATOM   61   N N   . SER A 1 8   ? 11.630  -5.108  3.525   1.00 28.82 ? 8   SER A N   1 
ATOM   62   C CA  . SER A 1 8   ? 12.013  -6.087  2.542   1.00 29.87 ? 8   SER A CA  1 
ATOM   63   C C   . SER A 1 8   ? 13.283  -5.714  1.800   1.00 30.64 ? 8   SER A C   1 
ATOM   64   O O   . SER A 1 8   ? 13.514  -4.540  1.486   1.00 30.63 ? 8   SER A O   1 
ATOM   65   C CB  . SER A 1 8   ? 10.876  -6.283  1.536   1.00 30.45 ? 8   SER A CB  1 
ATOM   66   O OG  . SER A 1 8   ? 9.622   -6.446  2.188   1.00 30.86 ? 8   SER A OG  1 
ATOM   67   N N   . ASP A 1 9   ? 14.096  -6.722  1.503   1.00 31.45 ? 9   ASP A N   1 
ATOM   68   C CA  . ASP A 1 9   ? 15.311  -6.515  0.720   1.00 32.51 ? 9   ASP A CA  1 
ATOM   69   C C   . ASP A 1 9   ? 14.946  -6.071  -0.700  1.00 32.91 ? 9   ASP A C   1 
ATOM   70   O O   . ASP A 1 9   ? 15.670  -5.281  -1.313  1.00 32.76 ? 9   ASP A O   1 
ATOM   71   C CB  . ASP A 1 9   ? 16.161  -7.791  0.718   1.00 32.76 ? 9   ASP A CB  1 
ATOM   72   C CG  . ASP A 1 9   ? 16.427  -8.300  2.113   1.00 33.82 ? 9   ASP A CG  1 
ATOM   73   O OD1 . ASP A 1 9   ? 17.116  -7.613  2.880   1.00 34.79 ? 9   ASP A OD1 1 
ATOM   74   O OD2 . ASP A 1 9   ? 15.922  -9.384  2.461   1.00 37.66 ? 9   ASP A OD2 1 
ATOM   75   N N   . TYR A 1 10  ? 13.818  -6.585  -1.200  1.00 33.33 ? 10  TYR A N   1 
ATOM   76   C CA  . TYR A 1 10  ? 13.220  -6.161  -2.461  1.00 34.27 ? 10  TYR A CA  1 
ATOM   77   C C   . TYR A 1 10  ? 11.718  -6.476  -2.537  1.00 34.47 ? 10  TYR A C   1 
ATOM   78   O O   . TYR A 1 10  ? 11.221  -7.384  -1.860  1.00 34.08 ? 10  TYR A O   1 
ATOM   79   C CB  . TYR A 1 10  ? 13.941  -6.794  -3.670  1.00 35.40 ? 10  TYR A CB  1 
ATOM   80   C CG  . TYR A 1 10  ? 13.899  -8.311  -3.698  1.00 36.15 ? 10  TYR A CG  1 
ATOM   81   C CD1 . TYR A 1 10  ? 12.806  -8.992  -4.230  1.00 37.75 ? 10  TYR A CD1 1 
ATOM   82   C CD2 . TYR A 1 10  ? 14.960  -9.061  -3.189  1.00 38.34 ? 10  TYR A CD2 1 
ATOM   83   C CE1 . TYR A 1 10  ? 12.763  -10.392 -4.231  1.00 38.20 ? 10  TYR A CE1 1 
ATOM   84   C CE2 . TYR A 1 10  ? 14.928  -10.447 -3.189  1.00 37.21 ? 10  TYR A CE2 1 
ATOM   85   C CZ  . TYR A 1 10  ? 13.834  -11.102 -3.711  1.00 37.39 ? 10  TYR A CZ  1 
ATOM   86   O OH  . TYR A 1 10  ? 13.822  -12.474 -3.718  1.00 37.95 ? 10  TYR A OH  1 
ATOM   87   N N   . ILE A 1 11  ? 11.007  -5.707  -3.364  1.00 34.76 ? 11  ILE A N   1 
ATOM   88   C CA  . ILE A 1 11  ? 9.709   -6.110  -3.907  1.00 35.05 ? 11  ILE A CA  1 
ATOM   89   C C   . ILE A 1 11  ? 9.794   -6.042  -5.432  1.00 35.77 ? 11  ILE A C   1 
ATOM   90   O O   . ILE A 1 11  ? 10.559  -5.248  -5.982  1.00 35.97 ? 11  ILE A O   1 
ATOM   91   C CB  . ILE A 1 11  ? 8.519   -5.244  -3.365  1.00 35.27 ? 11  ILE A CB  1 
ATOM   92   C CG1 . ILE A 1 11  ? 7.173   -5.672  -3.973  1.00 35.44 ? 11  ILE A CG1 1 
ATOM   93   C CG2 . ILE A 1 11  ? 8.738   -3.749  -3.626  1.00 34.71 ? 11  ILE A CG2 1 
ATOM   94   C CD1 . ILE A 1 11  ? 6.515   -6.864  -3.316  1.00 36.95 ? 11  ILE A CD1 1 
ATOM   95   N N   . GLU A 1 12  ? 9.003   -6.869  -6.109  1.00 36.29 ? 12  GLU A N   1 
ATOM   96   C CA  . GLU A 1 12  ? 8.962   -6.884  -7.557  1.00 36.95 ? 12  GLU A CA  1 
ATOM   97   C C   . GLU A 1 12  ? 7.594   -7.379  -7.996  1.00 37.45 ? 12  GLU A C   1 
ATOM   98   O O   . GLU A 1 12  ? 7.033   -8.282  -7.390  1.00 37.36 ? 12  GLU A O   1 
ATOM   99   C CB  . GLU A 1 12  ? 10.071  -7.798  -8.069  1.00 37.24 ? 12  GLU A CB  1 
ATOM   100  C CG  . GLU A 1 12  ? 10.319  -7.787  -9.547  1.00 38.56 ? 12  GLU A CG  1 
ATOM   101  C CD  . GLU A 1 12  ? 11.408  -8.781  -9.921  1.00 40.45 ? 12  GLU A CD  1 
ATOM   102  O OE1 . GLU A 1 12  ? 11.060  -9.857  -10.452 1.00 42.12 ? 12  GLU A OE1 1 
ATOM   103  O OE2 . GLU A 1 12  ? 12.599  -8.500  -9.653  1.00 40.32 ? 12  GLU A OE2 1 
ATOM   104  N N   . TYR A 1 13  ? 7.042   -6.769  -9.034  1.00 37.72 ? 13  TYR A N   1 
ATOM   105  C CA  . TYR A 1 13  ? 5.762   -7.195  -9.551  1.00 38.24 ? 13  TYR A CA  1 
ATOM   106  C C   . TYR A 1 13  ? 5.694   -7.101  -11.062 1.00 39.19 ? 13  TYR A C   1 
ATOM   107  O O   . TYR A 1 13  ? 6.448   -6.353  -11.699 1.00 39.21 ? 13  TYR A O   1 
ATOM   108  C CB  . TYR A 1 13  ? 4.614   -6.393  -8.927  1.00 38.22 ? 13  TYR A CB  1 
ATOM   109  C CG  . TYR A 1 13  ? 4.406   -5.009  -9.512  1.00 37.01 ? 13  TYR A CG  1 
ATOM   110  C CD1 . TYR A 1 13  ? 3.547   -4.814  -10.595 1.00 35.92 ? 13  TYR A CD1 1 
ATOM   111  C CD2 . TYR A 1 13  ? 5.063   -3.897  -8.974  1.00 37.03 ? 13  TYR A CD2 1 
ATOM   112  C CE1 . TYR A 1 13  ? 3.358   -3.558  -11.139 1.00 36.42 ? 13  TYR A CE1 1 
ATOM   113  C CE2 . TYR A 1 13  ? 4.871   -2.623  -9.505  1.00 36.24 ? 13  TYR A CE2 1 
ATOM   114  C CZ  . TYR A 1 13  ? 4.013   -2.462  -10.588 1.00 37.01 ? 13  TYR A CZ  1 
ATOM   115  O OH  . TYR A 1 13  ? 3.803   -1.212  -11.124 1.00 38.31 ? 13  TYR A OH  1 
ATOM   116  N N   . GLU A 1 14  ? 4.765   -7.867  -11.609 1.00 39.94 ? 14  GLU A N   1 
ATOM   117  C CA  . GLU A 1 14  ? 4.421   -7.861  -13.018 1.00 41.19 ? 14  GLU A CA  1 
ATOM   118  C C   . GLU A 1 14  ? 2.914   -8.051  -13.064 1.00 40.68 ? 14  GLU A C   1 
ATOM   119  O O   . GLU A 1 14  ? 2.377   -9.036  -12.553 1.00 40.96 ? 14  GLU A O   1 
ATOM   120  C CB  . GLU A 1 14  ? 5.226   -8.940  -13.785 1.00 41.57 ? 14  GLU A CB  1 
ATOM   121  C CG  . GLU A 1 14  ? 4.443   -9.925  -14.670 1.00 46.12 ? 14  GLU A CG  1 
ATOM   122  C CD  . GLU A 1 14  ? 4.234   -9.462  -16.108 1.00 51.11 ? 14  GLU A CD  1 
ATOM   123  O OE1 . GLU A 1 14  ? 4.942   -8.530  -16.561 1.00 53.29 ? 14  GLU A OE1 1 
ATOM   124  O OE2 . GLU A 1 14  ? 3.364   -10.051 -16.799 1.00 52.67 ? 14  GLU A OE2 1 
ATOM   125  N N   . VAL A 1 15  ? 2.238   -7.051  -13.612 1.00 40.57 ? 15  VAL A N   1 
ATOM   126  C CA  . VAL A 1 15  ? 0.805   -7.069  -13.810 1.00 40.61 ? 15  VAL A CA  1 
ATOM   127  C C   . VAL A 1 15  ? 0.448   -8.162  -14.800 1.00 41.42 ? 15  VAL A C   1 
ATOM   128  O O   . VAL A 1 15  ? 1.077   -8.293  -15.858 1.00 41.52 ? 15  VAL A O   1 
ATOM   129  C CB  . VAL A 1 15  ? 0.317   -5.701  -14.332 1.00 40.49 ? 15  VAL A CB  1 
ATOM   130  C CG1 . VAL A 1 15  ? -1.116  -5.766  -14.820 1.00 40.25 ? 15  VAL A CG1 1 
ATOM   131  C CG2 . VAL A 1 15  ? 0.470   -4.655  -13.258 1.00 39.74 ? 15  VAL A CG2 1 
ATOM   132  N N   . LYS A 1 16  ? -0.559  -8.957  -14.438 1.00 41.97 ? 16  LYS A N   1 
ATOM   133  C CA  . LYS A 1 16  ? -1.060  -10.007 -15.310 1.00 42.74 ? 16  LYS A CA  1 
ATOM   134  C C   . LYS A 1 16  ? -2.499  -9.681  -15.680 1.00 42.83 ? 16  LYS A C   1 
ATOM   135  O O   . LYS A 1 16  ? -2.788  -8.547  -16.066 1.00 43.50 ? 16  LYS A O   1 
ATOM   136  C CB  . LYS A 1 16  ? -0.903  -11.393 -14.669 1.00 42.69 ? 16  LYS A CB  1 
ATOM   137  C CG  . LYS A 1 16  ? 0.542   -11.891 -14.623 1.00 43.52 ? 16  LYS A CG  1 
ATOM   138  C CD  . LYS A 1 16  ? 0.587   -13.420 -14.651 1.00 46.63 ? 16  LYS A CD  1 
ATOM   139  C CE  . LYS A 1 16  ? 1.755   -13.953 -15.472 1.00 47.42 ? 16  LYS A CE  1 
ATOM   140  N NZ  . LYS A 1 16  ? 1.762   -15.451 -15.500 1.00 49.05 ? 16  LYS A NZ  1 
ATOM   141  N N   . ASP A 1 17  ? -3.399  -10.649 -15.563 1.00 42.89 ? 17  ASP A N   1 
ATOM   142  C CA  . ASP A 1 17  ? -4.779  -10.461 -15.987 1.00 42.90 ? 17  ASP A CA  1 
ATOM   143  C C   . ASP A 1 17  ? -5.504  -9.439  -15.098 1.00 42.71 ? 17  ASP A C   1 
ATOM   144  O O   . ASP A 1 17  ? -5.111  -9.207  -13.954 1.00 41.76 ? 17  ASP A O   1 
ATOM   145  C CB  . ASP A 1 17  ? -5.524  -11.812 -16.021 1.00 43.63 ? 17  ASP A CB  1 
ATOM   146  C CG  . ASP A 1 17  ? -4.890  -12.831 -16.998 1.00 45.66 ? 17  ASP A CG  1 
ATOM   147  O OD1 . ASP A 1 17  ? -4.305  -12.413 -18.028 1.00 48.83 ? 17  ASP A OD1 1 
ATOM   148  O OD2 . ASP A 1 17  ? -4.982  -14.060 -16.746 1.00 47.17 ? 17  ASP A OD2 1 
ATOM   149  N N   . LYS A 1 18  ? -6.550  -8.816  -15.639 1.00 42.40 ? 18  LYS A N   1 
ATOM   150  C CA  . LYS A 1 18  ? -7.384  -7.901  -14.871 1.00 42.55 ? 18  LYS A CA  1 
ATOM   151  C C   . LYS A 1 18  ? -8.319  -8.669  -13.941 1.00 42.66 ? 18  LYS A C   1 
ATOM   152  O O   . LYS A 1 18  ? -8.871  -9.700  -14.318 1.00 42.45 ? 18  LYS A O   1 
ATOM   153  C CB  . LYS A 1 18  ? -8.177  -7.000  -15.797 1.00 42.59 ? 18  LYS A CB  1 
ATOM   154  N N   . ALA A 1 19  ? -8.498  -8.147  -12.731 1.00 42.83 ? 19  ALA A N   1 
ATOM   155  C CA  . ALA A 1 19  ? -9.248  -8.822  -11.669 1.00 43.16 ? 19  ALA A CA  1 
ATOM   156  C C   . ALA A 1 19  ? -10.619 -8.190  -11.463 1.00 43.77 ? 19  ALA A C   1 
ATOM   157  O O   . ALA A 1 19  ? -11.502 -8.775  -10.835 1.00 43.45 ? 19  ALA A O   1 
ATOM   158  C CB  . ALA A 1 19  ? -8.448  -8.793  -10.372 1.00 42.56 ? 19  ALA A CB  1 
ATOM   159  N N   . LEU A 1 20  ? -10.760 -6.977  -11.984 1.00 44.74 ? 20  LEU A N   1 
ATOM   160  C CA  . LEU A 1 20  ? -11.999 -6.214  -11.975 1.00 46.03 ? 20  LEU A CA  1 
ATOM   161  C C   . LEU A 1 20  ? -12.303 -5.833  -13.414 1.00 46.59 ? 20  LEU A C   1 
ATOM   162  O O   . LEU A 1 20  ? -11.416 -5.894  -14.265 1.00 46.76 ? 20  LEU A O   1 
ATOM   163  C CB  . LEU A 1 20  ? -11.828 -4.930  -11.152 1.00 45.97 ? 20  LEU A CB  1 
ATOM   164  C CG  . LEU A 1 20  ? -11.726 -5.008  -9.635  1.00 46.45 ? 20  LEU A CG  1 
ATOM   165  C CD1 . LEU A 1 20  ? -11.067 -3.757  -9.119  1.00 46.72 ? 20  LEU A CD1 1 
ATOM   166  C CD2 . LEU A 1 20  ? -13.102 -5.171  -9.005  1.00 47.09 ? 20  LEU A CD2 1 
ATOM   167  N N   . LYS A 1 21  ? -13.544 -5.427  -13.682 1.00 47.72 ? 21  LYS A N   1 
ATOM   168  C CA  . LYS A 1 21  ? -13.926 -4.946  -15.020 1.00 48.68 ? 21  LYS A CA  1 
ATOM   169  C C   . LYS A 1 21  ? -13.439 -3.507  -15.276 1.00 48.92 ? 21  LYS A C   1 
ATOM   170  O O   . LYS A 1 21  ? -13.066 -3.154  -16.405 1.00 49.50 ? 21  LYS A O   1 
ATOM   171  C CB  . LYS A 1 21  ? -15.442 -5.055  -15.236 1.00 48.95 ? 21  LYS A CB  1 
ATOM   172  C CG  . LYS A 1 21  ? -15.866 -5.184  -16.709 1.00 49.89 ? 21  LYS A CG  1 
ATOM   173  C CD  . LYS A 1 21  ? -15.794 -6.633  -17.194 1.00 51.35 ? 21  LYS A CD  1 
ATOM   174  C CE  . LYS A 1 21  ? -16.591 -6.844  -18.480 1.00 51.96 ? 21  LYS A CE  1 
ATOM   175  N NZ  . LYS A 1 21  ? -16.671 -8.286  -18.860 1.00 52.04 ? 21  LYS A NZ  1 
ATOM   176  N N   . ASN A 1 22  ? -13.433 -2.690  -14.220 1.00 48.82 ? 22  ASN A N   1 
ATOM   177  C CA  . ASN A 1 22  ? -12.921 -1.322  -14.287 1.00 48.22 ? 22  ASN A CA  1 
ATOM   178  C C   . ASN A 1 22  ? -11.686 -1.124  -13.397 1.00 47.62 ? 22  ASN A C   1 
ATOM   179  O O   . ASN A 1 22  ? -11.770 -0.427  -12.384 1.00 47.64 ? 22  ASN A O   1 
ATOM   180  C CB  . ASN A 1 22  ? -14.014 -0.324  -13.875 1.00 48.65 ? 22  ASN A CB  1 
ATOM   181  C CG  . ASN A 1 22  ? -15.261 -0.411  -14.745 1.00 49.07 ? 22  ASN A CG  1 
ATOM   182  O OD1 . ASN A 1 22  ? -15.210 -0.176  -15.954 1.00 50.42 ? 22  ASN A OD1 1 
ATOM   183  N ND2 . ASN A 1 22  ? -16.396 -0.730  -14.123 1.00 49.83 ? 22  ASN A ND2 1 
ATOM   184  N N   . PRO A 1 23  ? -10.529 -1.723  -13.768 1.00 46.90 ? 23  PRO A N   1 
ATOM   185  C CA  . PRO A 1 23  ? -9.364  -1.543  -12.900 1.00 46.33 ? 23  PRO A CA  1 
ATOM   186  C C   . PRO A 1 23  ? -8.735  -0.156  -13.078 1.00 45.68 ? 23  PRO A C   1 
ATOM   187  O O   . PRO A 1 23  ? -9.266  0.672   -13.824 1.00 45.82 ? 23  PRO A O   1 
ATOM   188  C CB  . PRO A 1 23  ? -8.410  -2.646  -13.368 1.00 46.04 ? 23  PRO A CB  1 
ATOM   189  C CG  . PRO A 1 23  ? -8.726  -2.815  -14.797 1.00 46.89 ? 23  PRO A CG  1 
ATOM   190  C CD  . PRO A 1 23  ? -10.201 -2.546  -14.948 1.00 46.77 ? 23  PRO A CD  1 
ATOM   191  N N   . GLU A 1 24  ? -7.632  0.095   -12.378 1.00 44.89 ? 24  GLU A N   1 
ATOM   192  C CA  . GLU A 1 24  ? -6.901  1.344   -12.514 1.00 44.16 ? 24  GLU A CA  1 
ATOM   193  C C   . GLU A 1 24  ? -6.280  1.425   -13.910 1.00 44.33 ? 24  GLU A C   1 
ATOM   194  O O   . GLU A 1 24  ? -5.603  0.487   -14.333 1.00 44.09 ? 24  GLU A O   1 
ATOM   195  C CB  . GLU A 1 24  ? -5.811  1.423   -11.447 1.00 43.91 ? 24  GLU A CB  1 
ATOM   196  C CG  . GLU A 1 24  ? -5.020  2.717   -11.439 1.00 42.88 ? 24  GLU A CG  1 
ATOM   197  C CD  . GLU A 1 24  ? -3.919  2.741   -10.390 1.00 43.57 ? 24  GLU A CD  1 
ATOM   198  O OE1 . GLU A 1 24  ? -3.956  1.925   -9.434  1.00 40.69 ? 24  GLU A OE1 1 
ATOM   199  O OE2 . GLU A 1 24  ? -3.003  3.581   -10.525 1.00 41.83 ? 24  GLU A OE2 1 
ATOM   200  N N   . PRO A 1 25  ? -6.513  2.545   -14.637 1.00 44.54 ? 25  PRO A N   1 
ATOM   201  C CA  . PRO A 1 25  ? -5.821  2.749   -15.919 1.00 44.46 ? 25  PRO A CA  1 
ATOM   202  C C   . PRO A 1 25  ? -4.304  2.787   -15.735 1.00 44.42 ? 25  PRO A C   1 
ATOM   203  O O   . PRO A 1 25  ? -3.811  3.505   -14.865 1.00 44.53 ? 25  PRO A O   1 
ATOM   204  C CB  . PRO A 1 25  ? -6.349  4.114   -16.400 1.00 44.54 ? 25  PRO A CB  1 
ATOM   205  C CG  . PRO A 1 25  ? -6.921  4.767   -15.197 1.00 44.57 ? 25  PRO A CG  1 
ATOM   206  C CD  . PRO A 1 25  ? -7.420  3.663   -14.317 1.00 44.44 ? 25  PRO A CD  1 
ATOM   207  N N   . ILE A 1 26  ? -3.574  2.008   -16.532 1.00 44.61 ? 26  ILE A N   1 
ATOM   208  C CA  . ILE A 1 26  ? -2.111  1.946   -16.402 1.00 45.11 ? 26  ILE A CA  1 
ATOM   209  C C   . ILE A 1 26  ? -1.333  2.296   -17.678 1.00 45.23 ? 26  ILE A C   1 
ATOM   210  O O   . ILE A 1 26  ? -1.804  2.080   -18.793 1.00 45.09 ? 26  ILE A O   1 
ATOM   211  C CB  . ILE A 1 26  ? -1.617  0.576   -15.847 1.00 44.97 ? 26  ILE A CB  1 
ATOM   212  C CG1 . ILE A 1 26  ? -2.106  -0.594  -16.717 1.00 45.52 ? 26  ILE A CG1 1 
ATOM   213  C CG2 . ILE A 1 26  ? -2.044  0.413   -14.389 1.00 45.02 ? 26  ILE A CG2 1 
ATOM   214  C CD1 . ILE A 1 26  ? -1.397  -1.928  -16.438 1.00 45.09 ? 26  ILE A CD1 1 
ATOM   215  N N   . SER A 1 27  ? -0.145  2.854   -17.481 1.00 45.59 ? 27  SER A N   1 
ATOM   216  C CA  . SER A 1 27  ? 0.822   3.058   -18.555 1.00 45.81 ? 27  SER A CA  1 
ATOM   217  C C   . SER A 1 27  ? 1.763   1.873   -18.551 1.00 46.03 ? 27  SER A C   1 
ATOM   218  O O   . SER A 1 27  ? 1.744   1.067   -17.613 1.00 45.83 ? 27  SER A O   1 
ATOM   219  C CB  . SER A 1 27  ? 1.616   4.346   -18.329 1.00 45.74 ? 27  SER A CB  1 
ATOM   220  O OG  . SER A 1 27  ? 2.475   4.222   -17.211 1.00 45.87 ? 27  SER A OG  1 
ATOM   221  N N   . GLU A 1 28  ? 2.602   1.796   -19.580 1.00 46.02 ? 28  GLU A N   1 
ATOM   222  C CA  . GLU A 1 28  ? 3.510   0.676   -19.799 1.00 46.50 ? 28  GLU A CA  1 
ATOM   223  C C   . GLU A 1 28  ? 4.575   0.512   -18.710 1.00 46.46 ? 28  GLU A C   1 
ATOM   224  O O   . GLU A 1 28  ? 5.004   -0.610  -18.409 1.00 46.60 ? 28  GLU A O   1 
ATOM   225  C CB  . GLU A 1 28  ? 4.183   0.825   -21.166 1.00 46.48 ? 28  GLU A CB  1 
ATOM   226  C CG  . GLU A 1 28  ? 4.962   -0.398  -21.625 1.00 47.96 ? 28  GLU A CG  1 
ATOM   227  C CD  . GLU A 1 28  ? 4.077   -1.525  -22.135 1.00 49.88 ? 28  GLU A CD  1 
ATOM   228  O OE1 . GLU A 1 28  ? 2.888   -1.269  -22.452 1.00 49.55 ? 28  GLU A OE1 1 
ATOM   229  O OE2 . GLU A 1 28  ? 4.585   -2.665  -22.226 1.00 50.77 ? 28  GLU A OE2 1 
ATOM   230  N N   . ASP A 1 29  ? 5.014   1.631   -18.139 1.00 46.23 ? 29  ASP A N   1 
ATOM   231  C CA  . ASP A 1 29  ? 5.963   1.606   -17.023 1.00 46.18 ? 29  ASP A CA  1 
ATOM   232  C C   . ASP A 1 29  ? 5.318   1.015   -15.749 1.00 45.40 ? 29  ASP A C   1 
ATOM   233  O O   . ASP A 1 29  ? 6.013   0.492   -14.873 1.00 44.94 ? 29  ASP A O   1 
ATOM   234  C CB  . ASP A 1 29  ? 6.484   3.019   -16.738 1.00 46.74 ? 29  ASP A CB  1 
ATOM   235  C CG  . ASP A 1 29  ? 7.957   3.033   -16.340 1.00 48.72 ? 29  ASP A CG  1 
ATOM   236  O OD1 . ASP A 1 29  ? 8.256   3.487   -15.214 1.00 49.66 ? 29  ASP A OD1 1 
ATOM   237  O OD2 . ASP A 1 29  ? 8.817   2.596   -17.154 1.00 50.15 ? 29  ASP A OD2 1 
ATOM   238  N N   . MET A 1 30  ? 3.992   1.092   -15.672 1.00 44.71 ? 30  MET A N   1 
ATOM   239  C CA  . MET A 1 30  ? 3.254   0.645   -14.489 1.00 45.11 ? 30  MET A CA  1 
ATOM   240  C C   . MET A 1 30  ? 3.045   -0.868  -14.396 1.00 45.20 ? 30  MET A C   1 
ATOM   241  O O   . MET A 1 30  ? 2.657   -1.368  -13.332 1.00 44.84 ? 30  MET A O   1 
ATOM   242  C CB  . MET A 1 30  ? 1.902   1.351   -14.389 1.00 44.94 ? 30  MET A CB  1 
ATOM   243  C CG  . MET A 1 30  ? 1.988   2.841   -14.119 1.00 44.95 ? 30  MET A CG  1 
ATOM   244  S SD  . MET A 1 30  ? 0.383   3.617   -14.301 1.00 45.13 ? 30  MET A SD  1 
ATOM   245  C CE  . MET A 1 30  ? 0.734   5.278   -13.726 1.00 45.28 ? 30  MET A CE  1 
ATOM   246  N N   . LYS A 1 31  ? 3.307   -1.596  -15.487 1.00 45.30 ? 31  LYS A N   1 
ATOM   247  C CA  . LYS A 1 31  ? 3.033   -3.040  -15.512 1.00 45.70 ? 31  LYS A CA  1 
ATOM   248  C C   . LYS A 1 31  ? 4.128   -3.914  -14.897 1.00 45.41 ? 31  LYS A C   1 
ATOM   249  O O   . LYS A 1 31  ? 3.943   -5.118  -14.711 1.00 45.31 ? 31  LYS A O   1 
ATOM   250  C CB  . LYS A 1 31  ? 2.588   -3.543  -16.902 1.00 45.87 ? 31  LYS A CB  1 
ATOM   251  C CG  . LYS A 1 31  ? 3.235   -2.902  -18.103 1.00 46.10 ? 31  LYS A CG  1 
ATOM   252  C CD  . LYS A 1 31  ? 2.558   -3.342  -19.403 1.00 47.21 ? 31  LYS A CD  1 
ATOM   253  C CE  . LYS A 1 31  ? 1.239   -2.603  -19.669 1.00 48.88 ? 31  LYS A CE  1 
ATOM   254  N NZ  . LYS A 1 31  ? 0.577   -3.067  -20.932 1.00 50.10 ? 31  LYS A NZ  1 
ATOM   255  N N   . ARG A 1 32  ? 5.260   -3.299  -14.579 1.00 45.20 ? 32  ARG A N   1 
ATOM   256  C CA  . ARG A 1 32  ? 6.282   -3.936  -13.764 1.00 45.29 ? 32  ARG A CA  1 
ATOM   257  C C   . ARG A 1 32  ? 7.086   -2.918  -12.965 1.00 44.67 ? 32  ARG A C   1 
ATOM   258  O O   . ARG A 1 32  ? 7.132   -1.728  -13.293 1.00 45.03 ? 32  ARG A O   1 
ATOM   259  C CB  . ARG A 1 32  ? 7.203   -4.865  -14.574 1.00 45.13 ? 32  ARG A CB  1 
ATOM   260  C CG  . ARG A 1 32  ? 7.615   -4.360  -15.934 1.00 46.42 ? 32  ARG A CG  1 
ATOM   261  C CD  . ARG A 1 32  ? 8.446   -5.395  -16.684 1.00 46.63 ? 32  ARG A CD  1 
ATOM   262  N NE  . ARG A 1 32  ? 7.737   -6.662  -16.849 1.00 49.27 ? 32  ARG A NE  1 
ATOM   263  C CZ  . ARG A 1 32  ? 8.105   -7.815  -16.292 1.00 51.09 ? 32  ARG A CZ  1 
ATOM   264  N NH1 . ARG A 1 32  ? 9.189   -7.887  -15.526 1.00 51.95 ? 32  ARG A NH1 1 
ATOM   265  N NH2 . ARG A 1 32  ? 7.394   -8.914  -16.514 1.00 52.27 ? 32  ARG A NH2 1 
ATOM   266  N N   . GLY A 1 33  ? 7.709   -3.388  -11.901 1.00 43.73 ? 33  GLY A N   1 
ATOM   267  C CA  . GLY A 1 33  ? 8.375   -2.493  -10.984 1.00 42.94 ? 33  GLY A CA  1 
ATOM   268  C C   . GLY A 1 33  ? 9.182   -3.283  -9.997  1.00 42.46 ? 33  GLY A C   1 
ATOM   269  O O   . GLY A 1 33  ? 8.915   -4.465  -9.755  1.00 42.43 ? 33  GLY A O   1 
ATOM   270  N N   . ARG A 1 34  ? 10.189  -2.625  -9.444  1.00 42.11 ? 34  ARG A N   1 
ATOM   271  C CA  . ARG A 1 34  ? 11.056  -3.228  -8.462  1.00 41.84 ? 34  ARG A CA  1 
ATOM   272  C C   . ARG A 1 34  ? 11.610  -2.127  -7.578  1.00 41.46 ? 34  ARG A C   1 
ATOM   273  O O   . ARG A 1 34  ? 12.031  -1.085  -8.077  1.00 41.83 ? 34  ARG A O   1 
ATOM   274  C CB  . ARG A 1 34  ? 12.189  -3.986  -9.157  1.00 42.03 ? 34  ARG A CB  1 
ATOM   275  C CG  . ARG A 1 34  ? 13.136  -4.646  -8.205  1.00 43.21 ? 34  ARG A CG  1 
ATOM   276  C CD  . ARG A 1 34  ? 14.182  -5.471  -8.913  1.00 44.31 ? 34  ARG A CD  1 
ATOM   277  N NE  . ARG A 1 34  ? 15.219  -5.855  -7.960  1.00 45.25 ? 34  ARG A NE  1 
ATOM   278  C CZ  . ARG A 1 34  ? 15.293  -7.036  -7.354  1.00 44.96 ? 34  ARG A CZ  1 
ATOM   279  N NH1 . ARG A 1 34  ? 14.397  -7.984  -7.611  1.00 45.82 ? 34  ARG A NH1 1 
ATOM   280  N NH2 . ARG A 1 34  ? 16.273  -7.267  -6.492  1.00 44.52 ? 34  ARG A NH2 1 
ATOM   281  N N   . MET A 1 35  ? 11.585  -2.345  -6.269  1.00 40.33 ? 35  MET A N   1 
ATOM   282  C CA  . MET A 1 35  ? 12.329  -1.504  -5.349  1.00 39.38 ? 35  MET A CA  1 
ATOM   283  C C   . MET A 1 35  ? 13.148  -2.386  -4.433  1.00 38.89 ? 35  MET A C   1 
ATOM   284  O O   . MET A 1 35  ? 12.783  -3.537  -4.165  1.00 38.98 ? 35  MET A O   1 
ATOM   285  C CB  . MET A 1 35  ? 11.405  -0.618  -4.510  1.00 39.25 ? 35  MET A CB  1 
ATOM   286  C CG  . MET A 1 35  ? 10.604  0.400   -5.291  1.00 39.07 ? 35  MET A CG  1 
ATOM   287  S SD  . MET A 1 35  ? 9.691   1.438   -4.153  1.00 39.10 ? 35  MET A SD  1 
ATOM   288  C CE  . MET A 1 35  ? 10.798  2.824   -3.947  1.00 37.70 ? 35  MET A CE  1 
ATOM   289  N N   . GLU A 1 36  ? 14.249  -1.842  -3.937  1.00 38.06 ? 36  GLU A N   1 
ATOM   290  C CA  . GLU A 1 36  ? 15.064  -2.565  -2.991  1.00 38.15 ? 36  GLU A CA  1 
ATOM   291  C C   . GLU A 1 36  ? 15.085  -1.805  -1.688  1.00 37.16 ? 36  GLU A C   1 
ATOM   292  O O   . GLU A 1 36  ? 14.807  -0.605  -1.673  1.00 37.54 ? 36  GLU A O   1 
ATOM   293  C CB  . GLU A 1 36  ? 16.483  -2.745  -3.528  1.00 38.08 ? 36  GLU A CB  1 
ATOM   294  C CG  . GLU A 1 36  ? 16.557  -3.571  -4.808  1.00 39.67 ? 36  GLU A CG  1 
ATOM   295  C CD  . GLU A 1 36  ? 17.982  -3.751  -5.296  1.00 40.09 ? 36  GLU A CD  1 
ATOM   296  O OE1 . GLU A 1 36  ? 18.814  -4.323  -4.549  1.00 43.02 ? 36  GLU A OE1 1 
ATOM   297  O OE2 . GLU A 1 36  ? 18.264  -3.327  -6.433  1.00 42.51 ? 36  GLU A OE2 1 
ATOM   298  N N   . GLU A 1 37  ? 15.409  -2.510  -0.604  1.00 35.78 ? 37  GLU A N   1 
ATOM   299  C CA  . GLU A 1 37  ? 15.604  -1.897  0.711   1.00 35.07 ? 37  GLU A CA  1 
ATOM   300  C C   . GLU A 1 37  ? 14.381  -1.031  1.047   1.00 33.74 ? 37  GLU A C   1 
ATOM   301  O O   . GLU A 1 37  ? 14.489  0.191   1.228   1.00 33.45 ? 37  GLU A O   1 
ATOM   302  C CB  . GLU A 1 37  ? 16.909  -1.077  0.723   1.00 35.49 ? 37  GLU A CB  1 
ATOM   303  C CG  . GLU A 1 37  ? 17.833  -1.348  1.900   1.00 38.07 ? 37  GLU A CG  1 
ATOM   304  C CD  . GLU A 1 37  ? 18.291  -2.793  1.986   1.00 39.56 ? 37  GLU A CD  1 
ATOM   305  O OE1 . GLU A 1 37  ? 18.529  -3.419  0.930   1.00 43.21 ? 37  GLU A OE1 1 
ATOM   306  O OE2 . GLU A 1 37  ? 18.411  -3.309  3.113   1.00 40.15 ? 37  GLU A OE2 1 
ATOM   307  N N   . VAL A 1 38  ? 13.226  -1.695  1.155   1.00 31.14 ? 38  VAL A N   1 
ATOM   308  C CA  . VAL A 1 38  ? 11.935  -1.043  0.991   1.00 28.70 ? 38  VAL A CA  1 
ATOM   309  C C   . VAL A 1 38  ? 10.923  -1.526  2.026   1.00 27.34 ? 38  VAL A C   1 
ATOM   310  O O   . VAL A 1 38  ? 10.837  -2.719  2.316   1.00 26.22 ? 38  VAL A O   1 
ATOM   311  C CB  . VAL A 1 38  ? 11.408  -1.276  -0.470  1.00 29.26 ? 38  VAL A CB  1 
ATOM   312  C CG1 . VAL A 1 38  ? 11.340  -2.769  -0.814  1.00 28.52 ? 38  VAL A CG1 1 
ATOM   313  C CG2 . VAL A 1 38  ? 10.069  -0.573  -0.746  1.00 26.82 ? 38  VAL A CG2 1 
ATOM   314  N N   . LEU A 1 39  ? 10.181  -0.588  2.600   1.00 25.70 ? 39  LEU A N   1 
ATOM   315  C CA  . LEU A 1 39  ? 9.064   -0.936  3.459   1.00 24.58 ? 39  LEU A CA  1 
ATOM   316  C C   . LEU A 1 39  ? 7.853   -1.119  2.560   1.00 24.28 ? 39  LEU A C   1 
ATOM   317  O O   . LEU A 1 39  ? 7.342   -0.145  1.972   1.00 24.24 ? 39  LEU A O   1 
ATOM   318  C CB  . LEU A 1 39  ? 8.812   0.151   4.501   1.00 24.43 ? 39  LEU A CB  1 
ATOM   319  C CG  . LEU A 1 39  ? 7.705   -0.135  5.524   1.00 22.80 ? 39  LEU A CG  1 
ATOM   320  C CD1 . LEU A 1 39  ? 8.096   -1.268  6.482   1.00 22.60 ? 39  LEU A CD1 1 
ATOM   321  C CD2 . LEU A 1 39  ? 7.375   1.118   6.294   1.00 23.44 ? 39  LEU A CD2 1 
ATOM   322  N N   . VAL A 1 40  ? 7.408   -2.367  2.421   1.00 23.57 ? 40  VAL A N   1 
ATOM   323  C CA  . VAL A 1 40  ? 6.227   -2.667  1.615   1.00 22.67 ? 40  VAL A CA  1 
ATOM   324  C C   . VAL A 1 40  ? 4.961   -2.575  2.471   1.00 22.72 ? 40  VAL A C   1 
ATOM   325  O O   . VAL A 1 40  ? 4.843   -3.246  3.496   1.00 22.35 ? 40  VAL A O   1 
ATOM   326  C CB  . VAL A 1 40  ? 6.315   -4.053  0.952   1.00 22.94 ? 40  VAL A CB  1 
ATOM   327  C CG1 . VAL A 1 40  ? 5.117   -4.278  0.008   1.00 21.36 ? 40  VAL A CG1 1 
ATOM   328  C CG2 . VAL A 1 40  ? 7.642   -4.194  0.176   1.00 23.42 ? 40  VAL A CG2 1 
ATOM   329  N N   . ALA A 1 41  ? 4.031   -1.736  2.036   1.00 22.28 ? 41  ALA A N   1 
ATOM   330  C CA  . ALA A 1 41  ? 2.788   -1.505  2.745   1.00 21.79 ? 41  ALA A CA  1 
ATOM   331  C C   . ALA A 1 41  ? 1.691   -2.190  1.944   1.00 21.32 ? 41  ALA A C   1 
ATOM   332  O O   . ALA A 1 41  ? 1.239   -1.671  0.924   1.00 22.09 ? 41  ALA A O   1 
ATOM   333  C CB  . ALA A 1 41  ? 2.523   -0.013  2.872   1.00 21.57 ? 41  ALA A CB  1 
ATOM   334  N N   . PHE A 1 42  ? 1.308   -3.390  2.374   1.00 20.69 ? 42  PHE A N   1 
ATOM   335  C CA  . PHE A 1 42  ? 0.146   -4.093  1.797   1.00 19.89 ? 42  PHE A CA  1 
ATOM   336  C C   . PHE A 1 42  ? -1.140  -3.512  2.401   1.00 19.61 ? 42  PHE A C   1 
ATOM   337  O O   . PHE A 1 42  ? -1.325  -3.561  3.622   1.00 19.57 ? 42  PHE A O   1 
ATOM   338  C CB  . PHE A 1 42  ? 0.232   -5.600  2.094   1.00 19.89 ? 42  PHE A CB  1 
ATOM   339  C CG  . PHE A 1 42  ? 1.376   -6.301  1.402   1.00 19.81 ? 42  PHE A CG  1 
ATOM   340  C CD1 . PHE A 1 42  ? 1.266   -6.700  0.065   1.00 21.11 ? 42  PHE A CD1 1 
ATOM   341  C CD2 . PHE A 1 42  ? 2.557   -6.569  2.072   1.00 19.64 ? 42  PHE A CD2 1 
ATOM   342  C CE1 . PHE A 1 42  ? 2.338   -7.351  -0.596  1.00 21.85 ? 42  PHE A CE1 1 
ATOM   343  C CE2 . PHE A 1 42  ? 3.622   -7.231  1.416   1.00 20.95 ? 42  PHE A CE2 1 
ATOM   344  C CZ  . PHE A 1 42  ? 3.506   -7.622  0.088   1.00 19.85 ? 42  PHE A CZ  1 
ATOM   345  N N   . ILE A 1 43  ? -2.018  -2.949  1.572   1.00 18.72 ? 43  ILE A N   1 
ATOM   346  C CA  . ILE A 1 43  ? -3.127  -2.162  2.119   1.00 19.45 ? 43  ILE A CA  1 
ATOM   347  C C   . ILE A 1 43  ? -4.506  -2.677  1.716   1.00 19.28 ? 43  ILE A C   1 
ATOM   348  O O   . ILE A 1 43  ? -4.789  -2.833  0.530   1.00 20.65 ? 43  ILE A O   1 
ATOM   349  C CB  . ILE A 1 43  ? -2.984  -0.615  1.814   1.00 19.12 ? 43  ILE A CB  1 
ATOM   350  C CG1 . ILE A 1 43  ? -1.718  -0.072  2.485   1.00 19.50 ? 43  ILE A CG1 1 
ATOM   351  C CG2 . ILE A 1 43  ? -4.263  0.170   2.255   1.00 18.73 ? 43  ILE A CG2 1 
ATOM   352  C CD1 . ILE A 1 43  ? -1.253  1.311   2.008   1.00 19.66 ? 43  ILE A CD1 1 
ATOM   353  N N   . SER A 1 44  ? -5.341  -2.961  2.719   1.00 19.31 ? 44  SER A N   1 
ATOM   354  C CA  . SER A 1 44  ? -6.768  -3.237  2.509   1.00 19.38 ? 44  SER A CA  1 
ATOM   355  C C   . SER A 1 44  ? -7.615  -2.052  2.916   1.00 19.31 ? 44  SER A C   1 
ATOM   356  O O   . SER A 1 44  ? -7.723  -1.746  4.102   1.00 19.46 ? 44  SER A O   1 
ATOM   357  C CB  . SER A 1 44  ? -7.230  -4.459  3.318   1.00 19.59 ? 44  SER A CB  1 
ATOM   358  O OG  . SER A 1 44  ? -6.551  -5.631  2.919   1.00 19.44 ? 44  SER A OG  1 
ATOM   359  N N   . VAL A 1 45  ? -8.241  -1.410  1.943   1.00 19.29 ? 45  VAL A N   1 
ATOM   360  C CA  . VAL A 1 45  ? -9.138  -0.294  2.225   1.00 20.58 ? 45  VAL A CA  1 
ATOM   361  C C   . VAL A 1 45  ? -10.511 -0.864  2.557   1.00 21.08 ? 45  VAL A C   1 
ATOM   362  O O   . VAL A 1 45  ? -11.051 -1.690  1.799   1.00 21.40 ? 45  VAL A O   1 
ATOM   363  C CB  . VAL A 1 45  ? -9.210  0.705   1.064   1.00 21.10 ? 45  VAL A CB  1 
ATOM   364  C CG1 . VAL A 1 45  ? -10.071 1.911   1.459   1.00 20.01 ? 45  VAL A CG1 1 
ATOM   365  C CG2 . VAL A 1 45  ? -7.808  1.158   0.677   1.00 21.70 ? 45  VAL A CG2 1 
ATOM   366  N N   . GLU A 1 46  ? -11.046 -0.436  3.694   1.00 21.38 ? 46  GLU A N   1 
ATOM   367  C CA  . GLU A 1 46  ? -12.257 -1.033  4.274   1.00 22.76 ? 46  GLU A CA  1 
ATOM   368  C C   . GLU A 1 46  ? -13.458 -0.116  4.143   1.00 23.03 ? 46  GLU A C   1 
ATOM   369  O O   . GLU A 1 46  ? -13.325 1.104   3.958   1.00 22.97 ? 46  GLU A O   1 
ATOM   370  C CB  . GLU A 1 46  ? -12.063 -1.381  5.762   1.00 21.92 ? 46  GLU A CB  1 
ATOM   371  C CG  . GLU A 1 46  ? -11.075 -2.517  6.047   1.00 23.38 ? 46  GLU A CG  1 
ATOM   372  C CD  . GLU A 1 46  ? -10.915 -2.814  7.545   1.00 23.85 ? 46  GLU A CD  1 
ATOM   373  O OE1 . GLU A 1 46  ? -10.570 -1.884  8.310   1.00 24.25 ? 46  GLU A OE1 1 
ATOM   374  O OE2 . GLU A 1 46  ? -11.121 -3.983  7.959   1.00 23.12 ? 46  GLU A OE2 1 
ATOM   375  N N   . LYS A 1 47  ? -14.634 -0.730  4.248   1.00 23.22 ? 47  LYS A N   1 
ATOM   376  C CA  . LYS A 1 47  ? -15.909 -0.046  4.191   1.00 23.09 ? 47  LYS A CA  1 
ATOM   377  C C   . LYS A 1 47  ? -15.996 1.151   5.146   1.00 23.67 ? 47  LYS A C   1 
ATOM   378  O O   . LYS A 1 47  ? -16.421 2.227   4.725   1.00 23.52 ? 47  LYS A O   1 
ATOM   379  C CB  . LYS A 1 47  ? -17.062 -1.057  4.417   1.00 22.90 ? 47  LYS A CB  1 
ATOM   380  C CG  . LYS A 1 47  ? -18.483 -0.490  4.379   1.00 21.68 ? 47  LYS A CG  1 
ATOM   381  C CD  . LYS A 1 47  ? -18.793 0.303   3.124   1.00 23.26 ? 47  LYS A CD  1 
ATOM   382  C CE  . LYS A 1 47  ? -18.903 -0.584  1.891   1.00 23.04 ? 47  LYS A CE  1 
ATOM   383  N NZ  . LYS A 1 47  ? -19.197 0.188   0.640   1.00 25.98 ? 47  LYS A NZ  1 
ATOM   384  N N   . VAL A 1 48  ? -15.588 0.990   6.404   1.00 24.30 ? 48  VAL A N   1 
ATOM   385  C CA  . VAL A 1 48  ? -15.697 2.096   7.370   1.00 25.60 ? 48  VAL A CA  1 
ATOM   386  C C   . VAL A 1 48  ? -14.813 3.317   6.955   1.00 25.14 ? 48  VAL A C   1 
ATOM   387  O O   . VAL A 1 48  ? -15.073 4.449   7.372   1.00 25.00 ? 48  VAL A O   1 
ATOM   388  C CB  . VAL A 1 48  ? -15.424 1.645   8.849   1.00 26.11 ? 48  VAL A CB  1 
ATOM   389  C CG1 . VAL A 1 48  ? -15.280 2.849   9.783   1.00 28.93 ? 48  VAL A CG1 1 
ATOM   390  C CG2 . VAL A 1 48  ? -16.549 0.730   9.374   1.00 27.86 ? 48  VAL A CG2 1 
ATOM   391  N N   . ASP A 1 49  ? -13.803 3.086   6.117   1.00 24.45 ? 49  ASP A N   1 
ATOM   392  C CA  . ASP A 1 49  ? -12.924 4.178   5.637   1.00 24.60 ? 49  ASP A CA  1 
ATOM   393  C C   . ASP A 1 49  ? -13.663 5.166   4.724   1.00 24.95 ? 49  ASP A C   1 
ATOM   394  O O   . ASP A 1 49  ? -13.213 6.305   4.536   1.00 24.09 ? 49  ASP A O   1 
ATOM   395  C CB  . ASP A 1 49  ? -11.690 3.631   4.891   1.00 23.29 ? 49  ASP A CB  1 
ATOM   396  C CG  . ASP A 1 49  ? -10.840 2.670   5.742   1.00 22.67 ? 49  ASP A CG  1 
ATOM   397  O OD1 . ASP A 1 49  ? -10.823 2.763   6.987   1.00 23.30 ? 49  ASP A OD1 1 
ATOM   398  O OD2 . ASP A 1 49  ? -10.170 1.815   5.146   1.00 20.52 ? 49  ASP A OD2 1 
ATOM   399  N N   . GLU A 1 50  ? -14.789 4.729   4.165   1.00 26.02 ? 50  GLU A N   1 
ATOM   400  C CA  . GLU A 1 50  ? -15.591 5.585   3.271   1.00 27.57 ? 50  GLU A CA  1 
ATOM   401  C C   . GLU A 1 50  ? -16.226 6.776   4.008   1.00 27.81 ? 50  GLU A C   1 
ATOM   402  O O   . GLU A 1 50  ? -16.558 7.770   3.384   1.00 28.32 ? 50  GLU A O   1 
ATOM   403  C CB  . GLU A 1 50  ? -16.665 4.785   2.503   1.00 26.95 ? 50  GLU A CB  1 
ATOM   404  C CG  . GLU A 1 50  ? -16.122 3.625   1.621   1.00 28.02 ? 50  GLU A CG  1 
ATOM   405  C CD  . GLU A 1 50  ? -17.228 2.886   0.848   1.00 28.71 ? 50  GLU A CD  1 
ATOM   406  O OE1 . GLU A 1 50  ? -18.275 3.490   0.544   1.00 29.39 ? 50  GLU A OE1 1 
ATOM   407  O OE2 . GLU A 1 50  ? -17.040 1.697   0.521   1.00 31.25 ? 50  GLU A OE2 1 
ATOM   408  N N   . LYS A 1 51  ? -16.391 6.671   5.323   1.00 28.91 ? 51  LYS A N   1 
ATOM   409  C CA  . LYS A 1 51  ? -16.891 7.796   6.135   1.00 29.82 ? 51  LYS A CA  1 
ATOM   410  C C   . LYS A 1 51  ? -15.955 9.025   6.039   1.00 29.40 ? 51  LYS A C   1 
ATOM   411  O O   . LYS A 1 51  ? -16.412 10.171  6.016   1.00 29.22 ? 51  LYS A O   1 
ATOM   412  C CB  . LYS A 1 51  ? -17.043 7.384   7.594   1.00 30.36 ? 51  LYS A CB  1 
ATOM   413  C CG  . LYS A 1 51  ? -18.157 6.375   7.874   1.00 33.32 ? 51  LYS A CG  1 
ATOM   414  C CD  . LYS A 1 51  ? -17.850 5.570   9.145   1.00 37.44 ? 51  LYS A CD  1 
ATOM   415  C CE  . LYS A 1 51  ? -18.902 4.483   9.390   1.00 38.93 ? 51  LYS A CE  1 
ATOM   416  N NZ  . LYS A 1 51  ? -18.695 3.788   10.694  1.00 39.80 ? 51  LYS A NZ  1 
ATOM   417  N N   . ASN A 1 52  ? -14.646 8.783   5.975   1.00 28.47 ? 52  ASN A N   1 
ATOM   418  C CA  . ASN A 1 52  ? -13.677 9.886   5.911   1.00 27.40 ? 52  ASN A CA  1 
ATOM   419  C C   . ASN A 1 52  ? -12.362 9.503   5.241   1.00 26.82 ? 52  ASN A C   1 
ATOM   420  O O   . ASN A 1 52  ? -11.382 9.242   5.928   1.00 25.91 ? 52  ASN A O   1 
ATOM   421  C CB  . ASN A 1 52  ? -13.413 10.478  7.305   1.00 27.77 ? 52  ASN A CB  1 
ATOM   422  C CG  . ASN A 1 52  ? -12.936 11.933  7.234   1.00 27.20 ? 52  ASN A CG  1 
ATOM   423  O OD1 . ASN A 1 52  ? -12.238 12.323  6.296   1.00 26.44 ? 52  ASN A OD1 1 
ATOM   424  N ND2 . ASN A 1 52  ? -13.316 12.736  8.227   1.00 30.23 ? 52  ASN A ND2 1 
ATOM   425  N N   . PRO A 1 53  ? -12.358 9.446   3.898   1.00 26.77 ? 53  PRO A N   1 
ATOM   426  C CA  . PRO A 1 53  ? -11.173 9.092   3.137   1.00 26.57 ? 53  PRO A CA  1 
ATOM   427  C C   . PRO A 1 53  ? -9.944  9.913   3.518   1.00 26.94 ? 53  PRO A C   1 
ATOM   428  O O   . PRO A 1 53  ? -8.855  9.349   3.646   1.00 26.71 ? 53  PRO A O   1 
ATOM   429  C CB  . PRO A 1 53  ? -11.597 9.340   1.689   1.00 26.54 ? 53  PRO A CB  1 
ATOM   430  C CG  . PRO A 1 53  ? -13.098 9.082   1.710   1.00 27.27 ? 53  PRO A CG  1 
ATOM   431  C CD  . PRO A 1 53  ? -13.535 9.656   3.022   1.00 26.92 ? 53  PRO A CD  1 
ATOM   432  N N   . GLU A 1 54  ? -10.121 11.219  3.722   1.00 26.69 ? 54  GLU A N   1 
ATOM   433  C CA  . GLU A 1 54  ? -9.001  12.085  4.040   1.00 26.62 ? 54  GLU A CA  1 
ATOM   434  C C   . GLU A 1 54  ? -8.370  11.769  5.402   1.00 25.86 ? 54  GLU A C   1 
ATOM   435  O O   . GLU A 1 54  ? -7.146  11.638  5.493   1.00 25.89 ? 54  GLU A O   1 
ATOM   436  C CB  . GLU A 1 54  ? -9.409  13.556  3.967   1.00 26.82 ? 54  GLU A CB  1 
ATOM   437  C CG  . GLU A 1 54  ? -8.253  14.493  4.253   1.00 29.50 ? 54  GLU A CG  1 
ATOM   438  C CD  . GLU A 1 54  ? -8.720  15.896  4.525   1.00 32.26 ? 54  GLU A CD  1 
ATOM   439  O OE1 . GLU A 1 54  ? -9.463  16.450  3.691   1.00 33.68 ? 54  GLU A OE1 1 
ATOM   440  O OE2 . GLU A 1 54  ? -8.346  16.433  5.578   1.00 36.20 ? 54  GLU A OE2 1 
ATOM   441  N N   . GLU A 1 55  ? -9.198  11.659  6.439   1.00 24.85 ? 55  GLU A N   1 
ATOM   442  C CA  . GLU A 1 55  ? -8.731  11.380  7.798   1.00 25.84 ? 55  GLU A CA  1 
ATOM   443  C C   . GLU A 1 55  ? -7.984  10.048  7.868   1.00 24.96 ? 55  GLU A C   1 
ATOM   444  O O   . GLU A 1 55  ? -6.921  9.970   8.497   1.00 23.89 ? 55  GLU A O   1 
ATOM   445  C CB  . GLU A 1 55  ? -9.914  11.364  8.773   1.00 25.58 ? 55  GLU A CB  1 
ATOM   446  C CG  . GLU A 1 55  ? -9.544  11.318  10.261  1.00 28.35 ? 55  GLU A CG  1 
ATOM   447  C CD  . GLU A 1 55  ? -10.614 10.653  11.145  1.00 28.44 ? 55  GLU A CD  1 
ATOM   448  O OE1 . GLU A 1 55  ? -11.811 10.623  10.778  1.00 31.24 ? 55  GLU A OE1 1 
ATOM   449  O OE2 . GLU A 1 55  ? -10.248 10.152  12.222  1.00 33.48 ? 55  GLU A OE2 1 
ATOM   450  N N   . VAL A 1 56  ? -8.560  9.011   7.246   1.00 24.00 ? 56  VAL A N   1 
ATOM   451  C CA  . VAL A 1 56  ? -7.961  7.663   7.225   1.00 24.40 ? 56  VAL A CA  1 
ATOM   452  C C   . VAL A 1 56  ? -6.600  7.697   6.533   1.00 22.99 ? 56  VAL A C   1 
ATOM   453  O O   . VAL A 1 56  ? -5.639  7.111   7.008   1.00 22.81 ? 56  VAL A O   1 
ATOM   454  C CB  . VAL A 1 56  ? -8.838  6.614   6.438   1.00 23.88 ? 56  VAL A CB  1 
ATOM   455  C CG1 . VAL A 1 56  ? -8.140  5.253   6.423   1.00 27.15 ? 56  VAL A CG1 1 
ATOM   456  C CG2 . VAL A 1 56  ? -10.174 6.447   7.065   1.00 26.55 ? 56  VAL A CG2 1 
ATOM   457  N N   . SER A 1 57  ? -6.547  8.346   5.378   1.00 22.96 ? 57  SER A N   1 
ATOM   458  C CA  . SER A 1 57  ? -5.299  8.414   4.603   1.00 22.91 ? 57  SER A CA  1 
ATOM   459  C C   . SER A 1 57  ? -4.192  9.108   5.390   1.00 23.15 ? 57  SER A C   1 
ATOM   460  O O   . SER A 1 57  ? -3.059  8.627   5.447   1.00 23.34 ? 57  SER A O   1 
ATOM   461  C CB  . SER A 1 57  ? -5.533  9.147   3.306   1.00 22.84 ? 57  SER A CB  1 
ATOM   462  O OG  . SER A 1 57  ? -6.478  8.458   2.537   1.00 23.65 ? 57  SER A OG  1 
ATOM   463  N N   . LEU A 1 58  ? -4.524  10.239  5.998   1.00 23.45 ? 58  LEU A N   1 
ATOM   464  C CA  . LEU A 1 58  ? -3.556  10.981  6.786   1.00 24.14 ? 58  LEU A CA  1 
ATOM   465  C C   . LEU A 1 58  ? -3.014  10.118  7.935   1.00 24.13 ? 58  LEU A C   1 
ATOM   466  O O   . LEU A 1 58  ? -1.807  10.058  8.138   1.00 23.39 ? 58  LEU A O   1 
ATOM   467  C CB  . LEU A 1 58  ? -4.148  12.309  7.289   1.00 24.93 ? 58  LEU A CB  1 
ATOM   468  C CG  . LEU A 1 58  ? -4.556  13.393  6.260   1.00 26.63 ? 58  LEU A CG  1 
ATOM   469  C CD1 . LEU A 1 58  ? -4.944  14.703  6.945   1.00 29.63 ? 58  LEU A CD1 1 
ATOM   470  C CD2 . LEU A 1 58  ? -3.482  13.689  5.210   1.00 31.17 ? 58  LEU A CD2 1 
ATOM   471  N N   . LYS A 1 59  ? -3.911  9.423   8.644   1.00 24.20 ? 59  LYS A N   1 
ATOM   472  C CA  . LYS A 1 59  ? -3.525  8.497   9.714   1.00 24.73 ? 59  LYS A CA  1 
ATOM   473  C C   . LYS A 1 59  ? -2.616  7.381   9.197   1.00 23.85 ? 59  LYS A C   1 
ATOM   474  O O   . LYS A 1 59  ? -1.621  7.047   9.824   1.00 24.36 ? 59  LYS A O   1 
ATOM   475  C CB  . LYS A 1 59  ? -4.767  7.906   10.373  1.00 24.68 ? 59  LYS A CB  1 
ATOM   476  C CG  . LYS A 1 59  ? -5.357  8.738   11.508  1.00 28.60 ? 59  LYS A CG  1 
ATOM   477  C CD  . LYS A 1 59  ? -6.743  8.233   11.839  1.00 32.97 ? 59  LYS A CD  1 
ATOM   478  C CE  . LYS A 1 59  ? -7.176  8.638   13.223  1.00 37.15 ? 59  LYS A CE  1 
ATOM   479  N NZ  . LYS A 1 59  ? -8.566  8.161   13.477  1.00 40.00 ? 59  LYS A NZ  1 
ATOM   480  N N   . ALA A 1 60  ? -2.963  6.817   8.047   1.00 23.70 ? 60  ALA A N   1 
ATOM   481  C CA  . ALA A 1 60  ? -2.122  5.811   7.375   1.00 22.93 ? 60  ALA A CA  1 
ATOM   482  C C   . ALA A 1 60  ? -0.761  6.380   7.005   1.00 22.83 ? 60  ALA A C   1 
ATOM   483  O O   . ALA A 1 60  ? 0.256   5.766   7.253   1.00 22.78 ? 60  ALA A O   1 
ATOM   484  C CB  . ALA A 1 60  ? -2.838  5.272   6.126   1.00 22.14 ? 60  ALA A CB  1 
ATOM   485  N N   . ILE A 1 61  ? -0.742  7.579   6.443   1.00 22.85 ? 61  ILE A N   1 
ATOM   486  C CA  . ILE A 1 61  ? 0.515   8.213   6.035   1.00 23.91 ? 61  ILE A CA  1 
ATOM   487  C C   . ILE A 1 61  ? 1.452   8.364   7.242   1.00 24.46 ? 61  ILE A C   1 
ATOM   488  O O   . ILE A 1 61  ? 2.650   8.069   7.150   1.00 24.11 ? 61  ILE A O   1 
ATOM   489  C CB  . ILE A 1 61  ? 0.243   9.575   5.330   1.00 23.98 ? 61  ILE A CB  1 
ATOM   490  C CG1 . ILE A 1 61  ? -0.421  9.338   3.973   1.00 23.58 ? 61  ILE A CG1 1 
ATOM   491  C CG2 . ILE A 1 61  ? 1.529   10.444  5.224   1.00 23.64 ? 61  ILE A CG2 1 
ATOM   492  C CD1 . ILE A 1 61  ? -1.150  10.557  3.435   1.00 22.12 ? 61  ILE A CD1 1 
ATOM   493  N N   . GLU A 1 62  ? 0.884   8.790   8.369   1.00 25.30 ? 62  GLU A N   1 
ATOM   494  C CA  . GLU A 1 62  ? 1.618   8.949   9.619   1.00 26.47 ? 62  GLU A CA  1 
ATOM   495  C C   . GLU A 1 62  ? 2.144   7.614   10.166  1.00 25.72 ? 62  GLU A C   1 
ATOM   496  O O   . GLU A 1 62  ? 3.305   7.520   10.555  1.00 24.73 ? 62  GLU A O   1 
ATOM   497  C CB  . GLU A 1 62  ? 0.730   9.657   10.648  1.00 27.28 ? 62  GLU A CB  1 
ATOM   498  C CG  . GLU A 1 62  ? 1.428   10.091  11.930  1.00 32.67 ? 62  GLU A CG  1 
ATOM   499  C CD  . GLU A 1 62  ? 2.323   11.331  11.756  1.00 38.55 ? 62  GLU A CD  1 
ATOM   500  O OE1 . GLU A 1 62  ? 3.310   11.267  10.988  1.00 40.66 ? 62  GLU A OE1 1 
ATOM   501  O OE2 . GLU A 1 62  ? 2.051   12.368  12.412  1.00 42.33 ? 62  GLU A OE2 1 
ATOM   502  N N   . GLU A 1 63  ? 1.294   6.587   10.192  1.00 25.22 ? 63  GLU A N   1 
ATOM   503  C CA  . GLU A 1 63  ? 1.701   5.282   10.690  1.00 25.05 ? 63  GLU A CA  1 
ATOM   504  C C   . GLU A 1 63  ? 2.766   4.602   9.855   1.00 24.09 ? 63  GLU A C   1 
ATOM   505  O O   . GLU A 1 63  ? 3.676   3.963   10.396  1.00 23.00 ? 63  GLU A O   1 
ATOM   506  C CB  . GLU A 1 63  ? 0.493   4.353   10.870  1.00 25.82 ? 63  GLU A CB  1 
ATOM   507  C CG  . GLU A 1 63  ? -0.382  4.757   12.035  1.00 30.17 ? 63  GLU A CG  1 
ATOM   508  C CD  . GLU A 1 63  ? 0.425   5.026   13.300  1.00 35.54 ? 63  GLU A CD  1 
ATOM   509  O OE1 . GLU A 1 63  ? 1.004   4.049   13.831  1.00 36.25 ? 63  GLU A OE1 1 
ATOM   510  O OE2 . GLU A 1 63  ? 0.489   6.211   13.739  1.00 39.04 ? 63  GLU A OE2 1 
ATOM   511  N N   . ILE A 1 64  ? 2.621   4.703   8.539   1.00 23.66 ? 64  ILE A N   1 
ATOM   512  C CA  . ILE A 1 64  ? 3.558   4.094   7.605   1.00 23.50 ? 64  ILE A CA  1 
ATOM   513  C C   . ILE A 1 64  ? 4.893   4.823   7.700   1.00 23.83 ? 64  ILE A C   1 
ATOM   514  O O   . ILE A 1 64  ? 5.936   4.178   7.767   1.00 24.44 ? 64  ILE A O   1 
ATOM   515  C CB  . ILE A 1 64  ? 2.996   4.060   6.158   1.00 23.44 ? 64  ILE A CB  1 
ATOM   516  C CG1 . ILE A 1 64  ? 1.770   3.115   6.110   1.00 23.89 ? 64  ILE A CG1 1 
ATOM   517  C CG2 . ILE A 1 64  ? 4.077   3.587   5.169   1.00 22.92 ? 64  ILE A CG2 1 
ATOM   518  C CD1 . ILE A 1 64  ? 0.871   3.240   4.887   1.00 22.43 ? 64  ILE A CD1 1 
ATOM   519  N N   . SER A 1 65  ? 4.858   6.157   7.749   1.00 24.87 ? 65  SER A N   1 
ATOM   520  C CA  . SER A 1 65  ? 6.083   6.974   7.921   1.00 25.33 ? 65  SER A CA  1 
ATOM   521  C C   . SER A 1 65  ? 6.833   6.624   9.193   1.00 25.62 ? 65  SER A C   1 
ATOM   522  O O   . SER A 1 65  ? 8.056   6.481   9.176   1.00 25.82 ? 65  SER A O   1 
ATOM   523  C CB  . SER A 1 65  ? 5.764   8.475   7.904   1.00 24.86 ? 65  SER A CB  1 
ATOM   524  O OG  . SER A 1 65  ? 5.227   8.823   6.640   1.00 26.06 ? 65  SER A OG  1 
ATOM   525  N N   . LYS A 1 66  ? 6.100   6.505   10.296  1.00 25.77 ? 66  LYS A N   1 
ATOM   526  C CA  . LYS A 1 66  ? 6.693   6.150   11.581  1.00 26.59 ? 66  LYS A CA  1 
ATOM   527  C C   . LYS A 1 66  ? 7.432   4.823   11.559  1.00 26.17 ? 66  LYS A C   1 
ATOM   528  O O   . LYS A 1 66  ? 8.522   4.712   12.101  1.00 26.30 ? 66  LYS A O   1 
ATOM   529  C CB  . LYS A 1 66  ? 5.639   6.136   12.685  1.00 26.75 ? 66  LYS A CB  1 
ATOM   530  C CG  . LYS A 1 66  ? 6.241   5.821   14.046  1.00 29.62 ? 66  LYS A CG  1 
ATOM   531  C CD  . LYS A 1 66  ? 5.496   6.487   15.175  1.00 33.02 ? 66  LYS A CD  1 
ATOM   532  C CE  . LYS A 1 66  ? 4.261   5.738   15.529  1.00 33.83 ? 66  LYS A CE  1 
ATOM   533  N NZ  . LYS A 1 66  ? 3.830   6.102   16.911  1.00 35.25 ? 66  LYS A NZ  1 
ATOM   534  N N   . VAL A 1 67  ? 6.838   3.813   10.934  1.00 26.18 ? 67  VAL A N   1 
ATOM   535  C CA  . VAL A 1 67  ? 7.489   2.505   10.835  1.00 25.73 ? 67  VAL A CA  1 
ATOM   536  C C   . VAL A 1 67  ? 8.726   2.590   9.922   1.00 26.05 ? 67  VAL A C   1 
ATOM   537  O O   . VAL A 1 67  ? 9.770   2.010   10.230  1.00 24.65 ? 67  VAL A O   1 
ATOM   538  C CB  . VAL A 1 67  ? 6.494   1.400   10.405  1.00 25.12 ? 67  VAL A CB  1 
ATOM   539  C CG1 . VAL A 1 67  ? 7.217   0.127   10.019  1.00 25.94 ? 67  VAL A CG1 1 
ATOM   540  C CG2 . VAL A 1 67  ? 5.548   1.109   11.545  1.00 25.26 ? 67  VAL A CG2 1 
ATOM   541  N N   . ALA A 1 68  ? 8.610   3.336   8.823   1.00 26.45 ? 68  ALA A N   1 
ATOM   542  C CA  . ALA A 1 68  ? 9.749   3.510   7.907   1.00 28.06 ? 68  ALA A CA  1 
ATOM   543  C C   . ALA A 1 68  ? 10.895  4.207   8.625   1.00 29.29 ? 68  ALA A C   1 
ATOM   544  O O   . ALA A 1 68  ? 12.051  3.822   8.455   1.00 28.66 ? 68  ALA A O   1 
ATOM   545  C CB  . ALA A 1 68  ? 9.343   4.271   6.620   1.00 27.00 ? 68  ALA A CB  1 
ATOM   546  N N   . GLU A 1 69  ? 10.565  5.200   9.451   1.00 30.82 ? 69  GLU A N   1 
ATOM   547  C CA  . GLU A 1 69  ? 11.569  5.882   10.259  1.00 33.58 ? 69  GLU A CA  1 
ATOM   548  C C   . GLU A 1 69  ? 12.238  4.913   11.230  1.00 34.29 ? 69  GLU A C   1 
ATOM   549  O O   . GLU A 1 69  ? 13.452  4.958   11.374  1.00 34.71 ? 69  GLU A O   1 
ATOM   550  C CB  . GLU A 1 69  ? 10.985  7.063   11.047  1.00 34.08 ? 69  GLU A CB  1 
ATOM   551  C CG  . GLU A 1 69  ? 10.065  8.010   10.273  1.00 38.25 ? 69  GLU A CG  1 
ATOM   552  C CD  . GLU A 1 69  ? 10.788  9.048   9.424   1.00 43.53 ? 69  GLU A CD  1 
ATOM   553  O OE1 . GLU A 1 69  ? 11.800  8.705   8.757   1.00 45.22 ? 69  GLU A OE1 1 
ATOM   554  O OE2 . GLU A 1 69  ? 10.315  10.213  9.413   1.00 43.83 ? 69  GLU A OE2 1 
ATOM   555  N N   . GLN A 1 70  ? 11.452  4.041   11.880  1.00 35.18 ? 70  GLN A N   1 
ATOM   556  C CA  . GLN A 1 70  ? 11.983  3.058   12.854  1.00 35.99 ? 70  GLN A CA  1 
ATOM   557  C C   . GLN A 1 70  ? 12.988  2.093   12.237  1.00 35.59 ? 70  GLN A C   1 
ATOM   558  O O   . GLN A 1 70  ? 14.009  1.779   12.846  1.00 36.21 ? 70  GLN A O   1 
ATOM   559  C CB  . GLN A 1 70  ? 10.867  2.210   13.473  1.00 35.82 ? 70  GLN A CB  1 
ATOM   560  C CG  . GLN A 1 70  ? 10.036  2.871   14.559  1.00 38.23 ? 70  GLN A CG  1 
ATOM   561  C CD  . GLN A 1 70  ? 8.779   2.066   14.875  1.00 38.43 ? 70  GLN A CD  1 
ATOM   562  O OE1 . GLN A 1 70  ? 8.859   0.909   15.284  1.00 42.38 ? 70  GLN A OE1 1 
ATOM   563  N NE2 . GLN A 1 70  ? 7.611   2.669   14.659  1.00 41.28 ? 70  GLN A NE2 1 
ATOM   564  N N   . VAL A 1 71  ? 12.664  1.587   11.054  1.00 35.02 ? 71  VAL A N   1 
ATOM   565  C CA  . VAL A 1 71  ? 13.480  0.583   10.380  1.00 34.17 ? 71  VAL A CA  1 
ATOM   566  C C   . VAL A 1 71  ? 14.446  1.251   9.415   1.00 34.13 ? 71  VAL A C   1 
ATOM   567  O O   . VAL A 1 71  ? 15.160  0.572   8.674   1.00 33.58 ? 71  VAL A O   1 
ATOM   568  C CB  . VAL A 1 71  ? 12.610  -0.454  9.607   1.00 34.03 ? 71  VAL A CB  1 
ATOM   569  C CG1 . VAL A 1 71  ? 11.643  -1.159  10.555  1.00 34.19 ? 71  VAL A CG1 1 
ATOM   570  C CG2 . VAL A 1 71  ? 11.871  0.201   8.432   1.00 33.04 ? 71  VAL A CG2 1 
ATOM   571  N N   . LYS A 1 72  ? 14.424  2.586   9.416   1.00 33.89 ? 72  LYS A N   1 
ATOM   572  C CA  . LYS A 1 72  ? 15.285  3.409   8.574   1.00 34.12 ? 72  LYS A CA  1 
ATOM   573  C C   . LYS A 1 72  ? 15.152  3.049   7.090   1.00 33.54 ? 72  LYS A C   1 
ATOM   574  O O   . LYS A 1 72  ? 16.163  2.862   6.401   1.00 33.65 ? 72  LYS A O   1 
ATOM   575  C CB  . LYS A 1 72  ? 16.747  3.325   9.057   1.00 34.50 ? 72  LYS A CB  1 
ATOM   576  C CG  . LYS A 1 72  ? 17.101  4.279   10.207  1.00 36.18 ? 72  LYS A CG  1 
ATOM   577  C CD  . LYS A 1 72  ? 16.498  3.873   11.549  1.00 38.37 ? 72  LYS A CD  1 
ATOM   578  C CE  . LYS A 1 72  ? 16.369  5.076   12.493  1.00 40.60 ? 72  LYS A CE  1 
ATOM   579  N NZ  . LYS A 1 72  ? 15.693  4.729   13.784  1.00 40.60 ? 72  LYS A NZ  1 
ATOM   580  N N   . ALA A 1 73  ? 13.908  2.941   6.614   1.00 32.13 ? 73  ALA A N   1 
ATOM   581  C CA  . ALA A 1 73  ? 13.625  2.729   5.197   1.00 32.12 ? 73  ALA A CA  1 
ATOM   582  C C   . ALA A 1 73  ? 13.409  4.079   4.545   1.00 32.28 ? 73  ALA A C   1 
ATOM   583  O O   . ALA A 1 73  ? 12.698  4.919   5.098   1.00 31.56 ? 73  ALA A O   1 
ATOM   584  C CB  . ALA A 1 73  ? 12.370  1.839   4.999   1.00 32.33 ? 73  ALA A CB  1 
ATOM   585  N N   . GLU A 1 74  ? 14.034  4.265   3.374   1.00 32.17 ? 74  GLU A N   1 
ATOM   586  C CA  . GLU A 1 74  ? 13.930  5.479   2.561   1.00 32.21 ? 74  GLU A CA  1 
ATOM   587  C C   . GLU A 1 74  ? 13.013  5.221   1.367   1.00 30.79 ? 74  GLU A C   1 
ATOM   588  O O   . GLU A 1 74  ? 12.565  6.155   0.692   1.00 30.49 ? 74  GLU A O   1 
ATOM   589  C CB  . GLU A 1 74  ? 15.326  5.916   2.080   1.00 32.09 ? 74  GLU A CB  1 
ATOM   590  C CG  . GLU A 1 74  ? 16.194  6.467   3.207   1.00 34.49 ? 74  GLU A CG  1 
ATOM   591  C CD  . GLU A 1 74  ? 17.541  7.011   2.746   1.00 35.15 ? 74  GLU A CD  1 
ATOM   592  O OE1 . GLU A 1 74  ? 17.742  7.203   1.512   1.00 37.90 ? 74  GLU A OE1 1 
ATOM   593  O OE2 . GLU A 1 74  ? 18.400  7.237   3.637   1.00 38.65 ? 74  GLU A OE2 1 
ATOM   594  N N   . ASN A 1 75  ? 12.729  3.944   1.128   1.00 29.13 ? 75  ASN A N   1 
ATOM   595  C CA  . ASN A 1 75  ? 11.844  3.524   0.059   1.00 27.89 ? 75  ASN A CA  1 
ATOM   596  C C   . ASN A 1 75  ? 10.574  2.890   0.647   1.00 26.64 ? 75  ASN A C   1 
ATOM   597  O O   . ASN A 1 75  ? 10.652  2.098   1.592   1.00 25.97 ? 75  ASN A O   1 
ATOM   598  C CB  . ASN A 1 75  ? 12.576  2.540   -0.852  1.00 28.13 ? 75  ASN A CB  1 
ATOM   599  C CG  . ASN A 1 75  ? 13.882  3.117   -1.406  1.00 30.44 ? 75  ASN A CG  1 
ATOM   600  O OD1 . ASN A 1 75  ? 13.875  4.161   -2.059  1.00 31.79 ? 75  ASN A OD1 1 
ATOM   601  N ND2 . ASN A 1 75  ? 14.998  2.437   -1.147  1.00 28.61 ? 75  ASN A ND2 1 
ATOM   602  N N   . VAL A 1 76  ? 9.414   3.295   0.140   1.00 25.30 ? 76  VAL A N   1 
ATOM   603  C CA  . VAL A 1 76  ? 8.127   2.696   0.546   1.00 24.52 ? 76  VAL A CA  1 
ATOM   604  C C   . VAL A 1 76  ? 7.430   2.218   -0.712  1.00 24.25 ? 76  VAL A C   1 
ATOM   605  O O   . VAL A 1 76  ? 7.555   2.846   -1.781  1.00 24.12 ? 76  VAL A O   1 
ATOM   606  C CB  . VAL A 1 76  ? 7.189   3.687   1.294   1.00 24.31 ? 76  VAL A CB  1 
ATOM   607  C CG1 . VAL A 1 76  ? 5.858   3.006   1.675   1.00 23.13 ? 76  VAL A CG1 1 
ATOM   608  C CG2 . VAL A 1 76  ? 7.868   4.274   2.541   1.00 25.79 ? 76  VAL A CG2 1 
ATOM   609  N N   . PHE A 1 77  ? 6.704   1.106   -0.606  1.00 23.58 ? 77  PHE A N   1 
ATOM   610  C CA  . PHE A 1 77  ? 5.948   0.598   -1.731  1.00 23.15 ? 77  PHE A CA  1 
ATOM   611  C C   . PHE A 1 77  ? 4.503   0.394   -1.299  1.00 22.96 ? 77  PHE A C   1 
ATOM   612  O O   . PHE A 1 77  ? 4.251   -0.274  -0.293  1.00 22.87 ? 77  PHE A O   1 
ATOM   613  C CB  . PHE A 1 77  ? 6.558   -0.724  -2.217  1.00 23.37 ? 77  PHE A CB  1 
ATOM   614  C CG  . PHE A 1 77  ? 6.076   -1.152  -3.581  1.00 24.79 ? 77  PHE A CG  1 
ATOM   615  C CD1 . PHE A 1 77  ? 6.786   -0.799  -4.735  1.00 26.31 ? 77  PHE A CD1 1 
ATOM   616  C CD2 . PHE A 1 77  ? 4.915   -1.896  -3.723  1.00 24.95 ? 77  PHE A CD2 1 
ATOM   617  C CE1 . PHE A 1 77  ? 6.334   -1.180  -5.984  1.00 25.26 ? 77  PHE A CE1 1 
ATOM   618  C CE2 . PHE A 1 77  ? 4.465   -2.269  -4.964  1.00 26.23 ? 77  PHE A CE2 1 
ATOM   619  C CZ  . PHE A 1 77  ? 5.175   -1.916  -6.097  1.00 26.17 ? 77  PHE A CZ  1 
ATOM   620  N N   . VAL A 1 78  ? 3.569   0.971   -2.051  1.00 22.73 ? 78  VAL A N   1 
ATOM   621  C CA  . VAL A 1 78  ? 2.134   0.809   -1.783  1.00 23.06 ? 78  VAL A CA  1 
ATOM   622  C C   . VAL A 1 78  ? 1.585   -0.340  -2.620  1.00 22.56 ? 78  VAL A C   1 
ATOM   623  O O   . VAL A 1 78  ? 1.472   -0.250  -3.848  1.00 22.72 ? 78  VAL A O   1 
ATOM   624  C CB  . VAL A 1 78  ? 1.314   2.122   -2.048  1.00 22.69 ? 78  VAL A CB  1 
ATOM   625  C CG1 . VAL A 1 78  ? -0.207  1.874   -1.898  1.00 21.76 ? 78  VAL A CG1 1 
ATOM   626  C CG2 . VAL A 1 78  ? 1.798   3.290   -1.132  1.00 23.94 ? 78  VAL A CG2 1 
ATOM   627  N N   . TYR A 1 79  ? 1.245   -1.429  -1.948  1.00 23.19 ? 79  TYR A N   1 
ATOM   628  C CA  . TYR A 1 79  ? 0.806   -2.616  -2.638  1.00 22.91 ? 79  TYR A CA  1 
ATOM   629  C C   . TYR A 1 79  ? -0.671  -2.890  -2.288  1.00 23.01 ? 79  TYR A C   1 
ATOM   630  O O   . TYR A 1 79  ? -0.974  -3.294  -1.171  1.00 22.59 ? 79  TYR A O   1 
ATOM   631  C CB  . TYR A 1 79  ? 1.726   -3.804  -2.298  1.00 23.65 ? 79  TYR A CB  1 
ATOM   632  C CG  . TYR A 1 79  ? 1.606   -4.944  -3.298  1.00 24.42 ? 79  TYR A CG  1 
ATOM   633  C CD1 . TYR A 1 79  ? 0.473   -5.748  -3.340  1.00 24.16 ? 79  TYR A CD1 1 
ATOM   634  C CD2 . TYR A 1 79  ? 2.613   -5.179  -4.234  1.00 26.05 ? 79  TYR A CD2 1 
ATOM   635  C CE1 . TYR A 1 79  ? 0.342   -6.783  -4.288  1.00 25.14 ? 79  TYR A CE1 1 
ATOM   636  C CE2 . TYR A 1 79  ? 2.501   -6.195  -5.175  1.00 24.02 ? 79  TYR A CE2 1 
ATOM   637  C CZ  . TYR A 1 79  ? 1.370   -6.993  -5.194  1.00 25.36 ? 79  TYR A CZ  1 
ATOM   638  O OH  . TYR A 1 79  ? 1.278   -7.995  -6.124  1.00 26.32 ? 79  TYR A OH  1 
ATOM   639  N N   . PRO A 1 80  ? -1.592  -2.677  -3.242  1.00 23.34 ? 80  PRO A N   1 
ATOM   640  C CA  . PRO A 1 80  ? -2.990  -2.887  -2.882  1.00 23.83 ? 80  PRO A CA  1 
ATOM   641  C C   . PRO A 1 80  ? -3.229  -4.386  -2.626  1.00 24.70 ? 80  PRO A C   1 
ATOM   642  O O   . PRO A 1 80  ? -2.777  -5.234  -3.397  1.00 23.65 ? 80  PRO A O   1 
ATOM   643  C CB  . PRO A 1 80  ? -3.761  -2.410  -4.127  1.00 23.88 ? 80  PRO A CB  1 
ATOM   644  C CG  . PRO A 1 80  ? -2.749  -1.658  -4.967  1.00 23.27 ? 80  PRO A CG  1 
ATOM   645  C CD  . PRO A 1 80  ? -1.439  -2.315  -4.666  1.00 23.65 ? 80  PRO A CD  1 
ATOM   646  N N   . PHE A 1 81  ? -3.903  -4.696  -1.525  1.00 25.43 ? 81  PHE A N   1 
ATOM   647  C CA  . PHE A 1 81  ? -3.981  -6.067  -1.046  1.00 26.76 ? 81  PHE A CA  1 
ATOM   648  C C   . PHE A 1 81  ? -5.253  -6.236  -0.239  1.00 27.43 ? 81  PHE A C   1 
ATOM   649  O O   . PHE A 1 81  ? -5.302  -5.868  0.933   1.00 28.74 ? 81  PHE A O   1 
ATOM   650  C CB  . PHE A 1 81  ? -2.771  -6.346  -0.165  1.00 26.57 ? 81  PHE A CB  1 
ATOM   651  C CG  . PHE A 1 81  ? -2.338  -7.781  -0.141  1.00 27.92 ? 81  PHE A CG  1 
ATOM   652  C CD1 . PHE A 1 81  ? -1.723  -8.359  -1.256  1.00 28.88 ? 81  PHE A CD1 1 
ATOM   653  C CD2 . PHE A 1 81  ? -2.502  -8.548  1.016   1.00 28.32 ? 81  PHE A CD2 1 
ATOM   654  C CE1 . PHE A 1 81  ? -1.291  -9.686  -1.234  1.00 27.16 ? 81  PHE A CE1 1 
ATOM   655  C CE2 . PHE A 1 81  ? -2.063  -9.880  1.049   1.00 28.81 ? 81  PHE A CE2 1 
ATOM   656  C CZ  . PHE A 1 81  ? -1.457  -10.441 -0.082  1.00 28.15 ? 81  PHE A CZ  1 
ATOM   657  N N   . ALA A 1 82  ? -6.259  -6.824  -0.868  1.00 27.62 ? 82  ALA A N   1 
ATOM   658  C CA  . ALA A 1 82  ? -7.607  -6.938  -0.308  1.00 28.25 ? 82  ALA A CA  1 
ATOM   659  C C   . ALA A 1 82  ? -7.786  -7.935  0.848   1.00 28.38 ? 82  ALA A C   1 
ATOM   660  O O   . ALA A 1 82  ? -8.755  -7.843  1.595   1.00 28.96 ? 82  ALA A O   1 
ATOM   661  C CB  . ALA A 1 82  ? -8.564  -7.271  -1.418  1.00 28.27 ? 82  ALA A CB  1 
ATOM   662  N N   . HIS A 1 83  ? -6.835  -8.844  1.008   1.00 28.14 ? 83  HIS A N   1 
ATOM   663  C CA  . HIS A 1 83  ? -6.989  -10.053 1.845   1.00 27.81 ? 83  HIS A CA  1 
ATOM   664  C C   . HIS A 1 83  ? -6.870  -9.894  3.357   1.00 27.23 ? 83  HIS A C   1 
ATOM   665  O O   . HIS A 1 83  ? -7.076  -10.852 4.097   1.00 28.33 ? 83  HIS A O   1 
ATOM   666  C CB  . HIS A 1 83  ? -5.993  -11.110 1.352   1.00 27.71 ? 83  HIS A CB  1 
ATOM   667  C CG  . HIS A 1 83  ? -6.157  -11.429 -0.092  1.00 26.77 ? 83  HIS A CG  1 
ATOM   668  N ND1 . HIS A 1 83  ? -5.228  -11.076 -1.046  1.00 28.03 ? 83  HIS A ND1 1 
ATOM   669  C CD2 . HIS A 1 83  ? -7.167  -12.038 -0.756  1.00 27.85 ? 83  HIS A CD2 1 
ATOM   670  C CE1 . HIS A 1 83  ? -5.656  -11.458 -2.234  1.00 27.90 ? 83  HIS A CE1 1 
ATOM   671  N NE2 . HIS A 1 83  ? -6.829  -12.047 -2.088  1.00 28.75 ? 83  HIS A NE2 1 
ATOM   672  N N   . LEU A 1 84  ? -6.539  -8.690  3.812   1.00 26.69 ? 84  LEU A N   1 
ATOM   673  C CA  . LEU A 1 84  ? -6.401  -8.378  5.238   1.00 25.79 ? 84  LEU A CA  1 
ATOM   674  C C   . LEU A 1 84  ? -7.745  -8.090  5.912   1.00 25.52 ? 84  LEU A C   1 
ATOM   675  O O   . LEU A 1 84  ? -7.821  -7.997  7.133   1.00 25.14 ? 84  LEU A O   1 
ATOM   676  C CB  . LEU A 1 84  ? -5.442  -7.200  5.450   1.00 25.42 ? 84  LEU A CB  1 
ATOM   677  C CG  . LEU A 1 84  ? -4.062  -7.251  4.770   1.00 26.80 ? 84  LEU A CG  1 
ATOM   678  C CD1 . LEU A 1 84  ? -3.269  -5.984  5.069   1.00 25.74 ? 84  LEU A CD1 1 
ATOM   679  C CD2 . LEU A 1 84  ? -3.255  -8.486  5.185   1.00 25.97 ? 84  LEU A CD2 1 
ATOM   680  N N   . SER A 1 85  ? -8.795  -7.959  5.111   1.00 25.43 ? 85  SER A N   1 
ATOM   681  C CA  . SER A 1 85  ? -10.141 -7.733  5.624   1.00 26.02 ? 85  SER A CA  1 
ATOM   682  C C   . SER A 1 85  ? -11.184 -8.277  4.659   1.00 26.13 ? 85  SER A C   1 
ATOM   683  O O   . SER A 1 85  ? -10.917 -8.416  3.467   1.00 26.15 ? 85  SER A O   1 
ATOM   684  C CB  . SER A 1 85  ? -10.372 -6.234  5.867   1.00 25.62 ? 85  SER A CB  1 
ATOM   685  O OG  . SER A 1 85  ? -11.697 -5.966  6.277   1.00 26.39 ? 85  SER A OG  1 
ATOM   686  N N   . SER A 1 86  ? -12.359 -8.598  5.200   1.00 26.20 ? 86  SER A N   1 
ATOM   687  C CA  . SER A 1 86  ? -13.535 -8.951  4.411   1.00 27.76 ? 86  SER A CA  1 
ATOM   688  C C   . SER A 1 86  ? -14.493 -7.772  4.273   1.00 27.80 ? 86  SER A C   1 
ATOM   689  O O   . SER A 1 86  ? -15.406 -7.805  3.447   1.00 28.32 ? 86  SER A O   1 
ATOM   690  C CB  . SER A 1 86  ? -14.274 -10.127 5.066   1.00 27.96 ? 86  SER A CB  1 
ATOM   691  O OG  . SER A 1 86  ? -13.746 -11.352 4.610   1.00 29.90 ? 86  SER A OG  1 
ATOM   692  N N   . GLU A 1 87  ? -14.272 -6.730  5.086   1.00 27.87 ? 87  GLU A N   1 
ATOM   693  C CA  . GLU A 1 87  ? -15.144 -5.553  5.156   1.00 27.69 ? 87  GLU A CA  1 
ATOM   694  C C   . GLU A 1 87  ? -14.596 -4.530  4.200   1.00 26.91 ? 87  GLU A C   1 
ATOM   695  O O   . GLU A 1 87  ? -14.118 -3.487  4.645   1.00 26.10 ? 87  GLU A O   1 
ATOM   696  C CB  . GLU A 1 87  ? -15.054 -4.933  6.551   1.00 28.31 ? 87  GLU A CB  1 
ATOM   697  C CG  . GLU A 1 87  ? -16.131 -5.280  7.541   1.00 33.48 ? 87  GLU A CG  1 
ATOM   698  C CD  . GLU A 1 87  ? -16.536 -6.723  7.533   1.00 37.25 ? 87  GLU A CD  1 
ATOM   699  O OE1 . GLU A 1 87  ? -15.662 -7.619  7.612   1.00 42.42 ? 87  GLU A OE1 1 
ATOM   700  O OE2 . GLU A 1 87  ? -17.745 -6.954  7.462   1.00 38.10 ? 87  GLU A OE2 1 
ATOM   701  N N   . LEU A 1 88  ? -14.669 -4.806  2.901   1.00 25.90 ? 88  LEU A N   1 
ATOM   702  C CA  . LEU A 1 88  ? -13.937 -4.006  1.933   1.00 25.31 ? 88  LEU A CA  1 
ATOM   703  C C   . LEU A 1 88  ? -14.672 -2.755  1.451   1.00 25.31 ? 88  LEU A C   1 
ATOM   704  O O   . LEU A 1 88  ? -15.912 -2.697  1.463   1.00 23.70 ? 88  LEU A O   1 
ATOM   705  C CB  . LEU A 1 88  ? -13.446 -4.883  0.785   1.00 25.16 ? 88  LEU A CB  1 
ATOM   706  C CG  . LEU A 1 88  ? -12.444 -5.955  1.244   1.00 25.29 ? 88  LEU A CG  1 
ATOM   707  C CD1 . LEU A 1 88  ? -11.943 -6.742  0.041   1.00 24.42 ? 88  LEU A CD1 1 
ATOM   708  C CD2 . LEU A 1 88  ? -11.265 -5.341  2.037   1.00 23.92 ? 88  LEU A CD2 1 
ATOM   709  N N   . ALA A 1 89  ? -13.895 -1.739  1.066   1.00 24.94 ? 89  ALA A N   1 
ATOM   710  C CA  . ALA A 1 89  ? -14.474 -0.515  0.520   1.00 24.97 ? 89  ALA A CA  1 
ATOM   711  C C   . ALA A 1 89  ? -14.805 -0.695  -0.955  1.00 25.00 ? 89  ALA A C   1 
ATOM   712  O O   . ALA A 1 89  ? -14.223 -1.538  -1.639  1.00 25.30 ? 89  ALA A O   1 
ATOM   713  C CB  . ALA A 1 89  ? -13.537 0.671   0.718   1.00 24.50 ? 89  ALA A CB  1 
ATOM   714  N N   . LYS A 1 90  ? -15.749 0.110   -1.424  1.00 25.99 ? 90  LYS A N   1 
ATOM   715  C CA  . LYS A 1 90  ? -16.023 0.334   -2.847  1.00 27.30 ? 90  LYS A CA  1 
ATOM   716  C C   . LYS A 1 90  ? -14.702 0.591   -3.593  1.00 27.28 ? 90  LYS A C   1 
ATOM   717  O O   . LYS A 1 90  ? -13.869 1.362   -3.093  1.00 27.01 ? 90  LYS A O   1 
ATOM   718  C CB  . LYS A 1 90  ? -16.957 1.549   -2.915  1.00 27.47 ? 90  LYS A CB  1 
ATOM   719  C CG  . LYS A 1 90  ? -17.287 2.110   -4.281  1.00 30.14 ? 90  LYS A CG  1 
ATOM   720  C CD  . LYS A 1 90  ? -18.251 3.315   -4.167  1.00 29.62 ? 90  LYS A CD  1 
ATOM   721  C CE  . LYS A 1 90  ? -19.674 2.966   -4.567  1.00 34.45 ? 90  LYS A CE  1 
ATOM   722  N NZ  . LYS A 1 90  ? -19.773 2.465   -5.988  1.00 37.45 ? 90  LYS A NZ  1 
ATOM   723  N N   . PRO A 1 91  ? -14.479 -0.060  -4.763  1.00 27.27 ? 91  PRO A N   1 
ATOM   724  C CA  . PRO A 1 91  ? -13.180 0.074   -5.442  1.00 27.66 ? 91  PRO A CA  1 
ATOM   725  C C   . PRO A 1 91  ? -12.758 1.525   -5.773  1.00 27.79 ? 91  PRO A C   1 
ATOM   726  O O   . PRO A 1 91  ? -11.572 1.810   -5.761  1.00 27.44 ? 91  PRO A O   1 
ATOM   727  C CB  . PRO A 1 91  ? -13.351 -0.742  -6.738  1.00 27.55 ? 91  PRO A CB  1 
ATOM   728  C CG  . PRO A 1 91  ? -14.441 -1.695  -6.443  1.00 27.79 ? 91  PRO A CG  1 
ATOM   729  C CD  . PRO A 1 91  ? -15.382 -0.965  -5.508  1.00 27.85 ? 91  PRO A CD  1 
ATOM   730  N N   . SER A 1 92  ? -13.718 2.406   -6.068  1.00 27.97 ? 92  SER A N   1 
ATOM   731  C CA  . SER A 1 92  ? -13.430 3.813   -6.345  1.00 28.15 ? 92  SER A CA  1 
ATOM   732  C C   . SER A 1 92  ? -12.848 4.511   -5.110  1.00 27.77 ? 92  SER A C   1 
ATOM   733  O O   . SER A 1 92  ? -11.859 5.244   -5.210  1.00 27.38 ? 92  SER A O   1 
ATOM   734  C CB  . SER A 1 92  ? -14.698 4.537   -6.852  1.00 29.17 ? 92  SER A CB  1 
ATOM   735  O OG  . SER A 1 92  ? -15.703 4.625   -5.848  1.00 29.99 ? 92  SER A OG  1 
ATOM   736  N N   . VAL A 1 93  ? -13.456 4.259   -3.949  1.00 26.93 ? 93  VAL A N   1 
ATOM   737  C CA  . VAL A 1 93  ? -12.953 4.770   -2.680  1.00 26.02 ? 93  VAL A CA  1 
ATOM   738  C C   . VAL A 1 93  ? -11.608 4.121   -2.328  1.00 25.66 ? 93  VAL A C   1 
ATOM   739  O O   . VAL A 1 93  ? -10.690 4.820   -1.907  1.00 24.13 ? 93  VAL A O   1 
ATOM   740  C CB  . VAL A 1 93  ? -13.977 4.605   -1.528  1.00 26.46 ? 93  VAL A CB  1 
ATOM   741  C CG1 . VAL A 1 93  ? -13.448 5.257   -0.230  1.00 25.18 ? 93  VAL A CG1 1 
ATOM   742  C CG2 . VAL A 1 93  ? -15.331 5.206   -1.919  1.00 26.31 ? 93  VAL A CG2 1 
ATOM   743  N N   . ALA A 1 94  ? -11.476 2.804   -2.527  1.00 25.27 ? 94  ALA A N   1 
ATOM   744  C CA  . ALA A 1 94  ? -10.169 2.146   -2.343  1.00 25.33 ? 94  ALA A CA  1 
ATOM   745  C C   . ALA A 1 94  ? -9.046  2.841   -3.143  1.00 25.77 ? 94  ALA A C   1 
ATOM   746  O O   . ALA A 1 94  ? -8.004  3.164   -2.590  1.00 24.50 ? 94  ALA A O   1 
ATOM   747  C CB  . ALA A 1 94  ? -10.235 0.653   -2.675  1.00 25.70 ? 94  ALA A CB  1 
ATOM   748  N N   . MET A 1 95  ? -9.274  3.084   -4.436  1.00 25.84 ? 95  MET A N   1 
ATOM   749  C CA  . MET A 1 95  ? -8.277  3.751   -5.276  1.00 27.16 ? 95  MET A CA  1 
ATOM   750  C C   . MET A 1 95  ? -7.967  5.171   -4.832  1.00 26.18 ? 95  MET A C   1 
ATOM   751  O O   . MET A 1 95  ? -6.810  5.577   -4.868  1.00 26.38 ? 95  MET A O   1 
ATOM   752  C CB  . MET A 1 95  ? -8.708  3.754   -6.741  1.00 27.22 ? 95  MET A CB  1 
ATOM   753  C CG  . MET A 1 95  ? -8.245  2.490   -7.481  1.00 28.66 ? 95  MET A CG  1 
ATOM   754  S SD  . MET A 1 95  ? -8.897  2.272   -9.155  1.00 32.17 ? 95  MET A SD  1 
ATOM   755  C CE  . MET A 1 95  ? -8.551  3.870   -9.919  1.00 36.49 ? 95  MET A CE  1 
ATOM   756  N N   . ASP A 1 96  ? -9.011  5.903   -4.451  1.00 25.07 ? 96  ASP A N   1 
ATOM   757  C CA  . ASP A 1 96  ? -8.909  7.252   -3.885  1.00 24.78 ? 96  ASP A CA  1 
ATOM   758  C C   . ASP A 1 96  ? -7.958  7.252   -2.696  1.00 23.32 ? 96  ASP A C   1 
ATOM   759  O O   . ASP A 1 96  ? -7.019  8.036   -2.652  1.00 22.19 ? 96  ASP A O   1 
ATOM   760  C CB  . ASP A 1 96  ? -10.302 7.714   -3.466  1.00 24.85 ? 96  ASP A CB  1 
ATOM   761  C CG  . ASP A 1 96  ? -10.324 9.104   -2.832  1.00 28.87 ? 96  ASP A CG  1 
ATOM   762  O OD1 . ASP A 1 96  ? -9.360  9.885   -2.993  1.00 30.69 ? 96  ASP A OD1 1 
ATOM   763  O OD2 . ASP A 1 96  ? -11.341 9.411   -2.162  1.00 32.11 ? 96  ASP A OD2 1 
ATOM   764  N N   . ILE A 1 97  ? -8.206  6.363   -1.738  1.00 22.05 ? 97  ILE A N   1 
ATOM   765  C CA  . ILE A 1 97  ? -7.384  6.289   -0.538  1.00 20.84 ? 97  ILE A CA  1 
ATOM   766  C C   . ILE A 1 97  ? -5.958  5.800   -0.804  1.00 20.93 ? 97  ILE A C   1 
ATOM   767  O O   . ILE A 1 97  ? -5.006  6.345   -0.263  1.00 20.77 ? 97  ILE A O   1 
ATOM   768  C CB  . ILE A 1 97  ? -8.108  5.521   0.576   1.00 21.46 ? 97  ILE A CB  1 
ATOM   769  C CG1 . ILE A 1 97  ? -9.334  6.324   1.038   1.00 19.19 ? 97  ILE A CG1 1 
ATOM   770  C CG2 . ILE A 1 97  ? -7.171  5.247   1.753   1.00 21.27 ? 97  ILE A CG2 1 
ATOM   771  C CD1 . ILE A 1 97  ? -10.301 5.550   1.941   1.00 20.19 ? 97  ILE A CD1 1 
ATOM   772  N N   . LEU A 1 98  ? -5.813  4.795   -1.662  1.00 21.12 ? 98  LEU A N   1 
ATOM   773  C CA  . LEU A 1 98  ? -4.506  4.303   -2.051  1.00 21.95 ? 98  LEU A CA  1 
ATOM   774  C C   . LEU A 1 98  ? -3.675  5.433   -2.664  1.00 22.71 ? 98  LEU A C   1 
ATOM   775  O O   . LEU A 1 98  ? -2.478  5.555   -2.377  1.00 22.41 ? 98  LEU A O   1 
ATOM   776  C CB  . LEU A 1 98  ? -4.626  3.103   -3.006  1.00 21.73 ? 98  LEU A CB  1 
ATOM   777  C CG  . LEU A 1 98  ? -5.042  1.742   -2.397  1.00 21.28 ? 98  LEU A CG  1 
ATOM   778  C CD1 . LEU A 1 98  ? -5.580  0.789   -3.453  1.00 21.47 ? 98  LEU A CD1 1 
ATOM   779  C CD2 . LEU A 1 98  ? -3.860  1.076   -1.665  1.00 21.70 ? 98  LEU A CD2 1 
ATOM   780  N N   . ASN A 1 99  ? -4.321  6.260   -3.488  1.00 23.35 ? 99  ASN A N   1 
ATOM   781  C CA  . ASN A 1 99  ? -3.643  7.405   -4.099  1.00 24.06 ? 99  ASN A CA  1 
ATOM   782  C C   . ASN A 1 99  ? -3.283  8.489   -3.074  1.00 22.91 ? 99  ASN A C   1 
ATOM   783  O O   . ASN A 1 99  ? -2.168  9.000   -3.086  1.00 23.78 ? 99  ASN A O   1 
ATOM   784  C CB  . ASN A 1 99  ? -4.464  8.004   -5.242  1.00 24.55 ? 99  ASN A CB  1 
ATOM   785  C CG  . ASN A 1 99  ? -3.735  9.156   -5.929  1.00 27.27 ? 99  ASN A CG  1 
ATOM   786  O OD1 . ASN A 1 99  ? -4.134  10.334  -5.814  1.00 30.60 ? 99  ASN A OD1 1 
ATOM   787  N ND2 . ASN A 1 99  ? -2.647  8.832   -6.603  1.00 27.02 ? 99  ASN A ND2 1 
ATOM   788  N N   . ARG A 1 100 ? -4.209  8.814   -2.183  1.00 22.29 ? 100 ARG A N   1 
ATOM   789  C CA  . ARG A 1 100 ? -3.945  9.773   -1.105  1.00 22.15 ? 100 ARG A CA  1 
ATOM   790  C C   . ARG A 1 100 ? -2.718  9.365   -0.280  1.00 22.13 ? 100 ARG A C   1 
ATOM   791  O O   . ARG A 1 100 ? -1.869  10.207  0.069   1.00 20.87 ? 100 ARG A O   1 
ATOM   792  C CB  . ARG A 1 100 ? -5.148  9.886   -0.184  1.00 22.52 ? 100 ARG A CB  1 
ATOM   793  C CG  . ARG A 1 100 ? -6.262  10.782  -0.698  1.00 23.72 ? 100 ARG A CG  1 
ATOM   794  C CD  . ARG A 1 100 ? -7.594  10.366  -0.094  1.00 28.64 ? 100 ARG A CD  1 
ATOM   795  N NE  . ARG A 1 100 ? -8.523  11.465  0.155   1.00 30.02 ? 100 ARG A NE  1 
ATOM   796  C CZ  . ARG A 1 100 ? -8.945  12.347  -0.746  1.00 31.55 ? 100 ARG A CZ  1 
ATOM   797  N NH1 . ARG A 1 100 ? -8.513  12.280  -2.001  1.00 36.84 ? 100 ARG A NH1 1 
ATOM   798  N NH2 . ARG A 1 100 ? -9.790  13.315  -0.391  1.00 28.64 ? 100 ARG A NH2 1 
ATOM   799  N N   . VAL A 1 101 ? -2.644  8.072   0.045   1.00 20.89 ? 101 VAL A N   1 
ATOM   800  C CA  . VAL A 1 101 ? -1.538  7.541   0.842   1.00 21.19 ? 101 VAL A CA  1 
ATOM   801  C C   . VAL A 1 101 ? -0.225  7.630   0.068   1.00 21.43 ? 101 VAL A C   1 
ATOM   802  O O   . VAL A 1 101 ? 0.758   8.192   0.563   1.00 21.52 ? 101 VAL A O   1 
ATOM   803  C CB  . VAL A 1 101 ? -1.830  6.109   1.333   1.00 20.73 ? 101 VAL A CB  1 
ATOM   804  C CG1 . VAL A 1 101 ? -0.555  5.462   1.914   1.00 21.68 ? 101 VAL A CG1 1 
ATOM   805  C CG2 . VAL A 1 101 ? -2.934  6.167   2.364   1.00 20.42 ? 101 VAL A CG2 1 
ATOM   806  N N   . TYR A 1 102 ? -0.240  7.111   -1.156  1.00 22.35 ? 102 TYR A N   1 
ATOM   807  C CA  . TYR A 1 102 ? 0.887   7.196   -2.090  1.00 23.67 ? 102 TYR A CA  1 
ATOM   808  C C   . TYR A 1 102 ? 1.436   8.636   -2.236  1.00 24.03 ? 102 TYR A C   1 
ATOM   809  O O   . TYR A 1 102 ? 2.635   8.878   -2.021  1.00 23.89 ? 102 TYR A O   1 
ATOM   810  C CB  . TYR A 1 102 ? 0.439   6.649   -3.447  1.00 23.64 ? 102 TYR A CB  1 
ATOM   811  C CG  . TYR A 1 102 ? 1.431   6.776   -4.581  1.00 25.54 ? 102 TYR A CG  1 
ATOM   812  C CD1 . TYR A 1 102 ? 2.668   6.128   -4.531  1.00 24.46 ? 102 TYR A CD1 1 
ATOM   813  C CD2 . TYR A 1 102 ? 1.111   7.505   -5.729  1.00 24.87 ? 102 TYR A CD2 1 
ATOM   814  C CE1 . TYR A 1 102 ? 3.572   6.217   -5.592  1.00 25.43 ? 102 TYR A CE1 1 
ATOM   815  C CE2 . TYR A 1 102 ? 2.016   7.611   -6.789  1.00 26.19 ? 102 TYR A CE2 1 
ATOM   816  C CZ  . TYR A 1 102 ? 3.243   6.966   -6.706  1.00 25.25 ? 102 TYR A CZ  1 
ATOM   817  O OH  . TYR A 1 102 ? 4.147   7.060   -7.738  1.00 26.27 ? 102 TYR A OH  1 
ATOM   818  N N   . GLN A 1 103 ? 0.559   9.575   -2.581  1.00 24.59 ? 103 GLN A N   1 
ATOM   819  C CA  . GLN A 1 103 ? 0.952   10.989  -2.730  1.00 25.54 ? 103 GLN A CA  1 
ATOM   820  C C   . GLN A 1 103 ? 1.476   11.589  -1.430  1.00 24.24 ? 103 GLN A C   1 
ATOM   821  O O   . GLN A 1 103 ? 2.501   12.291  -1.425  1.00 23.28 ? 103 GLN A O   1 
ATOM   822  C CB  . GLN A 1 103 ? -0.212  11.821  -3.267  1.00 25.44 ? 103 GLN A CB  1 
ATOM   823  C CG  . GLN A 1 103 ? 0.197   13.211  -3.782  1.00 28.91 ? 103 GLN A CG  1 
ATOM   824  C CD  . GLN A 1 103 ? -1.010  14.089  -4.159  1.00 28.28 ? 103 GLN A CD  1 
ATOM   825  O OE1 . GLN A 1 103 ? -1.973  13.618  -4.783  1.00 35.26 ? 103 GLN A OE1 1 
ATOM   826  N NE2 . GLN A 1 103 ? -0.972  15.358  -3.755  1.00 30.79 ? 103 GLN A NE2 1 
ATOM   827  N N   . GLY A 1 104 ? 0.766   11.308  -0.335  1.00 23.96 ? 104 GLY A N   1 
ATOM   828  C CA  . GLY A 1 104 ? 1.113   11.813  0.977   1.00 23.52 ? 104 GLY A CA  1 
ATOM   829  C C   . GLY A 1 104 ? 2.518   11.416  1.392   1.00 23.77 ? 104 GLY A C   1 
ATOM   830  O O   . GLY A 1 104 ? 3.238   12.200  2.007   1.00 23.68 ? 104 GLY A O   1 
ATOM   831  N N   . LEU A 1 105 ? 2.893   10.190  1.049   1.00 23.89 ? 105 LEU A N   1 
ATOM   832  C CA  . LEU A 1 105 ? 4.195   9.619   1.381   1.00 24.64 ? 105 LEU A CA  1 
ATOM   833  C C   . LEU A 1 105 ? 5.327   10.266  0.579   1.00 24.71 ? 105 LEU A C   1 
ATOM   834  O O   . LEU A 1 105 ? 6.418   10.459  1.096   1.00 24.52 ? 105 LEU A O   1 
ATOM   835  C CB  . LEU A 1 105 ? 4.174   8.102   1.165   1.00 23.59 ? 105 LEU A CB  1 
ATOM   836  C CG  . LEU A 1 105 ? 4.017   7.106   2.348   1.00 25.35 ? 105 LEU A CG  1 
ATOM   837  C CD1 . LEU A 1 105 ? 3.687   7.725   3.694   1.00 22.90 ? 105 LEU A CD1 1 
ATOM   838  C CD2 . LEU A 1 105 ? 3.069   5.970   2.030   1.00 23.94 ? 105 LEU A CD2 1 
ATOM   839  N N   . LYS A 1 106 ? 5.052   10.597  -0.676  1.00 25.34 ? 106 LYS A N   1 
ATOM   840  C CA  . LYS A 1 106 ? 6.007   11.370  -1.494  1.00 26.69 ? 106 LYS A CA  1 
ATOM   841  C C   . LYS A 1 106 ? 6.190   12.790  -0.950  1.00 27.11 ? 106 LYS A C   1 
ATOM   842  O O   . LYS A 1 106 ? 7.311   13.317  -0.921  1.00 27.51 ? 106 LYS A O   1 
ATOM   843  C CB  . LYS A 1 106 ? 5.560   11.397  -2.954  1.00 26.33 ? 106 LYS A CB  1 
ATOM   844  C CG  . LYS A 1 106 ? 5.728   10.067  -3.649  1.00 27.03 ? 106 LYS A CG  1 
ATOM   845  C CD  . LYS A 1 106 ? 5.452   10.149  -5.134  1.00 29.50 ? 106 LYS A CD  1 
ATOM   846  C CE  . LYS A 1 106 ? 3.980   10.312  -5.418  1.00 32.11 ? 106 LYS A CE  1 
ATOM   847  N NZ  . LYS A 1 106 ? 3.759   10.502  -6.880  1.00 33.49 ? 106 LYS A NZ  1 
ATOM   848  N N   . GLU A 1 107 ? 5.101   13.381  -0.479  1.00 27.65 ? 107 GLU A N   1 
ATOM   849  C CA  . GLU A 1 107 ? 5.139   14.739  0.074   1.00 29.09 ? 107 GLU A CA  1 
ATOM   850  C C   . GLU A 1 107 ? 5.938   14.821  1.369   1.00 29.43 ? 107 GLU A C   1 
ATOM   851  O O   . GLU A 1 107 ? 6.414   15.891  1.738   1.00 29.48 ? 107 GLU A O   1 
ATOM   852  C CB  . GLU A 1 107 ? 3.732   15.320  0.215   1.00 29.33 ? 107 GLU A CB  1 
ATOM   853  C CG  . GLU A 1 107 ? 3.075   15.527  -1.146  1.00 30.73 ? 107 GLU A CG  1 
ATOM   854  C CD  . GLU A 1 107 ? 1.570   15.715  -1.076  1.00 34.57 ? 107 GLU A CD  1 
ATOM   855  O OE1 . GLU A 1 107 ? 0.957   15.410  -0.025  1.00 37.48 ? 107 GLU A OE1 1 
ATOM   856  O OE2 . GLU A 1 107 ? 0.998   16.155  -2.087  1.00 36.19 ? 107 GLU A OE2 1 
ATOM   857  N N   . ARG A 1 108 ? 6.129   13.674  2.020   1.00 30.05 ? 108 ARG A N   1 
ATOM   858  C CA  . ARG A 1 108 ? 7.003   13.566  3.192   1.00 30.91 ? 108 ARG A CA  1 
ATOM   859  C C   . ARG A 1 108 ? 8.463   13.285  2.857   1.00 30.11 ? 108 ARG A C   1 
ATOM   860  O O   . ARG A 1 108 ? 9.285   13.166  3.751   1.00 30.39 ? 108 ARG A O   1 
ATOM   861  C CB  . ARG A 1 108 ? 6.484   12.501  4.160   1.00 31.44 ? 108 ARG A CB  1 
ATOM   862  C CG  . ARG A 1 108 ? 5.478   13.057  5.132   1.00 34.53 ? 108 ARG A CG  1 
ATOM   863  C CD  . ARG A 1 108 ? 5.023   11.974  6.047   1.00 39.02 ? 108 ARG A CD  1 
ATOM   864  N NE  . ARG A 1 108 ? 3.819   12.363  6.767   1.00 42.34 ? 108 ARG A NE  1 
ATOM   865  C CZ  . ARG A 1 108 ? 3.735   12.495  8.084   1.00 42.74 ? 108 ARG A CZ  1 
ATOM   866  N NH1 . ARG A 1 108 ? 4.792   12.283  8.857   1.00 42.57 ? 108 ARG A NH1 1 
ATOM   867  N NH2 . ARG A 1 108 ? 2.574   12.830  8.627   1.00 45.86 ? 108 ARG A NH2 1 
ATOM   868  N N   . GLY A 1 109 ? 8.782   13.159  1.573   1.00 30.47 ? 109 GLY A N   1 
ATOM   869  C CA  . GLY A 1 109 ? 10.174  12.997  1.140   1.00 29.43 ? 109 GLY A CA  1 
ATOM   870  C C   . GLY A 1 109 ? 10.685  11.582  0.973   1.00 29.42 ? 109 GLY A C   1 
ATOM   871  O O   . GLY A 1 109 ? 11.902  11.372  0.820   1.00 29.19 ? 109 GLY A O   1 
ATOM   872  N N   . PHE A 1 110 ? 9.775   10.601  0.981   1.00 28.55 ? 110 PHE A N   1 
ATOM   873  C CA  . PHE A 1 110 ? 10.165  9.222   0.710   1.00 27.11 ? 110 PHE A CA  1 
ATOM   874  C C   . PHE A 1 110 ? 10.227  8.997   -0.780  1.00 27.03 ? 110 PHE A C   1 
ATOM   875  O O   . PHE A 1 110 ? 9.534   9.664   -1.557  1.00 27.38 ? 110 PHE A O   1 
ATOM   876  C CB  . PHE A 1 110 ? 9.182   8.207   1.335   1.00 26.78 ? 110 PHE A CB  1 
ATOM   877  C CG  . PHE A 1 110 ? 9.187   8.193   2.841   1.00 25.25 ? 110 PHE A CG  1 
ATOM   878  C CD1 . PHE A 1 110 ? 10.202  7.530   3.544   1.00 25.27 ? 110 PHE A CD1 1 
ATOM   879  C CD2 . PHE A 1 110 ? 8.189   8.848   3.550   1.00 23.54 ? 110 PHE A CD2 1 
ATOM   880  C CE1 . PHE A 1 110 ? 10.217  7.518   4.945   1.00 25.45 ? 110 PHE A CE1 1 
ATOM   881  C CE2 . PHE A 1 110 ? 8.184   8.851   4.950   1.00 26.12 ? 110 PHE A CE2 1 
ATOM   882  C CZ  . PHE A 1 110 ? 9.199   8.178   5.656   1.00 24.74 ? 110 PHE A CZ  1 
ATOM   883  N N   . ASN A 1 111 ? 11.060  8.055   -1.183  1.00 26.62 ? 111 ASN A N   1 
ATOM   884  C CA  . ASN A 1 111 ? 10.918  7.474   -2.508  1.00 26.48 ? 111 ASN A CA  1 
ATOM   885  C C   . ASN A 1 111 ? 9.826   6.409   -2.393  1.00 26.27 ? 111 ASN A C   1 
ATOM   886  O O   . ASN A 1 111 ? 9.916   5.519   -1.543  1.00 26.54 ? 111 ASN A O   1 
ATOM   887  C CB  . ASN A 1 111 ? 12.227  6.869   -3.008  1.00 26.20 ? 111 ASN A CB  1 
ATOM   888  C CG  . ASN A 1 111 ? 12.162  6.460   -4.475  1.00 27.86 ? 111 ASN A CG  1 
ATOM   889  O OD1 . ASN A 1 111 ? 12.613  5.383   -4.852  1.00 31.94 ? 111 ASN A OD1 1 
ATOM   890  N ND2 . ASN A 1 111 ? 11.608  7.328   -5.310  1.00 30.40 ? 111 ASN A ND2 1 
ATOM   891  N N   . VAL A 1 112 ? 8.783   6.543   -3.203  1.00 25.61 ? 112 VAL A N   1 
ATOM   892  C CA  . VAL A 1 112 ? 7.592   5.691   -3.089  1.00 25.33 ? 112 VAL A CA  1 
ATOM   893  C C   . VAL A 1 112 ? 7.272   5.080   -4.444  1.00 26.24 ? 112 VAL A C   1 
ATOM   894  O O   . VAL A 1 112 ? 7.272   5.777   -5.478  1.00 26.15 ? 112 VAL A O   1 
ATOM   895  C CB  . VAL A 1 112 ? 6.333   6.454   -2.553  1.00 25.14 ? 112 VAL A CB  1 
ATOM   896  C CG1 . VAL A 1 112 ? 5.261   5.465   -2.098  1.00 24.25 ? 112 VAL A CG1 1 
ATOM   897  C CG2 . VAL A 1 112 ? 6.682   7.381   -1.398  1.00 23.28 ? 112 VAL A CG2 1 
ATOM   898  N N   . GLY A 1 113 ? 7.035   3.770   -4.436  1.00 25.77 ? 113 GLY A N   1 
ATOM   899  C CA  . GLY A 1 113 ? 6.551   3.067   -5.607  1.00 26.26 ? 113 GLY A CA  1 
ATOM   900  C C   . GLY A 1 113 ? 5.161   2.541   -5.320  1.00 26.37 ? 113 GLY A C   1 
ATOM   901  O O   . GLY A 1 113 ? 4.708   2.574   -4.174  1.00 25.97 ? 113 GLY A O   1 
ATOM   902  N N   . LYS A 1 114 ? 4.474   2.090   -6.359  1.00 26.89 ? 114 LYS A N   1 
ATOM   903  C CA  . LYS A 1 114 ? 3.155   1.469   -6.205  1.00 27.84 ? 114 LYS A CA  1 
ATOM   904  C C   . LYS A 1 114 ? 2.885   0.374   -7.238  1.00 28.08 ? 114 LYS A C   1 
ATOM   905  O O   . LYS A 1 114 ? 3.524   0.333   -8.292  1.00 28.02 ? 114 LYS A O   1 
ATOM   906  C CB  . LYS A 1 114 ? 2.044   2.522   -6.277  1.00 27.59 ? 114 LYS A CB  1 
ATOM   907  C CG  . LYS A 1 114 ? 2.027   3.318   -7.567  1.00 29.91 ? 114 LYS A CG  1 
ATOM   908  C CD  . LYS A 1 114 ? 0.810   4.206   -7.632  1.00 31.07 ? 114 LYS A CD  1 
ATOM   909  C CE  . LYS A 1 114 ? 0.011   3.912   -8.886  1.00 33.88 ? 114 LYS A CE  1 
ATOM   910  N NZ  . LYS A 1 114 ? -1.364  4.490   -8.812  1.00 32.65 ? 114 LYS A NZ  1 
ATOM   911  N N   . ALA A 1 115 ? 1.932   -0.506  -6.920  1.00 28.28 ? 115 ALA A N   1 
ATOM   912  C CA  . ALA A 1 115 ? 1.379   -1.439  -7.889  1.00 28.60 ? 115 ALA A CA  1 
ATOM   913  C C   . ALA A 1 115 ? -0.034  -0.970  -8.196  1.00 29.05 ? 115 ALA A C   1 
ATOM   914  O O   . ALA A 1 115 ? -0.703  -0.421  -7.320  1.00 29.62 ? 115 ALA A O   1 
ATOM   915  C CB  . ALA A 1 115 ? 1.374   -2.859  -7.342  1.00 28.57 ? 115 ALA A CB  1 
ATOM   916  N N   . PRO A 1 116 ? -0.496  -1.164  -9.446  1.00 29.31 ? 116 PRO A N   1 
ATOM   917  C CA  . PRO A 1 116 ? -1.846  -0.744  -9.798  1.00 29.50 ? 116 PRO A CA  1 
ATOM   918  C C   . PRO A 1 116 ? -2.937  -1.592  -9.140  1.00 29.69 ? 116 PRO A C   1 
ATOM   919  O O   . PRO A 1 116 ? -2.718  -2.768  -8.854  1.00 29.82 ? 116 PRO A O   1 
ATOM   920  C CB  . PRO A 1 116 ? -1.876  -0.911  -11.324 1.00 29.61 ? 116 PRO A CB  1 
ATOM   921  C CG  . PRO A 1 116 ? -0.861  -1.909  -11.614 1.00 29.26 ? 116 PRO A CG  1 
ATOM   922  C CD  . PRO A 1 116 ? 0.210   -1.769  -10.592 1.00 29.19 ? 116 PRO A CD  1 
ATOM   923  N N   . PHE A 1 117 ? -4.088  -0.968  -8.905  1.00 29.44 ? 117 PHE A N   1 
ATOM   924  C CA  . PHE A 1 117 ? -5.247  -1.589  -8.291  1.00 29.64 ? 117 PHE A CA  1 
ATOM   925  C C   . PHE A 1 117 ? -6.060  -2.367  -9.329  1.00 29.79 ? 117 PHE A C   1 
ATOM   926  O O   . PHE A 1 117 ? -6.218  -1.922  -10.474 1.00 28.97 ? 117 PHE A O   1 
ATOM   927  C CB  . PHE A 1 117 ? -6.116  -0.491  -7.689  1.00 29.97 ? 117 PHE A CB  1 
ATOM   928  C CG  . PHE A 1 117 ? -7.374  -0.989  -7.031  1.00 30.88 ? 117 PHE A CG  1 
ATOM   929  C CD1 . PHE A 1 117 ? -7.361  -1.425  -5.703  1.00 31.13 ? 117 PHE A CD1 1 
ATOM   930  C CD2 . PHE A 1 117 ? -8.582  -1.007  -7.728  1.00 32.33 ? 117 PHE A CD2 1 
ATOM   931  C CE1 . PHE A 1 117 ? -8.536  -1.872  -5.082  1.00 31.90 ? 117 PHE A CE1 1 
ATOM   932  C CE2 . PHE A 1 117 ? -9.763  -1.454  -7.110  1.00 32.23 ? 117 PHE A CE2 1 
ATOM   933  C CZ  . PHE A 1 117 ? -9.740  -1.882  -5.785  1.00 29.97 ? 117 PHE A CZ  1 
ATOM   934  N N   . GLY A 1 118 ? -6.572  -3.526  -8.924  1.00 29.42 ? 118 GLY A N   1 
ATOM   935  C CA  . GLY A 1 118 ? -7.512  -4.266  -9.756  1.00 29.83 ? 118 GLY A CA  1 
ATOM   936  C C   . GLY A 1 118 ? -6.962  -5.273  -10.747 1.00 29.79 ? 118 GLY A C   1 
ATOM   937  O O   . GLY A 1 118 ? -7.715  -5.786  -11.564 1.00 30.21 ? 118 GLY A O   1 
ATOM   938  N N   . TYR A 1 119 ? -5.661  -5.555  -10.694 1.00 30.38 ? 119 TYR A N   1 
ATOM   939  C CA  . TYR A 1 119 ? -5.082  -6.604  -11.531 1.00 31.10 ? 119 TYR A CA  1 
ATOM   940  C C   . TYR A 1 119 ? -4.562  -7.728  -10.656 1.00 31.27 ? 119 TYR A C   1 
ATOM   941  O O   . TYR A 1 119 ? -4.211  -7.511  -9.487  1.00 30.68 ? 119 TYR A O   1 
ATOM   942  C CB  . TYR A 1 119 ? -3.910  -6.084  -12.377 1.00 31.98 ? 119 TYR A CB  1 
ATOM   943  C CG  . TYR A 1 119 ? -4.257  -4.909  -13.239 1.00 33.37 ? 119 TYR A CG  1 
ATOM   944  C CD1 . TYR A 1 119 ? -4.109  -3.612  -12.762 1.00 33.85 ? 119 TYR A CD1 1 
ATOM   945  C CD2 . TYR A 1 119 ? -4.760  -5.094  -14.529 1.00 35.09 ? 119 TYR A CD2 1 
ATOM   946  C CE1 . TYR A 1 119 ? -4.452  -2.520  -13.552 1.00 36.32 ? 119 TYR A CE1 1 
ATOM   947  C CE2 . TYR A 1 119 ? -5.101  -4.017  -15.322 1.00 36.26 ? 119 TYR A CE2 1 
ATOM   948  C CZ  . TYR A 1 119 ? -4.943  -2.736  -14.829 1.00 34.75 ? 119 TYR A CZ  1 
ATOM   949  O OH  . TYR A 1 119 ? -5.280  -1.671  -15.608 1.00 35.64 ? 119 TYR A OH  1 
ATOM   950  N N   . TYR A 1 120 ? -4.490  -8.924  -11.230 1.00 30.80 ? 120 TYR A N   1 
ATOM   951  C CA  . TYR A 1 120 ? -3.687  -9.961  -10.626 1.00 30.82 ? 120 TYR A CA  1 
ATOM   952  C C   . TYR A 1 120 ? -2.248  -9.626  -10.962 1.00 30.76 ? 120 TYR A C   1 
ATOM   953  O O   . TYR A 1 120 ? -1.951  -9.113  -12.044 1.00 31.06 ? 120 TYR A O   1 
ATOM   954  C CB  . TYR A 1 120 ? -4.080  -11.358 -11.126 1.00 30.75 ? 120 TYR A CB  1 
ATOM   955  C CG  . TYR A 1 120 ? -5.526  -11.692 -10.899 1.00 30.40 ? 120 TYR A CG  1 
ATOM   956  C CD1 . TYR A 1 120 ? -6.015  -11.892 -9.607  1.00 31.45 ? 120 TYR A CD1 1 
ATOM   957  C CD2 . TYR A 1 120 ? -6.409  -11.813 -11.968 1.00 30.57 ? 120 TYR A CD2 1 
ATOM   958  C CE1 . TYR A 1 120 ? -7.338  -12.198 -9.385  1.00 31.88 ? 120 TYR A CE1 1 
ATOM   959  C CE2 . TYR A 1 120 ? -7.752  -12.107 -11.759 1.00 31.57 ? 120 TYR A CE2 1 
ATOM   960  C CZ  . TYR A 1 120 ? -8.208  -12.307 -10.458 1.00 31.57 ? 120 TYR A CZ  1 
ATOM   961  O OH  . TYR A 1 120 ? -9.532  -12.603 -10.215 1.00 31.68 ? 120 TYR A OH  1 
ATOM   962  N N   . LYS A 1 121 ? -1.361  -9.904  -10.018 1.00 30.71 ? 121 LYS A N   1 
ATOM   963  C CA  . LYS A 1 121 ? 0.034   -9.576  -10.139 1.00 30.48 ? 121 LYS A CA  1 
ATOM   964  C C   . LYS A 1 121 ? 0.897   -10.727 -9.659  1.00 30.79 ? 121 LYS A C   1 
ATOM   965  O O   . LYS A 1 121 ? 0.687   -11.244 -8.556  1.00 30.00 ? 121 LYS A O   1 
ATOM   966  C CB  . LYS A 1 121 ? 0.342   -8.355  -9.265  1.00 30.88 ? 121 LYS A CB  1 
ATOM   967  C CG  . LYS A 1 121 ? 0.422   -7.024  -9.975  1.00 31.15 ? 121 LYS A CG  1 
ATOM   968  C CD  . LYS A 1 121 ? -0.689  -6.075  -9.612  1.00 28.83 ? 121 LYS A CD  1 
ATOM   969  C CE  . LYS A 1 121 ? -0.958  -5.973  -8.112  1.00 26.22 ? 121 LYS A CE  1 
ATOM   970  N NZ  . LYS A 1 121 ? -2.410  -5.695  -7.968  1.00 24.57 ? 121 LYS A NZ  1 
ATOM   971  N N   . ALA A 1 122 ? 1.880   -11.125 -10.471 1.00 30.49 ? 122 ALA A N   1 
ATOM   972  C CA  . ALA A 1 122 ? 3.013   -11.879 -9.933  1.00 30.51 ? 122 ALA A CA  1 
ATOM   973  C C   . ALA A 1 122 ? 3.784   -10.901 -9.073  1.00 30.45 ? 122 ALA A C   1 
ATOM   974  O O   . ALA A 1 122 ? 3.836   -9.716  -9.404  1.00 30.58 ? 122 ALA A O   1 
ATOM   975  C CB  . ALA A 1 122 ? 3.904   -12.445 -11.050 1.00 30.59 ? 122 ALA A CB  1 
ATOM   976  N N   . PHE A 1 123 ? 4.330   -11.368 -7.954  1.00 30.19 ? 123 PHE A N   1 
ATOM   977  C CA  . PHE A 1 123 ? 5.199   -10.533 -7.150  1.00 30.59 ? 123 PHE A CA  1 
ATOM   978  C C   . PHE A 1 123 ? 6.175   -11.372 -6.376  1.00 31.45 ? 123 PHE A C   1 
ATOM   979  O O   . PHE A 1 123 ? 5.869   -12.503 -6.000  1.00 31.95 ? 123 PHE A O   1 
ATOM   980  C CB  . PHE A 1 123 ? 4.406   -9.560  -6.238  1.00 30.93 ? 123 PHE A CB  1 
ATOM   981  C CG  . PHE A 1 123 ? 3.756   -10.199 -5.031  1.00 29.78 ? 123 PHE A CG  1 
ATOM   982  C CD1 . PHE A 1 123 ? 2.494   -10.773 -5.128  1.00 29.94 ? 123 PHE A CD1 1 
ATOM   983  C CD2 . PHE A 1 123 ? 4.384   -10.173 -3.783  1.00 30.47 ? 123 PHE A CD2 1 
ATOM   984  C CE1 . PHE A 1 123 ? 1.867   -11.349 -4.003  1.00 29.72 ? 123 PHE A CE1 1 
ATOM   985  C CE2 . PHE A 1 123 ? 3.767   -10.747 -2.646  1.00 29.79 ? 123 PHE A CE2 1 
ATOM   986  C CZ  . PHE A 1 123 ? 2.507   -11.335 -2.769  1.00 30.04 ? 123 PHE A CZ  1 
ATOM   987  N N   . LYS A 1 124 ? 7.362   -10.821 -6.165  1.00 31.94 ? 124 LYS A N   1 
ATOM   988  C CA  . LYS A 1 124 ? 8.393   -11.459 -5.373  1.00 33.07 ? 124 LYS A CA  1 
ATOM   989  C C   . LYS A 1 124 ? 8.713   -10.496 -4.247  1.00 32.59 ? 124 LYS A C   1 
ATOM   990  O O   . LYS A 1 124 ? 8.751   -9.285  -4.450  1.00 33.08 ? 124 LYS A O   1 
ATOM   991  C CB  . LYS A 1 124 ? 9.658   -11.726 -6.215  1.00 32.76 ? 124 LYS A CB  1 
ATOM   992  C CG  . LYS A 1 124 ? 9.451   -12.703 -7.355  1.00 34.54 ? 124 LYS A CG  1 
ATOM   993  C CD  . LYS A 1 124 ? 10.615  -12.700 -8.370  1.00 34.65 ? 124 LYS A CD  1 
ATOM   994  C CE  . LYS A 1 124 ? 10.241  -13.511 -9.625  1.00 37.46 ? 124 LYS A CE  1 
ATOM   995  N NZ  . LYS A 1 124 ? 11.404  -13.805 -10.535 1.00 38.99 ? 124 LYS A NZ  1 
ATOM   996  N N   . ILE A 1 125 ? 8.961   -11.034 -3.068  1.00 32.40 ? 125 ILE A N   1 
ATOM   997  C CA  . ILE A 1 125 ? 9.346   -10.230 -1.919  1.00 32.82 ? 125 ILE A CA  1 
ATOM   998  C C   . ILE A 1 125 ? 10.299  -11.041 -1.055  1.00 33.13 ? 125 ILE A C   1 
ATOM   999  O O   . ILE A 1 125 ? 10.203  -12.261 -1.010  1.00 33.61 ? 125 ILE A O   1 
ATOM   1000 C CB  . ILE A 1 125 ? 8.087   -9.761  -1.104  1.00 32.93 ? 125 ILE A CB  1 
ATOM   1001 C CG1 . ILE A 1 125 ? 8.463   -8.797  0.034   1.00 32.55 ? 125 ILE A CG1 1 
ATOM   1002 C CG2 . ILE A 1 125 ? 7.278   -10.962 -0.601  1.00 32.51 ? 125 ILE A CG2 1 
ATOM   1003 C CD1 . ILE A 1 125 ? 7.237   -8.219  0.779   1.00 32.50 ? 125 ILE A CD1 1 
ATOM   1004 N N   . SER A 1 126 ? 11.235  -10.366 -0.401  1.00 33.99 ? 126 SER A N   1 
ATOM   1005 C CA  . SER A 1 126 ? 12.100  -10.996 0.583   1.00 34.53 ? 126 SER A CA  1 
ATOM   1006 C C   . SER A 1 126 ? 12.024  -10.203 1.875   1.00 35.27 ? 126 SER A C   1 
ATOM   1007 O O   . SER A 1 126 ? 12.485  -9.070  1.924   1.00 35.65 ? 126 SER A O   1 
ATOM   1008 C CB  . SER A 1 126 ? 13.549  -11.044 0.078   1.00 34.63 ? 126 SER A CB  1 
ATOM   1009 O OG  . SER A 1 126 ? 14.464  -11.297 1.141   1.00 33.66 ? 126 SER A OG  1 
ATOM   1010 N N   . CYS A 1 127 ? 11.453  -10.797 2.921   1.00 36.16 ? 127 CYS A N   1 
ATOM   1011 C CA  . CYS A 1 127 ? 11.262  -10.101 4.186   1.00 36.33 ? 127 CYS A CA  1 
ATOM   1012 C C   . CYS A 1 127 ? 12.469  -10.315 5.052   1.00 36.41 ? 127 CYS A C   1 
ATOM   1013 O O   . CYS A 1 127 ? 12.843  -11.456 5.309   1.00 36.36 ? 127 CYS A O   1 
ATOM   1014 C CB  . CYS A 1 127 ? 10.004  -10.603 4.918   1.00 36.31 ? 127 CYS A CB  1 
ATOM   1015 S SG  . CYS A 1 127 ? 9.828   -10.025 6.636   1.00 38.75 ? 127 CYS A SG  1 
ATOM   1016 N N   . LYS A 1 128 ? 13.081  -9.220  5.497   1.00 36.30 ? 128 LYS A N   1 
ATOM   1017 C CA  . LYS A 1 128 ? 14.203  -9.287  6.432   1.00 36.59 ? 128 LYS A CA  1 
ATOM   1018 C C   . LYS A 1 128 ? 13.669  -9.950  7.689   1.00 37.05 ? 128 LYS A C   1 
ATOM   1019 O O   . LYS A 1 128 ? 12.475  -9.903  7.946   1.00 37.26 ? 128 LYS A O   1 
ATOM   1020 C CB  . LYS A 1 128 ? 14.735  -7.885  6.750   1.00 36.47 ? 128 LYS A CB  1 
ATOM   1021 C CG  . LYS A 1 128 ? 15.034  -7.023  5.532   1.00 35.90 ? 128 LYS A CG  1 
ATOM   1022 C CD  . LYS A 1 128 ? 15.544  -5.656  5.978   1.00 36.27 ? 128 LYS A CD  1 
ATOM   1023 C CE  . LYS A 1 128 ? 15.843  -4.760  4.789   1.00 36.26 ? 128 LYS A CE  1 
ATOM   1024 N NZ  . LYS A 1 128 ? 17.121  -5.166  4.143   1.00 36.05 ? 128 LYS A NZ  1 
ATOM   1025 N N   . GLY A 1 129 ? 14.521  -10.572 8.485   1.00 37.26 ? 129 GLY A N   1 
ATOM   1026 C CA  . GLY A 1 129 ? 13.982  -11.349 9.607   1.00 37.53 ? 129 GLY A CA  1 
ATOM   1027 C C   . GLY A 1 129 ? 13.584  -10.607 10.872  1.00 37.39 ? 129 GLY A C   1 
ATOM   1028 O O   . GLY A 1 129 ? 13.108  -11.222 11.813  1.00 37.05 ? 129 GLY A O   1 
ATOM   1029 N N   . HIS A 1 130 ? 13.766  -9.287  10.893  1.00 37.51 ? 130 HIS A N   1 
ATOM   1030 C CA  . HIS A 1 130 ? 13.867  -8.543  12.162  1.00 37.50 ? 130 HIS A CA  1 
ATOM   1031 C C   . HIS A 1 130 ? 12.545  -8.394  12.900  1.00 36.65 ? 130 HIS A C   1 
ATOM   1032 O O   . HIS A 1 130 ? 11.492  -8.545  12.286  1.00 36.88 ? 130 HIS A O   1 
ATOM   1033 C CB  . HIS A 1 130 ? 14.520  -7.180  11.919  1.00 37.73 ? 130 HIS A CB  1 
ATOM   1034 C CG  . HIS A 1 130 ? 15.662  -7.240  10.960  1.00 39.63 ? 130 HIS A CG  1 
ATOM   1035 N ND1 . HIS A 1 130 ? 16.668  -8.174  11.072  1.00 41.14 ? 130 HIS A ND1 1 
ATOM   1036 C CD2 . HIS A 1 130 ? 15.951  -6.500  9.866   1.00 40.49 ? 130 HIS A CD2 1 
ATOM   1037 C CE1 . HIS A 1 130 ? 17.531  -8.007  10.085  1.00 43.32 ? 130 HIS A CE1 1 
ATOM   1038 N NE2 . HIS A 1 130 ? 17.119  -6.995  9.341   1.00 43.21 ? 130 HIS A NE2 1 
ATOM   1039 N N   . PRO A 1 131 ? 12.597  -8.109  14.222  1.00 36.14 ? 131 PRO A N   1 
ATOM   1040 C CA  . PRO A 1 131 ? 11.368  -7.952  14.990  1.00 35.65 ? 131 PRO A CA  1 
ATOM   1041 C C   . PRO A 1 131 ? 10.393  -6.893  14.434  1.00 35.20 ? 131 PRO A C   1 
ATOM   1042 O O   . PRO A 1 131 ? 9.182   -7.108  14.486  1.00 35.19 ? 131 PRO A O   1 
ATOM   1043 C CB  . PRO A 1 131 ? 11.868  -7.566  16.387  1.00 35.42 ? 131 PRO A CB  1 
ATOM   1044 C CG  . PRO A 1 131 ? 13.260  -8.103  16.455  1.00 36.00 ? 131 PRO A CG  1 
ATOM   1045 C CD  . PRO A 1 131 ? 13.792  -7.936  15.076  1.00 36.18 ? 131 PRO A CD  1 
ATOM   1046 N N   . LEU A 1 132 ? 10.908  -5.790  13.895  1.00 34.05 ? 132 LEU A N   1 
ATOM   1047 C CA  . LEU A 1 132 ? 10.037  -4.721  13.357  1.00 33.73 ? 132 LEU A CA  1 
ATOM   1048 C C   . LEU A 1 132 ? 9.789   -4.825  11.848  1.00 32.93 ? 132 LEU A C   1 
ATOM   1049 O O   . LEU A 1 132 ? 9.203   -3.920  11.254  1.00 32.89 ? 132 LEU A O   1 
ATOM   1050 C CB  . LEU A 1 132 ? 10.600  -3.332  13.700  1.00 33.92 ? 132 LEU A CB  1 
ATOM   1051 C CG  . LEU A 1 132 ? 10.821  -2.948  15.167  1.00 34.65 ? 132 LEU A CG  1 
ATOM   1052 C CD1 . LEU A 1 132 ? 11.505  -1.580  15.264  1.00 37.01 ? 132 LEU A CD1 1 
ATOM   1053 C CD2 . LEU A 1 132 ? 9.512   -2.957  15.949  1.00 36.00 ? 132 LEU A CD2 1 
ATOM   1054 N N   . ALA A 1 133 ? 10.220  -5.935  11.245  1.00 31.89 ? 133 ALA A N   1 
ATOM   1055 C CA  . ALA A 1 133 ? 10.222  -6.110  9.791   1.00 31.67 ? 133 ALA A CA  1 
ATOM   1056 C C   . ALA A 1 133 ? 8.938   -6.698  9.211   1.00 31.15 ? 133 ALA A C   1 
ATOM   1057 O O   . ALA A 1 133 ? 8.835   -6.834  8.001   1.00 30.92 ? 133 ALA A O   1 
ATOM   1058 C CB  . ALA A 1 133 ? 11.432  -6.949  9.348   1.00 31.31 ? 133 ALA A CB  1 
ATOM   1059 N N   . GLU A 1 134 ? 7.978   -7.048  10.066  1.00 30.96 ? 134 GLU A N   1 
ATOM   1060 C CA  . GLU A 1 134 ? 6.709   -7.646  9.615   1.00 31.08 ? 134 GLU A CA  1 
ATOM   1061 C C   . GLU A 1 134 ? 5.592   -7.300  10.611  1.00 30.61 ? 134 GLU A C   1 
ATOM   1062 O O   . GLU A 1 134 ? 5.410   -7.988  11.629  1.00 30.17 ? 134 GLU A O   1 
ATOM   1063 C CB  . GLU A 1 134 ? 6.868   -9.163  9.421   1.00 30.95 ? 134 GLU A CB  1 
ATOM   1064 C CG  . GLU A 1 134 ? 5.656   -9.898  8.909   1.00 32.98 ? 134 GLU A CG  1 
ATOM   1065 C CD  . GLU A 1 134 ? 5.773   -11.391 9.142   1.00 37.43 ? 134 GLU A CD  1 
ATOM   1066 O OE1 . GLU A 1 134 ? 5.175   -11.888 10.124  1.00 37.52 ? 134 GLU A OE1 1 
ATOM   1067 O OE2 . GLU A 1 134 ? 6.489   -12.061 8.363   1.00 39.23 ? 134 GLU A OE2 1 
ATOM   1068 N N   . LEU A 1 135 ? 4.870   -6.217  10.307  1.00 29.89 ? 135 LEU A N   1 
ATOM   1069 C CA  . LEU A 1 135 ? 3.951   -5.575  11.258  1.00 29.41 ? 135 LEU A CA  1 
ATOM   1070 C C   . LEU A 1 135 ? 2.585   -5.307  10.635  1.00 29.28 ? 135 LEU A C   1 
ATOM   1071 O O   . LEU A 1 135 ? 2.471   -5.162  9.405   1.00 29.15 ? 135 LEU A O   1 
ATOM   1072 C CB  . LEU A 1 135 ? 4.537   -4.245  11.768  1.00 29.51 ? 135 LEU A CB  1 
ATOM   1073 C CG  . LEU A 1 135 ? 5.936   -4.254  12.403  1.00 29.99 ? 135 LEU A CG  1 
ATOM   1074 C CD1 . LEU A 1 135 ? 6.475   -2.832  12.556  1.00 30.65 ? 135 LEU A CD1 1 
ATOM   1075 C CD2 . LEU A 1 135 ? 5.921   -4.988  13.766  1.00 29.02 ? 135 LEU A CD2 1 
ATOM   1076 N N   . SER A 1 136 ? 1.557   -5.232  11.475  1.00 27.85 ? 136 SER A N   1 
ATOM   1077 C CA  . SER A 1 136 ? 0.219   -4.930  10.983  1.00 27.70 ? 136 SER A CA  1 
ATOM   1078 C C   . SER A 1 136 ? -0.434  -3.810  11.790  1.00 27.18 ? 136 SER A C   1 
ATOM   1079 O O   . SER A 1 136 ? -0.210  -3.672  13.002  1.00 27.20 ? 136 SER A O   1 
ATOM   1080 C CB  . SER A 1 136 ? -0.670  -6.188  10.894  1.00 27.58 ? 136 SER A CB  1 
ATOM   1081 O OG  . SER A 1 136 ? -1.064  -6.666  12.162  1.00 29.29 ? 136 SER A OG  1 
ATOM   1082 N N   . ARG A 1 137 ? -1.220  -2.993  11.100  1.00 26.65 ? 137 ARG A N   1 
ATOM   1083 C CA  . ARG A 1 137 ? -1.826  -1.803  11.700  1.00 27.03 ? 137 ARG A CA  1 
ATOM   1084 C C   . ARG A 1 137 ? -3.276  -1.694  11.233  1.00 27.10 ? 137 ARG A C   1 
ATOM   1085 O O   . ARG A 1 137 ? -3.578  -1.966  10.076  1.00 25.67 ? 137 ARG A O   1 
ATOM   1086 C CB  . ARG A 1 137 ? -1.055  -0.536  11.288  1.00 26.45 ? 137 ARG A CB  1 
ATOM   1087 C CG  . ARG A 1 137 ? 0.446   -0.509  11.596  1.00 27.70 ? 137 ARG A CG  1 
ATOM   1088 C CD  . ARG A 1 137 ? 0.669   -0.144  13.048  1.00 29.66 ? 137 ARG A CD  1 
ATOM   1089 N NE  . ARG A 1 137 ? 2.068   0.004   13.437  1.00 29.90 ? 137 ARG A NE  1 
ATOM   1090 C CZ  . ARG A 1 137 ? 2.782   -0.913  14.090  1.00 32.04 ? 137 ARG A CZ  1 
ATOM   1091 N NH1 . ARG A 1 137 ? 2.256   -2.097  14.425  1.00 29.98 ? 137 ARG A NH1 1 
ATOM   1092 N NH2 . ARG A 1 137 ? 4.034   -0.636  14.421  1.00 31.70 ? 137 ARG A NH2 1 
ATOM   1093 N N   . THR A 1 138 ? -4.156  -1.322  12.159  1.00 27.41 ? 138 THR A N   1 
ATOM   1094 C CA  . THR A 1 138 ? -5.558  -1.037  11.875  1.00 28.70 ? 138 THR A CA  1 
ATOM   1095 C C   . THR A 1 138 ? -5.751  0.460   12.016  1.00 29.48 ? 138 THR A C   1 
ATOM   1096 O O   . THR A 1 138 ? -5.457  1.033   13.067  1.00 29.31 ? 138 THR A O   1 
ATOM   1097 C CB  . THR A 1 138 ? -6.507  -1.736  12.867  1.00 28.19 ? 138 THR A CB  1 
ATOM   1098 O OG1 . THR A 1 138 ? -6.388  -3.151  12.722  1.00 30.08 ? 138 THR A OG1 1 
ATOM   1099 C CG2 . THR A 1 138 ? -7.951  -1.330  12.623  1.00 28.08 ? 138 THR A CG2 1 
ATOM   1100 N N   . ILE A 1 139 ? -6.239  1.084   10.948  1.00 29.96 ? 139 ILE A N   1 
ATOM   1101 C CA  . ILE A 1 139 ? -6.410  2.530   10.913  1.00 30.78 ? 139 ILE A CA  1 
ATOM   1102 C C   . ILE A 1 139 ? -7.805  2.824   10.424  1.00 31.23 ? 139 ILE A C   1 
ATOM   1103 O O   . ILE A 1 139 ? -8.159  2.470   9.308   1.00 30.22 ? 139 ILE A O   1 
ATOM   1104 C CB  . ILE A 1 139 ? -5.362  3.208   9.993   1.00 31.32 ? 139 ILE A CB  1 
ATOM   1105 C CG1 . ILE A 1 139 ? -3.938  2.851   10.439  1.00 32.25 ? 139 ILE A CG1 1 
ATOM   1106 C CG2 . ILE A 1 139 ? -5.541  4.728   10.021  1.00 31.47 ? 139 ILE A CG2 1 
ATOM   1107 C CD1 . ILE A 1 139 ? -2.989  2.616   9.306   1.00 33.16 ? 139 ILE A CD1 1 
ATOM   1108 N N   . VAL A 1 140 ? -8.599  3.475   11.267  1.00 32.76 ? 140 VAL A N   1 
ATOM   1109 C CA  . VAL A 1 140 ? -9.999  3.779   10.936  1.00 34.22 ? 140 VAL A CA  1 
ATOM   1110 C C   . VAL A 1 140 ? -10.364 5.215   11.292  1.00 35.56 ? 140 VAL A C   1 
ATOM   1111 O O   . VAL A 1 140 ? -9.761  5.804   12.196  1.00 35.12 ? 140 VAL A O   1 
ATOM   1112 C CB  . VAL A 1 140 ? -10.987 2.798   11.622  1.00 34.33 ? 140 VAL A CB  1 
ATOM   1113 C CG1 . VAL A 1 140 ? -10.813 1.403   11.076  1.00 33.75 ? 140 VAL A CG1 1 
ATOM   1114 C CG2 . VAL A 1 140 ? -10.817 2.809   13.131  1.00 34.28 ? 140 VAL A CG2 1 
ATOM   1115 N N   . PRO A 1 141 ? -11.349 5.789   10.583  1.00 37.15 ? 141 PRO A N   1 
ATOM   1116 C CA  . PRO A 1 141 ? -11.716 7.160   10.928  1.00 38.61 ? 141 PRO A CA  1 
ATOM   1117 C C   . PRO A 1 141 ? -12.425 7.205   12.273  1.00 40.19 ? 141 PRO A C   1 
ATOM   1118 O O   . PRO A 1 141 ? -13.087 6.240   12.650  1.00 40.44 ? 141 PRO A O   1 
ATOM   1119 C CB  . PRO A 1 141 ? -12.656 7.582   9.792   1.00 38.52 ? 141 PRO A CB  1 
ATOM   1120 C CG  . PRO A 1 141 ? -13.181 6.323   9.219   1.00 38.32 ? 141 PRO A CG  1 
ATOM   1121 C CD  . PRO A 1 141 ? -12.153 5.247   9.467   1.00 37.06 ? 141 PRO A CD  1 
ATOM   1122 N N   . GLU A 1 142 ? -12.242 8.290   13.019  1.00 42.34 ? 142 GLU A N   1 
ATOM   1123 C CA  . GLU A 1 142 ? -13.106 8.556   14.168  1.00 44.68 ? 142 GLU A CA  1 
ATOM   1124 C C   . GLU A 1 142 ? -14.515 8.820   13.621  1.00 45.77 ? 142 GLU A C   1 
ATOM   1125 O O   . GLU A 1 142 ? -14.691 9.526   12.606  1.00 45.74 ? 142 GLU A O   1 
ATOM   1126 C CB  . GLU A 1 142 ? -12.604 9.744   14.982  1.00 44.66 ? 142 GLU A CB  1 
ATOM   1127 C CG  . GLU A 1 142 ? -11.413 9.418   15.853  1.00 46.79 ? 142 GLU A CG  1 
ATOM   1128 C CD  . GLU A 1 142 ? -10.426 10.570  15.926  1.00 49.69 ? 142 GLU A CD  1 
ATOM   1129 O OE1 . GLU A 1 142 ? -10.834 11.674  16.367  1.00 50.09 ? 142 GLU A OE1 1 
ATOM   1130 O OE2 . GLU A 1 142 ? -9.246  10.366  15.531  1.00 50.80 ? 142 GLU A OE2 1 
ATOM   1131 N N   . GLU A 1 143 ? -15.506 8.231   14.282  1.00 47.21 ? 143 GLU A N   1 
ATOM   1132 C CA  . GLU A 1 143 ? -16.886 8.253   13.789  1.00 48.60 ? 143 GLU A CA  1 
ATOM   1133 C C   . GLU A 1 143 ? -17.621 9.566   14.124  1.00 49.21 ? 143 GLU A C   1 
ATOM   1134 O O   . GLU A 1 143 ? -18.724 9.823   13.616  1.00 49.75 ? 143 GLU A O   1 
ATOM   1135 C CB  . GLU A 1 143 ? -17.658 7.022   14.296  1.00 48.60 ? 143 GLU A CB  1 
ATOM   1136 C CG  . GLU A 1 143 ? -17.034 5.668   13.926  1.00 49.82 ? 143 GLU A CG  1 
ATOM   1137 C CD  . GLU A 1 143 ? -16.063 5.134   14.985  1.00 53.44 ? 143 GLU A CD  1 
ATOM   1138 O OE1 . GLU A 1 143 ? -15.214 5.920   15.479  1.00 53.92 ? 143 GLU A OE1 1 
ATOM   1139 O OE2 . GLU A 1 143 ? -16.148 3.924   15.326  1.00 52.61 ? 143 GLU A OE2 1 
ATOM   1140 O OXT . GLU A 1 143 ? -17.136 10.419  14.890  1.00 49.56 ? 143 GLU A OXT 1 
HETATM 1141 O O   . HOH B 2 .   ? -7.738  13.588  0.721   1.00 23.60 ? 144 HOH A O   1 
HETATM 1142 O O   . HOH B 2 .   ? -17.940 -4.096  2.685   1.00 22.33 ? 145 HOH A O   1 
HETATM 1143 O O   . HOH B 2 .   ? -9.450  18.965  3.593   1.00 24.29 ? 146 HOH A O   1 
HETATM 1144 O O   . HOH B 2 .   ? 8.115   -8.468  12.608  1.00 32.49 ? 147 HOH A O   1 
HETATM 1145 O O   . HOH B 2 .   ? -15.146 -1.667  7.451   1.00 27.97 ? 148 HOH A O   1 
HETATM 1146 O O   . HOH B 2 .   ? 1.639   4.661   16.142  1.00 29.63 ? 149 HOH A O   1 
HETATM 1147 O O   . HOH B 2 .   ? 9.023   8.308   -5.826  1.00 31.44 ? 150 HOH A O   1 
HETATM 1148 O O   . HOH B 2 .   ? -18.763 3.261   5.640   1.00 33.92 ? 151 HOH A O   1 
HETATM 1149 O O   . HOH B 2 .   ? 0.595   10.952  -6.306  1.00 39.27 ? 152 HOH A O   1 
HETATM 1150 O O   . HOH B 2 .   ? -18.067 -2.534  7.383   1.00 28.57 ? 153 HOH A O   1 
HETATM 1151 O O   . HOH B 2 .   ? -2.654  1.798   14.470  1.00 41.62 ? 154 HOH A O   1 
HETATM 1152 O O   . HOH B 2 .   ? -0.441  6.439   -10.752 1.00 33.71 ? 155 HOH A O   1 
HETATM 1153 O O   . HOH B 2 .   ? -12.426 12.728  2.993   1.00 38.36 ? 156 HOH A O   1 
HETATM 1154 O O   . HOH B 2 .   ? -11.992 11.847  -1.270  1.00 28.79 ? 157 HOH A O   1 
HETATM 1155 O O   . HOH B 2 .   ? 7.845   -3.327  8.995   1.00 31.16 ? 158 HOH A O   1 
HETATM 1156 O O   . HOH B 2 .   ? -1.137  14.464  1.991   1.00 40.11 ? 159 HOH A O   1 
HETATM 1157 O O   . HOH B 2 .   ? -3.135  -0.855  14.944  1.00 41.65 ? 160 HOH A O   1 
HETATM 1158 O O   . HOH B 2 .   ? -11.577 -2.180  10.698  1.00 31.12 ? 161 HOH A O   1 
HETATM 1159 O O   . HOH B 2 .   ? -0.524  6.921   -18.003 1.00 39.75 ? 162 HOH A O   1 
HETATM 1160 O O   . HOH B 2 .   ? -18.837 -4.044  5.325   1.00 29.30 ? 163 HOH A O   1 
HETATM 1161 O O   . HOH B 2 .   ? 1.995   -6.082  14.094  1.00 34.50 ? 164 HOH A O   1 
HETATM 1162 O O   . HOH B 2 .   ? 13.688  -4.901  14.310  1.00 34.53 ? 165 HOH A O   1 
HETATM 1163 O O   . HOH B 2 .   ? -0.734  -9.404  -5.937  1.00 38.04 ? 166 HOH A O   1 
HETATM 1164 O O   . HOH B 2 .   ? -6.600  -4.798  -4.100  1.00 34.11 ? 167 HOH A O   1 
HETATM 1165 O O   . HOH B 2 .   ? -2.661  12.776  -0.058  1.00 31.31 ? 168 HOH A O   1 
HETATM 1166 O O   . HOH B 2 .   ? -7.636  10.515  -4.652  1.00 31.69 ? 169 HOH A O   1 
HETATM 1167 O O   . HOH B 2 .   ? 2.754   7.256   -10.073 1.00 45.87 ? 170 HOH A O   1 
HETATM 1168 O O   . HOH B 2 .   ? -10.862 -10.383 1.772   1.00 39.63 ? 171 HOH A O   1 
HETATM 1169 O O   . HOH B 2 .   ? -5.302  13.150  1.607   1.00 31.02 ? 172 HOH A O   1 
HETATM 1170 O O   . HOH B 2 .   ? 15.828  2.187   2.327   1.00 31.53 ? 173 HOH A O   1 
HETATM 1171 O O   . HOH B 2 .   ? 3.028   2.762   12.942  1.00 34.25 ? 174 HOH A O   1 
HETATM 1172 O O   . HOH B 2 .   ? -13.774 8.508   -3.274  1.00 36.23 ? 175 HOH A O   1 
HETATM 1173 O O   . HOH B 2 .   ? -2.360  5.798   -6.797  1.00 37.29 ? 176 HOH A O   1 
HETATM 1174 O O   . HOH B 2 .   ? 7.925   -1.237  -16.349 1.00 50.51 ? 177 HOH A O   1 
HETATM 1175 O O   . HOH B 2 .   ? 14.916  -2.938  12.117  1.00 49.91 ? 178 HOH A O   1 
HETATM 1176 O O   . HOH B 2 .   ? 13.187  -11.395 -10.661 1.00 45.76 ? 179 HOH A O   1 
HETATM 1177 O O   . HOH B 2 .   ? -6.248  -8.216  9.323   1.00 37.88 ? 180 HOH A O   1 
HETATM 1178 O O   . HOH B 2 .   ? 0.740   -0.571  17.162  1.00 31.78 ? 181 HOH A O   1 
HETATM 1179 O O   . HOH B 2 .   ? -16.397 1.545   -7.287  1.00 39.24 ? 182 HOH A O   1 
HETATM 1180 O O   . HOH B 2 .   ? -15.246 -9.936  8.310   1.00 46.92 ? 183 HOH A O   1 
HETATM 1181 O O   . HOH B 2 .   ? 14.059  -4.363  16.825  1.00 36.29 ? 184 HOH A O   1 
HETATM 1182 O O   . HOH B 2 .   ? -1.504  4.178   -4.912  1.00 27.77 ? 185 HOH A O   1 
HETATM 1183 O O   . HOH B 2 .   ? -6.795  -2.619  -1.570  1.00 36.59 ? 186 HOH A O   1 
HETATM 1184 O O   . HOH B 2 .   ? -11.613 6.867   -7.200  1.00 37.45 ? 187 HOH A O   1 
HETATM 1185 O O   . HOH B 2 .   ? -12.285 -2.703  -2.902  1.00 43.23 ? 188 HOH A O   1 
HETATM 1186 O O   . HOH B 2 .   ? 17.148  -10.175 13.413  1.00 46.96 ? 189 HOH A O   1 
HETATM 1187 O O   . HOH B 2 .   ? 5.825   3.241   -8.753  1.00 34.71 ? 190 HOH A O   1 
HETATM 1188 O O   . HOH B 2 .   ? -2.262  8.620   -13.033 1.00 46.44 ? 191 HOH A O   1 
HETATM 1189 O O   . HOH B 2 .   ? -14.165 -8.996  -15.591 1.00 60.77 ? 192 HOH A O   1 
HETATM 1190 O O   . HOH B 2 .   ? -12.608 -8.327  8.501   1.00 42.86 ? 193 HOH A O   1 
HETATM 1191 O O   . HOH B 2 .   ? -18.042 2.041   12.297  1.00 46.59 ? 194 HOH A O   1 
HETATM 1192 O O   . HOH B 2 .   ? -9.144  -3.052  -0.753  1.00 41.63 ? 195 HOH A O   1 
HETATM 1193 O O   . HOH B 2 .   ? 9.569   -9.986  11.098  1.00 35.04 ? 196 HOH A O   1 
HETATM 1194 O O   . HOH B 2 .   ? -1.160  -2.736  15.646  1.00 43.07 ? 197 HOH A O   1 
HETATM 1195 O O   . HOH B 2 .   ? 2.060   14.031  3.563   1.00 38.13 ? 198 HOH A O   1 
HETATM 1196 O O   . HOH B 2 .   ? 15.047  1.201   -5.042  1.00 45.96 ? 199 HOH A O   1 
HETATM 1197 O O   . HOH B 2 .   ? -4.999  4.831   -6.473  1.00 33.51 ? 200 HOH A O   1 
HETATM 1198 O O   . HOH B 2 .   ? 10.077  -6.256  -12.547 1.00 52.88 ? 201 HOH A O   1 
HETATM 1199 O O   . HOH B 2 .   ? 2.391   1.131   -10.816 1.00 42.17 ? 202 HOH A O   1 
HETATM 1200 O O   . HOH B 2 .   ? 18.618  -5.488  7.728   1.00 44.56 ? 203 HOH A O   1 
HETATM 1201 O O   . HOH B 2 .   ? 8.274   16.280  5.221   1.00 44.67 ? 204 HOH A O   1 
HETATM 1202 O O   . HOH B 2 .   ? -1.880  16.543  3.481   1.00 42.10 ? 205 HOH A O   1 
HETATM 1203 O O   . HOH B 2 .   ? 1.000   0.771   -22.780 1.00 60.91 ? 206 HOH A O   1 
HETATM 1204 O O   . HOH B 2 .   ? 7.678   7.306   -7.753  1.00 32.49 ? 207 HOH A O   1 
HETATM 1205 O O   . HOH B 2 .   ? 11.235  -4.207  -18.009 1.00 45.48 ? 208 HOH A O   1 
HETATM 1206 O O   . HOH B 2 .   ? -3.899  13.498  -2.845  1.00 35.34 ? 209 HOH A O   1 
HETATM 1207 O O   . HOH B 2 .   ? -15.315 12.640  4.014   1.00 42.48 ? 210 HOH A O   1 
HETATM 1208 O O   . HOH B 2 .   ? -5.777  -4.792  -6.547  1.00 38.63 ? 211 HOH A O   1 
HETATM 1209 O O   . HOH B 2 .   ? -0.734  12.707  7.607   1.00 38.51 ? 212 HOH A O   1 
HETATM 1210 O O   . HOH B 2 .   ? -13.577 0.037   -10.185 1.00 44.12 ? 213 HOH A O   1 
HETATM 1211 O O   . HOH B 2 .   ? -7.427  4.383   13.641  1.00 36.26 ? 214 HOH A O   1 
HETATM 1212 O O   . HOH B 2 .   ? -6.348  -7.771  -7.510  1.00 44.00 ? 215 HOH A O   1 
HETATM 1213 O O   . HOH B 2 .   ? -2.279  8.598   -9.875  1.00 56.87 ? 216 HOH A O   1 
HETATM 1214 O O   . HOH B 2 .   ? -21.149 0.549   -1.478  1.00 36.90 ? 217 HOH A O   1 
HETATM 1215 O O   . HOH B 2 .   ? 1.750   -6.657  -17.948 1.00 44.70 ? 218 HOH A O   1 
HETATM 1216 O O   . HOH B 2 .   ? 14.274  -11.493 14.332  1.00 38.89 ? 219 HOH A O   1 
HETATM 1217 O O   . HOH B 2 .   ? 11.018  -16.256 -11.822 1.00 55.41 ? 220 HOH A O   1 
HETATM 1218 O O   . HOH B 2 .   ? 20.731  -4.753  -7.262  1.00 51.65 ? 221 HOH A O   1 
HETATM 1219 O O   . HOH B 2 .   ? -3.470  -6.366  -17.836 1.00 43.07 ? 222 HOH A O   1 
HETATM 1220 O O   . HOH B 2 .   ? -5.340  -12.600 -20.549 1.00 45.06 ? 223 HOH A O   1 
HETATM 1221 O O   . HOH B 2 .   ? -5.822  -7.979  -3.711  1.00 36.97 ? 224 HOH A O   1 
HETATM 1222 O O   . HOH B 2 .   ? 5.184   -7.067  -23.181 1.00 53.96 ? 225 HOH A O   1 
HETATM 1223 O O   . HOH B 2 .   ? 0.769   -6.146  -22.144 1.00 44.73 ? 226 HOH A O   1 
HETATM 1224 O O   . HOH B 2 .   ? -10.002 -5.807  -17.960 1.00 52.22 ? 227 HOH A O   1 
HETATM 1225 O O   . HOH B 2 .   ? -12.643 13.939  12.538  1.00 59.03 ? 228 HOH A O   1 
HETATM 1226 O O   . HOH B 2 .   ? -16.882 11.704  2.319   1.00 47.16 ? 229 HOH A O   1 
HETATM 1227 O O   . HOH B 2 .   ? 12.020  4.944   15.775  1.00 48.26 ? 230 HOH A O   1 
HETATM 1228 O O   . HOH B 2 .   ? 6.015   0.596   -9.950  1.00 42.93 ? 231 HOH A O   1 
HETATM 1229 O O   . HOH B 2 .   ? 18.037  -13.909 6.064   1.00 53.81 ? 232 HOH A O   1 
HETATM 1230 O O   . HOH B 2 .   ? -6.923  18.537  6.544   1.00 45.99 ? 233 HOH A O   1 
HETATM 1231 O O   . HOH B 2 .   ? 3.441   -4.103  -25.159 1.00 45.12 ? 234 HOH A O   1 
HETATM 1232 O O   . HOH B 2 .   ? -2.633  -11.087 -7.562  1.00 35.56 ? 235 HOH A O   1 
HETATM 1233 O O   . HOH B 2 .   ? 8.160   -7.971  -12.939 1.00 49.93 ? 236 HOH A O   1 
HETATM 1234 O O   . HOH B 2 .   ? 10.857  0.895   17.648  1.00 46.13 ? 237 HOH A O   1 
HETATM 1235 O O   . HOH B 2 .   ? 18.230  -8.784  -3.793  1.00 45.73 ? 238 HOH A O   1 
HETATM 1236 O O   . HOH B 2 .   ? 3.545   -3.914  16.320  1.00 49.87 ? 239 HOH A O   1 
HETATM 1237 O O   . HOH B 2 .   ? -1.875  1.752   -5.517  1.00 39.27 ? 240 HOH A O   1 
HETATM 1238 O O   . HOH B 2 .   ? -19.750 -0.554  8.258   1.00 42.01 ? 241 HOH A O   1 
HETATM 1239 O O   . HOH B 2 .   ? 9.759   3.290   -7.911  1.00 54.54 ? 242 HOH A O   1 
HETATM 1240 O O   . HOH B 2 .   ? 0.219   1.875   15.949  1.00 42.72 ? 243 HOH A O   1 
HETATM 1241 O O   . HOH B 2 .   ? -7.200  9.368   -7.253  1.00 60.30 ? 244 HOH A O   1 
HETATM 1242 O O   . HOH B 2 .   ? -3.231  -6.204  -5.719  1.00 42.95 ? 245 HOH A O   1 
HETATM 1243 O O   . HOH B 2 .   ? 3.414   -4.912  -22.231 1.00 61.43 ? 246 HOH A O   1 
HETATM 1244 O O   . HOH B 2 .   ? 16.593  -5.112  17.338  1.00 53.69 ? 247 HOH A O   1 
HETATM 1245 O O   . HOH B 2 .   ? 9.342   13.658  6.384   1.00 47.99 ? 248 HOH A O   1 
HETATM 1246 O O   . HOH B 2 .   ? 13.176  -15.213 -8.482  1.00 59.09 ? 249 HOH A O   1 
HETATM 1247 O O   . HOH B 2 .   ? 0.196   13.515  10.710  1.00 55.43 ? 250 HOH A O   1 
HETATM 1248 O O   . HOH B 2 .   ? -6.692  11.959  12.878  1.00 49.95 ? 251 HOH A O   1 
HETATM 1249 O O   . HOH B 2 .   ? 19.749  10.215  4.954   1.00 48.02 ? 252 HOH A O   1 
HETATM 1250 O O   . HOH B 2 .   ? 6.726   6.415   -16.641 1.00 45.48 ? 253 HOH A O   1 
HETATM 1251 O O   . HOH B 2 .   ? 18.463  -5.443  -1.875  1.00 59.31 ? 254 HOH A O   1 
HETATM 1252 O O   . HOH B 2 .   ? 9.626   6.304   14.079  1.00 54.39 ? 255 HOH A O   1 
HETATM 1253 O O   . HOH B 2 .   ? -21.626 1.987   0.516   1.00 49.15 ? 256 HOH A O   1 
HETATM 1254 O O   . HOH B 2 .   ? -1.918  7.705   12.657  1.00 50.92 ? 257 HOH A O   1 
HETATM 1255 O O   . HOH B 2 .   ? 6.676   7.156   -10.698 1.00 53.60 ? 258 HOH A O   1 
HETATM 1256 O O   . HOH B 2 .   ? 18.396  -2.764  7.757   1.00 61.40 ? 259 HOH A O   1 
HETATM 1257 O O   . HOH B 2 .   ? -11.819 16.022  8.162   1.00 59.88 ? 260 HOH A O   1 
HETATM 1258 O O   . HOH B 2 .   ? 15.915  -0.581  4.538   1.00 39.41 ? 261 HOH A O   1 
HETATM 1259 O O   . HOH B 2 .   ? -14.120 -9.536  -10.108 1.00 45.63 ? 262 HOH A O   1 
HETATM 1260 O O   . HOH B 2 .   ? -8.541  -6.410  -7.419  1.00 53.62 ? 263 HOH A O   1 
HETATM 1261 O O   . HOH B 2 .   ? -1.946  4.775   -20.212 1.00 50.14 ? 264 HOH A O   1 
HETATM 1262 O O   . HOH B 2 .   ? -6.685  -9.507  -18.592 1.00 38.41 ? 265 HOH A O   1 
HETATM 1263 O O   . HOH B 2 .   ? 7.149   9.256   15.762  1.00 56.15 ? 266 HOH A O   1 
HETATM 1264 O O   . HOH B 2 .   ? 13.319  7.480   6.917   1.00 50.72 ? 267 HOH A O   1 
HETATM 1265 O O   . HOH B 2 .   ? 15.828  5.907   -2.400  1.00 42.04 ? 268 HOH A O   1 
HETATM 1266 O O   . HOH B 2 .   ? 15.302  -10.463 -11.210 1.00 55.76 ? 269 HOH A O   1 
HETATM 1267 O O   . HOH B 2 .   ? -13.271 12.702  0.464   1.00 45.86 ? 270 HOH A O   1 
HETATM 1268 O O   . HOH B 2 .   ? -2.749  -4.652  13.921  1.00 44.48 ? 271 HOH A O   1 
HETATM 1269 O O   . HOH B 2 .   ? 13.854  -4.472  9.646   1.00 43.40 ? 272 HOH A O   1 
HETATM 1270 O O   . HOH B 2 .   ? 15.799  -10.769 -7.069  1.00 48.49 ? 273 HOH A O   1 
HETATM 1271 O O   . HOH B 2 .   ? -12.391 -6.668  -17.476 1.00 54.12 ? 274 HOH A O   1 
HETATM 1272 O O   . HOH B 2 .   ? -16.305 13.865  6.003   1.00 54.51 ? 275 HOH A O   1 
HETATM 1273 O O   . HOH B 2 .   ? -3.428  5.723   13.907  1.00 42.72 ? 276 HOH A O   1 
HETATM 1274 O O   . HOH B 2 .   ? -18.066 -3.957  9.697   1.00 47.67 ? 277 HOH A O   1 
HETATM 1275 O O   . HOH B 2 .   ? -9.631  -7.897  9.966   1.00 65.18 ? 278 HOH A O   1 
HETATM 1276 O O   . HOH B 2 .   ? 7.974   1.099   -8.312  1.00 45.59 ? 279 HOH A O   1 
HETATM 1277 O O   . HOH B 2 .   ? 16.730  -1.692  10.130  1.00 43.88 ? 280 HOH A O   1 
HETATM 1278 O O   . HOH B 2 .   ? -8.817  -5.877  -4.831  1.00 45.62 ? 281 HOH A O   1 
HETATM 1279 O O   . HOH B 2 .   ? -15.526 9.612   -0.911  1.00 49.87 ? 282 HOH A O   1 
HETATM 1280 O O   . HOH B 2 .   ? -10.931 -13.127 -12.433 1.00 44.96 ? 283 HOH A O   1 
HETATM 1281 O O   . HOH B 2 .   ? -9.089  14.855  8.199   1.00 49.31 ? 284 HOH A O   1 
HETATM 1282 O O   . HOH B 2 .   ? 19.380  -6.721  1.782   1.00 43.24 ? 285 HOH A O   1 
HETATM 1283 O O   . HOH B 2 .   ? 5.264   -15.915 -12.128 1.00 54.90 ? 286 HOH A O   1 
HETATM 1284 O O   . HOH B 2 .   ? -14.141 -2.794  9.630   1.00 45.59 ? 287 HOH A O   1 
HETATM 1285 O O   . HOH B 2 .   ? -10.723 1.118   -16.086 1.00 53.07 ? 288 HOH A O   1 
HETATM 1286 O O   . HOH B 2 .   ? 17.523  2.231   -2.710  1.00 53.64 ? 289 HOH A O   1 
HETATM 1287 O O   . HOH B 2 .   ? -15.580 -6.768  -11.878 1.00 46.17 ? 290 HOH A O   1 
HETATM 1288 O O   . HOH B 2 .   ? 12.701  1.886   -7.565  1.00 61.55 ? 291 HOH A O   1 
HETATM 1289 O O   . HOH B 2 .   ? -18.369 -0.745  11.590  1.00 53.26 ? 292 HOH A O   1 
HETATM 1290 O O   . HOH B 2 .   ? 1.095   -9.962  -18.152 1.00 47.11 ? 293 HOH A O   1 
HETATM 1291 O O   . HOH B 2 .   ? 3.975   5.811   -15.496 1.00 60.71 ? 294 HOH A O   1 
HETATM 1292 O O   . HOH B 2 .   ? 17.542  3.706   -0.356  1.00 49.70 ? 295 HOH A O   1 
HETATM 1293 O O   . HOH B 2 .   ? -15.062 -10.046 -21.580 1.00 48.14 ? 296 HOH A O   1 
HETATM 1294 O O   . HOH B 2 .   ? 8.108   -11.552 -17.184 1.00 58.32 ? 297 HOH A O   1 
HETATM 1295 O O   . HOH B 2 .   ? -16.638 7.878   0.900   1.00 34.45 ? 298 HOH A O   1 
HETATM 1296 O O   . HOH B 2 .   ? -15.169 15.098  11.402  1.00 54.64 ? 299 HOH A O   1 
HETATM 1297 O O   . HOH B 2 .   ? 18.652  3.023   5.871   1.00 46.53 ? 300 HOH A O   1 
HETATM 1298 O O   . HOH B 2 .   ? 9.801   -9.661  -18.227 1.00 65.85 ? 301 HOH A O   1 
HETATM 1299 O O   . HOH B 2 .   ? -10.289 -3.945  -22.763 1.00 51.27 ? 302 HOH A O   1 
HETATM 1300 O O   . HOH B 2 .   ? -6.461  -1.562  -18.514 1.00 48.71 ? 303 HOH A O   1 
HETATM 1301 O O   . HOH B 2 .   ? 6.190   -4.752  17.141  1.00 60.08 ? 304 HOH A O   1 
HETATM 1302 O O   . HOH B 2 .   ? -9.804  -5.387  -20.554 1.00 56.05 ? 305 HOH A O   1 
HETATM 1303 O O   . HOH B 2 .   ? 1.380   12.761  15.481  1.00 58.06 ? 306 HOH A O   1 
HETATM 1304 O O   . HOH B 2 .   ? 5.609   3.529   -13.237 1.00 48.35 ? 307 HOH A O   1 
HETATM 1305 O O   . HOH B 2 .   ? -9.487  -9.258  -19.023 1.00 47.53 ? 308 HOH A O   1 
HETATM 1306 O O   . HOH B 2 .   ? -14.436 -11.336 -18.527 1.00 47.62 ? 309 HOH A O   1 
HETATM 1307 O O   . HOH B 2 .   ? 4.365   9.210   12.715  1.00 54.04 ? 310 HOH A O   1 
HETATM 1308 O O   . HOH B 2 .   ? -21.444 7.865   -7.374  1.00 50.12 ? 311 HOH A O   1 
HETATM 1309 O O   . HOH B 2 .   ? 8.539   -10.859 2.986   1.00 41.18 ? 312 HOH A O   1 
HETATM 1310 O O   . HOH B 2 .   ? -4.462  2.317   -6.734  1.00 33.26 ? 313 HOH A O   1 
HETATM 1311 O O   . HOH B 2 .   ? 11.900  -13.807 -3.185  0.50 31.88 ? 314 HOH A O   1 
HETATM 1312 O O   . HOH B 2 .   ? -2.116  10.569  12.958  1.00 42.86 ? 315 HOH A O   1 
HETATM 1313 O O   . HOH B 2 .   ? 14.749  -12.997 2.975   1.00 44.03 ? 316 HOH A O   1 
HETATM 1314 O O   . HOH B 2 .   ? -13.012 0.818   8.676   1.00 48.15 ? 317 HOH A O   1 
HETATM 1315 O O   . HOH B 2 .   ? -19.925 1.763   7.709   1.00 46.54 ? 318 HOH A O   1 
HETATM 1316 O O   . HOH B 2 .   ? 7.009   -11.432 -10.004 1.00 39.88 ? 319 HOH A O   1 
# 
